data_4NCT
#
_entry.id   4NCT
#
_cell.length_a   87.764
_cell.length_b   87.895
_cell.length_c   229.921
_cell.angle_alpha   90.00
_cell.angle_beta   90.00
_cell.angle_gamma   90.00
#
_symmetry.space_group_name_H-M   'P 21 21 21'
#
loop_
_entity.id
_entity.type
_entity.pdbx_description
1 polymer 'Dual specificity tyrosine-phosphorylation-regulated kinase 1A'
2 polymer 'Dual specificity tyrosine-phosphorylation-regulated kinase 1A'
3 non-polymer PKC412
4 water water
#
loop_
_entity_poly.entity_id
_entity_poly.type
_entity_poly.pdbx_seq_one_letter_code
_entity_poly.pdbx_strand_id
1 'polypeptide(L)'
;GASDSSHKKERKVYNDGYDDDNYDYIVKNGEKWMDRYEIDSLIGKGSFGQVVKAYDRVEQEWVAIKIIKNKKAFLNQAQI
EVRLLELMNKHDTEMKYYIVHLKRHFMFRNHLCLVFEMLSYNLYDLLRNTNFRGVSLNLTRKFAQQMCTALLFLATPELS
IIHCDLKPENILLCNPKRSAIKIVDFGSSCQLGQRIYQ(PTR)IQSRFYRSPEVLLGMPYDLAIDMWSLGCILVEMHTGE
PLFSGANEVDQMNKIVEVLGIPPAHILDQAPKARKFFEKLPDGTWNLKKTKDGKREYKPPGTRKLHNILGVETGGPGGRR
AGESGHTVADYLKFKDLILRMLDYDPKTRIQPYYALQHSFFKKTADEGTNTS
;
A,B,D
2 'polypeptide(L)'
;GASDSSHKKERKVYNDGYDDDNYDYIVKNGEKWMDRYEIDSLIGKGSFGQVVKAYDRVEQEWVAIKIIKNKKAFLNQAQI
EVRLLELMNKHDTEMKYYIVHLKRHFMFRNHLCLVFEMLSYNLYDLLRNTNFRGVSLNLTRKFAQQMCTALLFLATPELS
IIHCDLKPENILLCNPKR(SEP)AIKIVDFGSSCQLGQRIYQ(PTR)IQSRFYRSPEVLLGMPYDLAIDMWSLGCILVEM
HTGEPLFSGANEVDQMNKIVEVLGIPPAHILDQAPKARKFFEKLPDGTWNLKKTKDGKREYKPPGTRKLHNILGVETGGP
GGRRAGESGHTVADYLKFKDLILRMLDYDPKTRIQPYYALQHSFFKKTADEGTNTS
;
C
#
loop_
_chem_comp.id
_chem_comp.type
_chem_comp.name
_chem_comp.formula
2K2 non-polymer PKC412 'C35 H30 N4 O4'
#
# COMPACT_ATOMS: atom_id res chain seq x y z
N LYS A 12 -38.44 3.25 -0.03
CA LYS A 12 -37.21 2.95 0.75
C LYS A 12 -36.85 1.47 0.63
N VAL A 13 -36.06 1.15 -0.39
CA VAL A 13 -35.55 -0.19 -0.64
C VAL A 13 -34.02 -0.08 -0.75
N TYR A 14 -33.30 -1.07 -0.22
CA TYR A 14 -31.84 -1.03 -0.16
C TYR A 14 -31.24 -2.26 -0.79
N ASN A 15 -30.41 -2.06 -1.81
CA ASN A 15 -29.78 -3.14 -2.56
C ASN A 15 -30.82 -4.17 -2.99
N ASP A 16 -31.85 -3.66 -3.67
CA ASP A 16 -32.94 -4.47 -4.24
C ASP A 16 -33.71 -5.30 -3.20
N GLY A 17 -33.76 -4.82 -1.96
CA GLY A 17 -34.52 -5.50 -0.91
C GLY A 17 -33.72 -6.49 -0.08
N TYR A 18 -32.49 -6.79 -0.49
CA TYR A 18 -31.62 -7.69 0.26
C TYR A 18 -30.98 -7.06 1.49
N ASP A 19 -30.92 -5.73 1.55
CA ASP A 19 -30.29 -5.05 2.68
C ASP A 19 -31.30 -4.26 3.51
N ASP A 20 -30.99 -4.07 4.79
CA ASP A 20 -31.69 -3.10 5.63
C ASP A 20 -31.05 -1.71 5.48
N ASP A 21 -31.43 -0.77 6.34
CA ASP A 21 -30.91 0.60 6.27
C ASP A 21 -29.50 0.79 6.88
N ASN A 22 -28.96 -0.25 7.49
CA ASN A 22 -27.54 -0.27 7.90
C ASN A 22 -26.62 -0.96 6.91
N TYR A 23 -27.13 -1.24 5.71
CA TYR A 23 -26.40 -1.99 4.70
C TYR A 23 -26.01 -3.40 5.19
N ASP A 24 -26.76 -3.92 6.16
CA ASP A 24 -26.62 -5.31 6.58
C ASP A 24 -27.52 -6.16 5.71
N TYR A 25 -27.07 -7.37 5.41
CA TYR A 25 -27.88 -8.33 4.68
C TYR A 25 -29.01 -8.81 5.57
N ILE A 26 -30.23 -8.80 5.04
CA ILE A 26 -31.35 -9.35 5.80
C ILE A 26 -31.18 -10.85 5.78
N VAL A 27 -30.79 -11.41 6.91
CA VAL A 27 -30.60 -12.85 7.05
C VAL A 27 -31.94 -13.56 7.04
N LYS A 28 -32.00 -14.68 6.32
CA LYS A 28 -33.18 -15.55 6.28
C LYS A 28 -32.77 -17.01 6.49
N ASN A 29 -33.36 -17.64 7.49
CA ASN A 29 -33.06 -19.04 7.80
C ASN A 29 -33.54 -19.99 6.70
N GLY A 30 -32.67 -20.90 6.27
CA GLY A 30 -32.97 -21.82 5.18
C GLY A 30 -32.55 -21.33 3.80
N GLU A 31 -32.06 -20.10 3.71
CA GLU A 31 -31.69 -19.53 2.41
C GLU A 31 -30.48 -20.29 1.85
N LYS A 32 -30.53 -20.60 0.57
CA LYS A 32 -29.44 -21.30 -0.09
C LYS A 32 -28.61 -20.33 -0.93
N TRP A 33 -27.30 -20.28 -0.69
CA TRP A 33 -26.41 -19.41 -1.47
C TRP A 33 -25.53 -20.20 -2.44
N MET A 34 -25.64 -19.85 -3.72
CA MET A 34 -24.77 -20.40 -4.78
C MET A 34 -24.80 -21.93 -4.89
N ASP A 35 -25.96 -22.52 -4.57
CA ASP A 35 -26.13 -23.98 -4.52
C ASP A 35 -24.97 -24.61 -3.73
N ARG A 36 -24.60 -23.96 -2.63
CA ARG A 36 -23.47 -24.43 -1.82
C ARG A 36 -23.70 -24.24 -0.31
N TYR A 37 -24.03 -23.02 0.14
CA TYR A 37 -24.18 -22.75 1.58
C TYR A 37 -25.63 -22.69 2.03
N GLU A 38 -25.95 -23.45 3.07
CA GLU A 38 -27.31 -23.48 3.61
C GLU A 38 -27.33 -22.70 4.92
N ILE A 39 -27.90 -21.50 4.86
CA ILE A 39 -27.87 -20.58 6.00
C ILE A 39 -28.79 -21.05 7.10
N ASP A 40 -28.23 -21.22 8.30
CA ASP A 40 -28.98 -21.73 9.43
C ASP A 40 -29.54 -20.60 10.26
N SER A 41 -28.69 -19.75 10.82
CA SER A 41 -29.15 -18.64 11.65
C SER A 41 -28.06 -17.63 11.98
N LEU A 42 -28.51 -16.49 12.48
CA LEU A 42 -27.62 -15.42 12.93
C LEU A 42 -27.01 -15.78 14.30
N ILE A 43 -25.68 -15.81 14.41
CA ILE A 43 -25.01 -16.15 15.68
C ILE A 43 -24.17 -15.03 16.28
N GLY A 44 -23.91 -13.99 15.51
CA GLY A 44 -23.17 -12.84 16.00
C GLY A 44 -23.48 -11.62 15.16
N LYS A 45 -23.12 -10.46 15.69
CA LYS A 45 -23.44 -9.20 15.07
C LYS A 45 -22.41 -8.14 15.54
N GLY A 46 -22.20 -7.10 14.74
CA GLY A 46 -21.25 -6.05 15.10
C GLY A 46 -21.36 -4.87 14.16
N SER A 47 -20.47 -3.90 14.32
CA SER A 47 -20.43 -2.74 13.42
C SER A 47 -20.07 -3.18 11.99
N PHE A 48 -19.12 -4.10 11.87
CA PHE A 48 -18.70 -4.68 10.59
C PHE A 48 -19.83 -5.39 9.83
N GLY A 49 -20.83 -5.88 10.55
CA GLY A 49 -21.92 -6.64 9.97
C GLY A 49 -22.31 -7.81 10.84
N GLN A 50 -22.44 -8.98 10.23
CA GLN A 50 -23.09 -10.12 10.88
C GLN A 50 -22.28 -11.40 10.72
N VAL A 51 -22.53 -12.35 11.61
CA VAL A 51 -21.97 -13.69 11.49
C VAL A 51 -23.11 -14.70 11.51
N VAL A 52 -23.02 -15.66 10.61
CA VAL A 52 -24.10 -16.58 10.34
C VAL A 52 -23.59 -17.99 10.48
N LYS A 53 -24.40 -18.89 11.05
CA LYS A 53 -24.10 -20.30 11.01
C LYS A 53 -24.62 -20.88 9.69
N ALA A 54 -23.81 -21.71 9.05
CA ALA A 54 -24.21 -22.32 7.78
C ALA A 54 -23.56 -23.67 7.54
N TYR A 55 -24.16 -24.45 6.63
CA TYR A 55 -23.59 -25.73 6.19
C TYR A 55 -23.10 -25.59 4.77
N ASP A 56 -21.87 -26.04 4.54
CA ASP A 56 -21.23 -26.05 3.24
C ASP A 56 -21.40 -27.42 2.60
N ARG A 57 -22.27 -27.52 1.60
CA ARG A 57 -22.56 -28.78 0.89
C ARG A 57 -21.35 -29.46 0.23
N VAL A 58 -20.42 -28.68 -0.30
CA VAL A 58 -19.26 -29.20 -1.02
C VAL A 58 -18.28 -29.90 -0.07
N GLU A 59 -17.89 -29.20 1.00
CA GLU A 59 -16.97 -29.77 2.00
C GLU A 59 -17.69 -30.64 3.02
N GLN A 60 -19.02 -30.55 3.05
CA GLN A 60 -19.86 -31.25 4.01
C GLN A 60 -19.43 -30.99 5.46
N GLU A 61 -19.58 -29.74 5.87
CA GLU A 61 -19.17 -29.31 7.20
C GLU A 61 -19.86 -28.01 7.59
N TRP A 62 -20.02 -27.80 8.89
CA TRP A 62 -20.55 -26.54 9.41
C TRP A 62 -19.46 -25.46 9.30
N VAL A 63 -19.87 -24.26 8.89
CA VAL A 63 -18.96 -23.12 8.81
C VAL A 63 -19.63 -21.90 9.40
N ALA A 64 -18.80 -20.91 9.78
CA ALA A 64 -19.28 -19.60 10.20
C ALA A 64 -18.98 -18.60 9.09
N ILE A 65 -20.01 -17.96 8.54
CA ILE A 65 -19.81 -16.96 7.50
C ILE A 65 -19.99 -15.59 8.10
N LYS A 66 -18.93 -14.78 8.05
CA LYS A 66 -18.96 -13.38 8.45
C LYS A 66 -19.37 -12.56 7.24
N ILE A 67 -20.59 -11.99 7.29
CA ILE A 67 -21.13 -11.22 6.17
C ILE A 67 -20.89 -9.74 6.40
N ILE A 68 -20.00 -9.15 5.62
CA ILE A 68 -19.58 -7.78 5.84
C ILE A 68 -20.62 -6.84 5.25
N LYS A 69 -20.88 -5.74 5.96
CA LYS A 69 -21.77 -4.71 5.48
C LYS A 69 -21.41 -4.23 4.08
N ASN A 70 -22.43 -3.82 3.33
CA ASN A 70 -22.30 -3.31 1.99
C ASN A 70 -22.00 -1.81 2.05
N LYS A 71 -20.74 -1.52 2.39
CA LYS A 71 -20.27 -0.18 2.70
C LYS A 71 -18.75 -0.19 2.61
N LYS A 72 -18.18 0.79 1.93
CA LYS A 72 -16.75 0.84 1.66
C LYS A 72 -15.90 0.76 2.92
N ALA A 73 -16.24 1.60 3.89
CA ALA A 73 -15.54 1.61 5.16
C ALA A 73 -15.33 0.19 5.66
N PHE A 74 -16.42 -0.57 5.77
CA PHE A 74 -16.36 -1.89 6.37
C PHE A 74 -15.77 -2.98 5.46
N LEU A 75 -15.98 -2.83 4.15
CA LEU A 75 -15.37 -3.73 3.16
C LEU A 75 -13.85 -3.60 3.12
N ASN A 76 -13.35 -2.37 3.08
CA ASN A 76 -11.88 -2.14 3.09
C ASN A 76 -11.22 -2.70 4.35
N GLN A 77 -11.86 -2.51 5.50
CA GLN A 77 -11.38 -3.10 6.76
C GLN A 77 -11.34 -4.63 6.65
N ALA A 78 -12.39 -5.21 6.10
CA ALA A 78 -12.44 -6.66 5.95
C ALA A 78 -11.39 -7.21 4.96
N GLN A 79 -11.06 -6.45 3.92
CA GLN A 79 -9.99 -6.84 3.01
C GLN A 79 -8.63 -6.90 3.72
N ILE A 80 -8.39 -5.99 4.67
CA ILE A 80 -7.19 -6.06 5.51
C ILE A 80 -7.18 -7.32 6.39
N GLU A 81 -8.32 -7.61 7.03
CA GLU A 81 -8.47 -8.84 7.80
C GLU A 81 -8.08 -10.06 6.96
N VAL A 82 -8.68 -10.15 5.76
CA VAL A 82 -8.42 -11.24 4.82
C VAL A 82 -6.94 -11.36 4.48
N ARG A 83 -6.25 -10.21 4.34
CA ARG A 83 -4.81 -10.23 4.10
C ARG A 83 -4.06 -10.89 5.25
N LEU A 84 -4.29 -10.41 6.47
CA LEU A 84 -3.61 -10.98 7.63
C LEU A 84 -3.86 -12.48 7.77
N LEU A 85 -5.11 -12.89 7.58
CA LEU A 85 -5.49 -14.29 7.75
C LEU A 85 -4.80 -15.17 6.73
N GLU A 86 -4.86 -14.78 5.46
CA GLU A 86 -4.18 -15.52 4.42
C GLU A 86 -2.68 -15.53 4.67
N LEU A 87 -2.13 -14.39 5.06
CA LEU A 87 -0.72 -14.30 5.44
C LEU A 87 -0.39 -15.31 6.55
N MET A 88 -1.25 -15.38 7.56
CA MET A 88 -1.04 -16.29 8.67
C MET A 88 -1.21 -17.76 8.27
N ASN A 89 -2.23 -18.04 7.46
CA ASN A 89 -2.57 -19.42 7.10
C ASN A 89 -1.59 -20.03 6.08
N LYS A 90 -0.83 -19.19 5.37
CA LYS A 90 0.23 -19.66 4.47
C LYS A 90 1.37 -20.31 5.24
N HIS A 91 1.83 -19.65 6.31
CA HIS A 91 2.99 -20.11 7.07
C HIS A 91 2.87 -21.58 7.50
N ASP A 92 3.94 -22.34 7.30
CA ASP A 92 3.93 -23.79 7.52
C ASP A 92 3.81 -24.18 8.99
N THR A 93 4.58 -23.49 9.83
CA THR A 93 4.69 -23.79 11.27
C THR A 93 3.36 -24.17 11.94
N GLU A 94 3.43 -25.10 12.89
CA GLU A 94 2.24 -25.64 13.57
C GLU A 94 1.58 -24.68 14.58
N MET A 95 2.23 -23.55 14.84
CA MET A 95 1.71 -22.53 15.75
C MET A 95 0.48 -21.82 15.16
N LYS A 96 0.24 -22.02 13.85
CA LYS A 96 -0.91 -21.45 13.15
C LYS A 96 -2.24 -22.08 13.54
N TYR A 97 -2.21 -23.27 14.16
CA TYR A 97 -3.42 -23.93 14.62
C TYR A 97 -3.88 -23.47 16.01
N TYR A 98 -3.54 -22.23 16.38
CA TYR A 98 -4.20 -21.49 17.45
C TYR A 98 -4.87 -20.21 16.92
N ILE A 99 -4.84 -20.02 15.60
CA ILE A 99 -5.60 -18.96 14.92
C ILE A 99 -6.76 -19.59 14.16
N VAL A 100 -7.94 -18.98 14.27
CA VAL A 100 -9.10 -19.45 13.52
C VAL A 100 -8.77 -19.49 12.03
N HIS A 101 -9.15 -20.58 11.38
CA HIS A 101 -8.83 -20.76 9.99
C HIS A 101 -9.84 -20.03 9.11
N LEU A 102 -9.34 -19.18 8.22
CA LEU A 102 -10.15 -18.63 7.12
C LEU A 102 -10.08 -19.57 5.92
N LYS A 103 -11.20 -20.21 5.61
CA LYS A 103 -11.23 -21.23 4.56
C LYS A 103 -11.23 -20.60 3.16
N ARG A 104 -12.06 -19.59 2.96
CA ARG A 104 -12.13 -18.91 1.66
C ARG A 104 -12.95 -17.63 1.79
N HIS A 105 -13.04 -16.86 0.71
CA HIS A 105 -13.91 -15.69 0.69
C HIS A 105 -14.52 -15.49 -0.67
N PHE A 106 -15.65 -14.77 -0.70
CA PHE A 106 -16.39 -14.54 -1.93
C PHE A 106 -17.31 -13.35 -1.79
N MET A 107 -17.79 -12.86 -2.94
CA MET A 107 -18.75 -11.78 -2.98
C MET A 107 -20.11 -12.39 -3.26
N PHE A 108 -21.12 -11.95 -2.50
CA PHE A 108 -22.47 -12.43 -2.68
C PHE A 108 -23.42 -11.25 -2.48
N ARG A 109 -24.25 -10.99 -3.50
CA ARG A 109 -25.18 -9.86 -3.50
C ARG A 109 -24.55 -8.64 -2.82
N ASN A 110 -23.38 -8.26 -3.32
CA ASN A 110 -22.66 -7.05 -2.90
C ASN A 110 -22.13 -7.02 -1.46
N HIS A 111 -22.11 -8.16 -0.78
CA HIS A 111 -21.49 -8.27 0.55
C HIS A 111 -20.25 -9.15 0.47
N LEU A 112 -19.13 -8.67 0.99
CA LEU A 112 -17.96 -9.53 1.17
C LEU A 112 -18.27 -10.59 2.24
N CYS A 113 -17.93 -11.84 1.96
CA CYS A 113 -18.22 -12.95 2.89
C CYS A 113 -16.97 -13.74 3.22
N LEU A 114 -16.69 -13.86 4.50
CA LEU A 114 -15.54 -14.63 4.99
C LEU A 114 -16.04 -15.94 5.58
N VAL A 115 -15.51 -17.06 5.10
CA VAL A 115 -15.91 -18.37 5.58
C VAL A 115 -14.84 -18.90 6.53
N PHE A 116 -15.23 -19.00 7.80
CA PHE A 116 -14.38 -19.53 8.84
C PHE A 116 -14.84 -20.94 9.22
N GLU A 117 -13.93 -21.72 9.79
CA GLU A 117 -14.31 -22.95 10.46
C GLU A 117 -15.25 -22.60 11.61
N MET A 118 -16.16 -23.52 11.92
CA MET A 118 -17.13 -23.32 13.01
C MET A 118 -16.50 -23.84 14.30
N LEU A 119 -16.35 -22.95 15.27
CA LEU A 119 -15.86 -23.30 16.59
C LEU A 119 -17.04 -23.35 17.57
N SER A 120 -16.76 -23.77 18.80
CA SER A 120 -17.77 -23.93 19.84
C SER A 120 -17.85 -22.64 20.69
N TYR A 121 -18.07 -22.78 22.00
CA TYR A 121 -18.29 -21.63 22.88
C TYR A 121 -17.05 -20.75 23.01
N ASN A 122 -17.23 -19.52 23.48
CA ASN A 122 -16.08 -18.67 23.81
C ASN A 122 -15.82 -18.61 25.31
N LEU A 123 -14.60 -18.23 25.68
CA LEU A 123 -14.21 -18.23 27.09
C LEU A 123 -15.07 -17.36 28.00
N TYR A 124 -15.75 -16.35 27.45
CA TYR A 124 -16.70 -15.57 28.24
C TYR A 124 -17.97 -16.38 28.55
N ASP A 125 -18.42 -17.20 27.61
CA ASP A 125 -19.55 -18.13 27.86
C ASP A 125 -19.21 -19.06 29.00
N LEU A 126 -17.97 -19.52 28.99
CA LEU A 126 -17.46 -20.41 30.02
C LEU A 126 -17.54 -19.77 31.40
N LEU A 127 -17.02 -18.56 31.50
CA LEU A 127 -17.09 -17.80 32.75
C LEU A 127 -18.53 -17.60 33.19
N ARG A 128 -19.42 -17.31 32.23
CA ARG A 128 -20.82 -17.08 32.55
C ARG A 128 -21.46 -18.32 33.16
N ASN A 129 -21.11 -19.50 32.64
CA ASN A 129 -21.61 -20.76 33.17
C ASN A 129 -21.19 -21.01 34.60
N THR A 130 -19.98 -20.62 34.96
CA THR A 130 -19.51 -20.74 36.36
C THR A 130 -20.13 -19.67 37.27
N ASN A 131 -21.01 -18.83 36.72
CA ASN A 131 -21.50 -17.63 37.40
C ASN A 131 -20.36 -16.73 37.83
N PHE A 132 -19.38 -16.61 36.94
CA PHE A 132 -18.20 -15.77 37.14
C PHE A 132 -17.48 -16.11 38.43
N ARG A 133 -17.32 -17.41 38.67
CA ARG A 133 -16.50 -17.93 39.77
C ARG A 133 -15.18 -18.52 39.24
N GLY A 134 -15.15 -18.84 37.95
CA GLY A 134 -13.89 -19.16 37.24
C GLY A 134 -13.67 -20.63 36.97
N VAL A 135 -12.59 -20.95 36.27
CA VAL A 135 -12.22 -22.33 35.99
C VAL A 135 -10.94 -22.70 36.73
N SER A 136 -10.60 -23.99 36.73
CA SER A 136 -9.47 -24.47 37.51
C SER A 136 -8.14 -23.89 37.00
N LEU A 137 -7.15 -23.90 37.87
CA LEU A 137 -5.78 -23.54 37.53
C LEU A 137 -5.21 -24.48 36.45
N ASN A 138 -5.65 -25.74 36.47
CA ASN A 138 -5.19 -26.75 35.51
C ASN A 138 -5.72 -26.49 34.11
N LEU A 139 -6.96 -26.00 34.02
CA LEU A 139 -7.52 -25.61 32.73
C LEU A 139 -6.94 -24.26 32.31
N THR A 140 -6.81 -23.35 33.27
CA THR A 140 -6.18 -22.06 33.00
C THR A 140 -4.76 -22.20 32.46
N ARG A 141 -4.00 -23.17 32.97
CA ARG A 141 -2.64 -23.42 32.47
C ARG A 141 -2.66 -23.81 30.98
N LYS A 142 -3.58 -24.72 30.64
CA LYS A 142 -3.72 -25.19 29.26
C LYS A 142 -4.01 -24.03 28.31
N PHE A 143 -4.95 -23.17 28.68
CA PHE A 143 -5.26 -21.97 27.92
C PHE A 143 -4.08 -21.01 27.85
N ALA A 144 -3.35 -20.90 28.95
CA ALA A 144 -2.21 -20.01 29.03
C ALA A 144 -1.11 -20.41 28.04
N GLN A 145 -0.91 -21.71 27.90
CA GLN A 145 0.18 -22.23 27.08
C GLN A 145 -0.15 -22.05 25.61
N GLN A 146 -1.37 -22.40 25.26
CA GLN A 146 -1.88 -22.23 23.92
C GLN A 146 -1.89 -20.76 23.48
N MET A 147 -2.26 -19.85 24.38
CA MET A 147 -2.28 -18.43 24.05
C MET A 147 -0.87 -17.89 23.87
N CYS A 148 0.04 -18.35 24.73
CA CYS A 148 1.45 -17.96 24.60
C CYS A 148 2.02 -18.49 23.29
N THR A 149 1.63 -19.70 22.92
CA THR A 149 2.11 -20.27 21.67
C THR A 149 1.55 -19.48 20.48
N ALA A 150 0.29 -19.05 20.57
CA ALA A 150 -0.30 -18.25 19.51
C ALA A 150 0.38 -16.90 19.40
N LEU A 151 0.81 -16.35 20.53
CA LEU A 151 1.52 -15.07 20.51
C LEU A 151 2.92 -15.22 19.95
N LEU A 152 3.58 -16.32 20.28
CA LEU A 152 4.89 -16.62 19.71
C LEU A 152 4.76 -16.57 18.19
N PHE A 153 3.68 -17.16 17.69
CA PHE A 153 3.35 -17.16 16.26
C PHE A 153 3.12 -15.78 15.66
N LEU A 154 2.30 -14.98 16.32
CA LEU A 154 2.04 -13.61 15.87
C LEU A 154 3.34 -12.79 15.89
N ALA A 155 4.30 -13.19 16.73
CA ALA A 155 5.59 -12.51 16.80
C ALA A 155 6.57 -12.97 15.74
N THR A 156 6.16 -13.86 14.85
CA THR A 156 7.04 -14.26 13.76
C THR A 156 7.44 -12.97 13.04
N PRO A 157 8.75 -12.76 12.83
CA PRO A 157 9.13 -11.42 12.33
C PRO A 157 8.42 -11.01 11.03
N GLU A 158 8.21 -11.96 10.12
CA GLU A 158 7.54 -11.69 8.86
C GLU A 158 6.03 -11.43 9.05
N LEU A 159 5.48 -11.82 10.20
CA LEU A 159 4.11 -11.46 10.55
C LEU A 159 4.06 -10.19 11.40
N SER A 160 4.64 -10.23 12.60
CA SER A 160 4.63 -9.08 13.52
C SER A 160 3.22 -8.49 13.70
N ILE A 161 2.25 -9.35 13.97
CA ILE A 161 0.86 -8.95 14.07
C ILE A 161 0.49 -8.64 15.51
N ILE A 162 -0.18 -7.51 15.72
CA ILE A 162 -0.72 -7.21 17.05
C ILE A 162 -2.21 -7.51 16.99
N HIS A 163 -2.69 -8.46 17.80
CA HIS A 163 -4.11 -8.79 17.74
C HIS A 163 -4.92 -7.56 18.11
N CYS A 164 -4.48 -6.84 19.13
CA CYS A 164 -4.96 -5.49 19.46
C CYS A 164 -6.26 -5.46 20.29
N ASP A 165 -6.93 -6.59 20.47
CA ASP A 165 -8.19 -6.60 21.21
C ASP A 165 -8.49 -7.95 21.85
N LEU A 166 -7.49 -8.56 22.47
CA LEU A 166 -7.67 -9.85 23.14
C LEU A 166 -8.61 -9.76 24.35
N LYS A 167 -9.54 -10.70 24.44
CA LYS A 167 -10.45 -10.80 25.58
C LYS A 167 -11.13 -12.15 25.57
N PRO A 168 -11.78 -12.53 26.67
CA PRO A 168 -12.42 -13.84 26.74
C PRO A 168 -13.40 -14.15 25.61
N GLU A 169 -14.16 -13.17 25.16
CA GLU A 169 -15.16 -13.45 24.11
C GLU A 169 -14.54 -13.66 22.71
N ASN A 170 -13.27 -13.26 22.56
CA ASN A 170 -12.51 -13.44 21.30
C ASN A 170 -11.67 -14.71 21.28
N ILE A 171 -11.81 -15.56 22.29
CA ILE A 171 -11.05 -16.80 22.38
C ILE A 171 -12.05 -17.94 22.44
N LEU A 172 -12.15 -18.70 21.35
CA LEU A 172 -13.18 -19.72 21.21
C LEU A 172 -12.61 -21.12 21.37
N LEU A 173 -13.38 -22.00 22.03
CA LEU A 173 -13.06 -23.43 22.09
C LEU A 173 -13.28 -24.09 20.74
N CYS A 174 -12.38 -25.00 20.37
CA CYS A 174 -12.57 -25.81 19.16
C CYS A 174 -13.81 -26.70 19.31
N ASN A 175 -13.76 -27.59 20.30
CA ASN A 175 -14.77 -28.58 20.55
C ASN A 175 -15.24 -28.38 21.99
N PRO A 176 -16.57 -28.44 22.23
CA PRO A 176 -17.10 -28.17 23.58
C PRO A 176 -16.62 -29.14 24.67
N LYS A 177 -15.92 -30.20 24.30
CA LYS A 177 -15.41 -31.19 25.25
C LYS A 177 -13.89 -31.29 25.25
N ARG A 178 -13.19 -30.26 24.74
CA ARG A 178 -11.73 -30.23 24.78
C ARG A 178 -11.19 -28.82 25.09
N SER A 179 -9.91 -28.75 25.44
CA SER A 179 -9.31 -27.49 25.89
C SER A 179 -8.66 -26.68 24.76
N ALA A 180 -8.56 -27.25 23.57
CA ALA A 180 -8.05 -26.52 22.40
C ALA A 180 -8.78 -25.19 22.17
N ILE A 181 -8.03 -24.10 22.05
CA ILE A 181 -8.60 -22.78 21.79
C ILE A 181 -7.96 -22.16 20.56
N LYS A 182 -8.68 -21.21 19.96
CA LYS A 182 -8.23 -20.44 18.83
C LYS A 182 -8.61 -18.99 19.04
N ILE A 183 -7.76 -18.07 18.61
CA ILE A 183 -8.06 -16.64 18.63
C ILE A 183 -8.83 -16.31 17.35
N VAL A 184 -9.91 -15.57 17.48
CA VAL A 184 -10.71 -15.16 16.34
C VAL A 184 -10.75 -13.63 16.26
N ASP A 185 -11.20 -13.13 15.12
CA ASP A 185 -11.47 -11.71 14.90
C ASP A 185 -10.23 -10.85 14.93
N PHE A 186 -9.58 -10.77 13.78
CA PHE A 186 -8.49 -9.85 13.54
C PHE A 186 -8.99 -8.64 12.73
N GLY A 187 -10.29 -8.33 12.84
CA GLY A 187 -10.86 -7.20 12.13
C GLY A 187 -10.29 -5.87 12.58
N SER A 188 -9.98 -5.76 13.87
CA SER A 188 -9.44 -4.54 14.45
C SER A 188 -7.97 -4.72 14.81
N SER A 189 -7.23 -5.44 13.97
CA SER A 189 -5.90 -5.87 14.33
C SER A 189 -4.80 -5.02 13.72
N CYS A 190 -4.18 -4.25 14.60
CA CYS A 190 -2.98 -3.44 14.34
C CYS A 190 -1.84 -4.27 13.70
N GLN A 191 -0.82 -3.58 13.22
CA GLN A 191 0.43 -4.26 12.82
C GLN A 191 1.61 -3.38 13.18
N LEU A 192 2.73 -4.01 13.56
CA LEU A 192 3.89 -3.26 14.02
C LEU A 192 4.28 -2.26 12.96
N GLY A 193 4.60 -1.05 13.40
CA GLY A 193 5.04 -0.01 12.50
C GLY A 193 4.79 1.40 12.96
N GLN A 194 4.67 2.30 11.98
CA GLN A 194 4.33 3.68 12.24
C GLN A 194 3.03 3.72 13.05
N ARG A 195 2.96 4.57 14.05
CA ARG A 195 1.76 4.65 14.88
C ARG A 195 0.63 5.39 14.16
N ILE A 196 -0.46 4.66 13.96
CA ILE A 196 -1.67 5.18 13.31
C ILE A 196 -2.80 5.40 14.33
N TYR A 197 -2.86 4.53 15.34
CA TYR A 197 -3.96 4.52 16.29
C TYR A 197 -3.45 4.74 17.70
N GLN A 198 -4.29 5.33 18.53
CA GLN A 198 -3.95 5.51 19.95
C GLN A 198 -5.04 5.00 20.89
N PTR A 199 -6.30 5.19 20.51
CA PTR A 199 -7.42 4.61 21.26
C PTR A 199 -7.63 3.21 20.77
O PTR A 199 -8.35 2.99 19.79
CB PTR A 199 -8.67 5.43 20.98
CG PTR A 199 -9.83 5.13 21.90
CD1 PTR A 199 -9.75 5.46 23.24
CD2 PTR A 199 -10.99 4.55 21.39
CE1 PTR A 199 -10.83 5.22 24.08
CE2 PTR A 199 -12.07 4.31 22.23
CZ PTR A 199 -11.99 4.63 23.59
OH PTR A 199 -13.07 4.42 24.41
P PTR A 199 -13.34 3.24 25.45
O1P PTR A 199 -14.74 3.50 25.92
O2P PTR A 199 -12.33 3.43 26.54
O3P PTR A 199 -13.16 2.03 24.57
N ILE A 200 -7.00 2.25 21.45
CA ILE A 200 -7.05 0.86 21.05
C ILE A 200 -7.17 -0.06 22.25
N GLN A 201 -7.55 -1.31 21.97
CA GLN A 201 -7.84 -2.34 22.97
C GLN A 201 -9.16 -2.09 23.71
N SER A 202 -9.72 -3.15 24.30
CA SER A 202 -10.91 -2.99 25.12
C SER A 202 -10.47 -2.56 26.49
N ARG A 203 -11.21 -1.63 27.09
CA ARG A 203 -10.74 -0.91 28.25
C ARG A 203 -10.18 -1.82 29.33
N PHE A 204 -10.93 -2.85 29.69
CA PHE A 204 -10.52 -3.74 30.77
C PHE A 204 -9.12 -4.29 30.51
N TYR A 205 -8.79 -4.53 29.24
CA TYR A 205 -7.55 -5.22 28.88
C TYR A 205 -6.51 -4.30 28.23
N ARG A 206 -6.69 -2.99 28.42
CA ARG A 206 -5.87 -1.98 27.77
C ARG A 206 -4.61 -1.74 28.59
N SER A 207 -3.47 -1.77 27.91
CA SER A 207 -2.16 -1.72 28.55
C SER A 207 -1.85 -0.32 29.02
N PRO A 208 -0.87 -0.18 29.93
CA PRO A 208 -0.45 1.14 30.44
C PRO A 208 0.15 2.06 29.37
N GLU A 209 0.89 1.50 28.43
CA GLU A 209 1.55 2.32 27.41
C GLU A 209 0.51 3.00 26.50
N VAL A 210 -0.55 2.25 26.19
CA VAL A 210 -1.70 2.79 25.44
C VAL A 210 -2.42 3.87 26.25
N LEU A 211 -2.69 3.60 27.52
CA LEU A 211 -3.35 4.58 28.39
C LEU A 211 -2.55 5.89 28.52
N LEU A 212 -1.23 5.77 28.52
CA LEU A 212 -0.36 6.96 28.68
C LEU A 212 0.00 7.62 27.34
N GLY A 213 -0.61 7.14 26.25
CA GLY A 213 -0.31 7.66 24.92
C GLY A 213 1.14 7.49 24.53
N MET A 214 1.73 6.32 24.79
CA MET A 214 3.14 6.08 24.47
C MET A 214 3.35 5.12 23.32
N PRO A 215 4.60 5.00 22.82
CA PRO A 215 4.89 3.95 21.83
C PRO A 215 4.43 2.58 22.32
N TYR A 216 4.03 1.72 21.41
CA TYR A 216 3.60 0.38 21.80
C TYR A 216 3.92 -0.61 20.70
N ASP A 217 3.92 -1.89 21.06
CA ASP A 217 4.26 -2.94 20.12
C ASP A 217 3.46 -4.21 20.45
N LEU A 218 4.00 -5.37 20.10
CA LEU A 218 3.32 -6.65 20.37
C LEU A 218 3.15 -6.94 21.85
N ALA A 219 3.92 -6.26 22.70
CA ALA A 219 3.84 -6.50 24.15
C ALA A 219 2.46 -6.17 24.74
N ILE A 220 1.68 -5.33 24.05
CA ILE A 220 0.35 -4.96 24.54
C ILE A 220 -0.62 -6.12 24.53
N ASP A 221 -0.40 -7.09 23.64
CA ASP A 221 -1.18 -8.32 23.68
C ASP A 221 -0.81 -9.13 24.92
N MET A 222 0.46 -9.13 25.29
CA MET A 222 0.93 -9.89 26.45
C MET A 222 0.30 -9.34 27.72
N TRP A 223 0.17 -8.02 27.80
CA TRP A 223 -0.53 -7.39 28.92
C TRP A 223 -1.95 -7.92 28.97
N SER A 224 -2.67 -7.81 27.86
CA SER A 224 -4.03 -8.36 27.75
C SER A 224 -4.12 -9.79 28.27
N LEU A 225 -3.20 -10.64 27.82
CA LEU A 225 -3.18 -12.03 28.26
C LEU A 225 -3.05 -12.20 29.78
N GLY A 226 -2.16 -11.44 30.41
CA GLY A 226 -2.06 -11.45 31.87
C GLY A 226 -3.40 -11.20 32.57
N CYS A 227 -4.12 -10.17 32.12
CA CYS A 227 -5.44 -9.82 32.65
C CYS A 227 -6.46 -10.94 32.40
N ILE A 228 -6.38 -11.55 31.22
CA ILE A 228 -7.30 -12.60 30.84
C ILE A 228 -7.13 -13.86 31.70
N LEU A 229 -5.88 -14.25 31.94
CA LEU A 229 -5.62 -15.47 32.69
C LEU A 229 -6.11 -15.39 34.14
N VAL A 230 -5.87 -14.24 34.79
CA VAL A 230 -6.39 -13.99 36.14
C VAL A 230 -7.92 -14.07 36.13
N GLU A 231 -8.53 -13.41 35.16
CA GLU A 231 -9.99 -13.46 34.96
C GLU A 231 -10.51 -14.88 34.75
N MET A 232 -9.77 -15.69 34.01
CA MET A 232 -10.23 -17.04 33.76
C MET A 232 -10.27 -17.89 35.03
N HIS A 233 -9.44 -17.56 36.01
CA HIS A 233 -9.38 -18.35 37.25
C HIS A 233 -10.23 -17.80 38.39
N THR A 234 -10.40 -16.49 38.48
CA THR A 234 -11.29 -15.88 39.48
C THR A 234 -12.71 -15.73 38.95
N GLY A 235 -12.84 -15.49 37.65
CA GLY A 235 -14.16 -15.34 37.01
C GLY A 235 -14.56 -13.89 36.77
N GLU A 236 -13.82 -12.96 37.40
CA GLU A 236 -14.03 -11.53 37.23
C GLU A 236 -12.88 -10.86 36.49
N PRO A 237 -13.14 -9.72 35.84
CA PRO A 237 -12.04 -8.96 35.24
C PRO A 237 -11.11 -8.43 36.33
N LEU A 238 -9.81 -8.38 36.02
CA LEU A 238 -8.82 -7.95 36.99
C LEU A 238 -8.89 -6.45 37.18
N PHE A 239 -9.05 -5.72 36.08
CA PHE A 239 -9.14 -4.27 36.07
C PHE A 239 -10.39 -3.82 35.32
N SER A 240 -11.50 -3.65 36.04
CA SER A 240 -12.79 -3.37 35.41
C SER A 240 -13.12 -1.87 35.40
N GLY A 241 -12.26 -1.07 34.78
CA GLY A 241 -12.47 0.38 34.75
C GLY A 241 -13.68 0.84 33.95
N ALA A 242 -14.46 1.76 34.52
CA ALA A 242 -15.61 2.39 33.83
C ALA A 242 -15.19 3.53 32.89
N ASN A 243 -13.93 3.95 33.02
CA ASN A 243 -13.31 4.92 32.13
C ASN A 243 -11.80 4.88 32.35
N GLU A 244 -11.05 5.64 31.57
CA GLU A 244 -9.57 5.52 31.62
C GLU A 244 -8.97 5.92 32.97
N VAL A 245 -9.55 6.89 33.65
CA VAL A 245 -9.04 7.27 34.97
C VAL A 245 -9.24 6.09 35.95
N ASP A 246 -10.49 5.66 36.09
CA ASP A 246 -10.84 4.44 36.81
C ASP A 246 -9.95 3.25 36.41
N GLN A 247 -9.73 3.07 35.11
CA GLN A 247 -8.89 1.97 34.63
C GLN A 247 -7.45 2.03 35.19
N MET A 248 -6.80 3.19 35.06
CA MET A 248 -5.43 3.37 35.55
C MET A 248 -5.38 3.26 37.08
N ASN A 249 -6.39 3.82 37.75
CA ASN A 249 -6.43 3.77 39.20
C ASN A 249 -6.52 2.35 39.72
N LYS A 250 -7.26 1.50 39.01
CA LYS A 250 -7.37 0.09 39.40
C LYS A 250 -6.08 -0.68 39.11
N ILE A 251 -5.44 -0.38 37.99
CA ILE A 251 -4.15 -0.98 37.68
C ILE A 251 -3.12 -0.66 38.77
N VAL A 252 -3.08 0.59 39.21
CA VAL A 252 -2.15 1.02 40.26
C VAL A 252 -2.45 0.36 41.61
N GLU A 253 -3.72 0.17 41.94
CA GLU A 253 -4.09 -0.54 43.18
C GLU A 253 -3.25 -1.81 43.35
N VAL A 254 -3.15 -2.58 42.27
CA VAL A 254 -2.48 -3.88 42.28
C VAL A 254 -0.97 -3.75 42.04
N LEU A 255 -0.58 -2.84 41.15
CA LEU A 255 0.80 -2.80 40.64
C LEU A 255 1.61 -1.60 41.11
N GLY A 256 0.99 -0.65 41.81
CA GLY A 256 1.66 0.54 42.27
C GLY A 256 1.79 1.59 41.20
N ILE A 257 2.31 2.75 41.59
CA ILE A 257 2.56 3.86 40.67
C ILE A 257 3.55 3.37 39.62
N PRO A 258 3.33 3.73 38.34
CA PRO A 258 4.31 3.33 37.34
C PRO A 258 5.65 4.00 37.56
N PRO A 259 6.72 3.42 37.00
CA PRO A 259 8.07 3.98 37.16
C PRO A 259 8.18 5.40 36.60
N ALA A 260 8.90 6.26 37.33
CA ALA A 260 9.09 7.67 36.96
C ALA A 260 9.60 7.86 35.52
N HIS A 261 10.52 6.99 35.10
CA HIS A 261 11.16 7.16 33.80
C HIS A 261 10.16 6.98 32.64
N ILE A 262 9.13 6.17 32.86
CA ILE A 262 8.04 6.05 31.90
C ILE A 262 7.15 7.29 31.91
N LEU A 263 6.72 7.70 33.10
CA LEU A 263 5.80 8.84 33.24
C LEU A 263 6.41 10.18 32.79
N ASP A 264 7.73 10.32 32.94
CA ASP A 264 8.40 11.52 32.42
C ASP A 264 8.29 11.63 30.91
N GLN A 265 8.13 10.48 30.23
CA GLN A 265 8.00 10.46 28.78
C GLN A 265 6.53 10.45 28.31
N ALA A 266 5.63 9.98 29.18
CA ALA A 266 4.22 9.76 28.80
C ALA A 266 3.50 11.04 28.42
N PRO A 267 3.05 11.16 27.17
CA PRO A 267 2.26 12.36 26.83
C PRO A 267 0.98 12.57 27.68
N LYS A 268 0.32 11.50 28.12
CA LYS A 268 -0.92 11.63 28.89
C LYS A 268 -0.76 11.32 30.39
N ALA A 269 0.48 11.38 30.87
CA ALA A 269 0.76 11.25 32.29
C ALA A 269 -0.19 12.09 33.16
N ARG A 270 -0.45 13.32 32.72
CA ARG A 270 -1.22 14.27 33.54
C ARG A 270 -2.73 14.06 33.53
N LYS A 271 -3.20 13.09 32.74
CA LYS A 271 -4.60 12.65 32.82
C LYS A 271 -4.87 11.86 34.11
N PHE A 272 -3.81 11.22 34.64
CA PHE A 272 -3.93 10.35 35.81
C PHE A 272 -3.03 10.75 36.99
N PHE A 273 -1.90 11.39 36.70
CA PHE A 273 -0.88 11.66 37.73
C PHE A 273 -0.48 13.12 37.78
N GLU A 274 0.07 13.53 38.92
CA GLU A 274 0.69 14.86 39.04
C GLU A 274 2.14 14.69 39.47
N LYS A 275 3.01 15.56 38.96
CA LYS A 275 4.41 15.57 39.37
C LYS A 275 4.59 16.58 40.50
N LEU A 276 4.86 16.08 41.70
CA LEU A 276 5.03 16.93 42.88
C LEU A 276 6.34 17.74 42.81
N PRO A 277 6.46 18.77 43.68
CA PRO A 277 7.69 19.57 43.73
C PRO A 277 8.97 18.77 43.98
N ASP A 278 8.88 17.69 44.76
CA ASP A 278 10.04 16.82 45.00
C ASP A 278 10.49 15.99 43.77
N GLY A 279 9.70 16.01 42.68
CA GLY A 279 10.04 15.32 41.45
C GLY A 279 9.35 13.97 41.24
N THR A 280 8.72 13.43 42.28
CA THR A 280 8.05 12.15 42.15
C THR A 280 6.65 12.34 41.61
N TRP A 281 6.05 11.23 41.19
CA TRP A 281 4.70 11.22 40.62
C TRP A 281 3.72 10.58 41.59
N ASN A 282 2.58 11.23 41.78
CA ASN A 282 1.46 10.68 42.55
C ASN A 282 0.20 10.69 41.70
N LEU A 283 -0.80 9.94 42.13
CA LEU A 283 -2.11 9.99 41.50
C LEU A 283 -2.75 11.35 41.72
N LYS A 284 -3.37 11.89 40.67
CA LYS A 284 -4.30 13.00 40.85
C LYS A 284 -5.54 12.47 41.57
N LYS A 285 -5.94 13.13 42.64
CA LYS A 285 -7.23 12.88 43.29
C LYS A 285 -8.38 13.07 42.30
N THR A 286 -9.44 12.27 42.43
CA THR A 286 -10.63 12.42 41.59
C THR A 286 -11.90 12.30 42.41
N GLU A 292 -12.18 6.61 45.42
CA GLU A 292 -12.41 5.52 46.38
C GLU A 292 -11.49 4.31 46.12
N TYR A 293 -10.17 4.51 46.27
CA TYR A 293 -9.21 3.47 45.93
C TYR A 293 -8.30 3.09 47.07
N LYS A 294 -7.80 1.86 47.04
CA LYS A 294 -6.78 1.42 47.97
C LYS A 294 -5.42 2.06 47.60
N PRO A 295 -4.56 2.33 48.59
CA PRO A 295 -3.27 2.94 48.25
C PRO A 295 -2.46 2.13 47.24
N PRO A 296 -1.53 2.78 46.53
CA PRO A 296 -0.75 2.09 45.52
C PRO A 296 -0.15 0.76 46.00
N GLY A 297 -0.37 -0.30 45.22
CA GLY A 297 0.26 -1.59 45.48
C GLY A 297 -0.30 -2.42 46.63
N THR A 298 -1.46 -2.02 47.16
CA THR A 298 -2.00 -2.65 48.38
C THR A 298 -3.14 -3.65 48.14
N ARG A 299 -3.69 -3.67 46.93
CA ARG A 299 -4.61 -4.74 46.53
C ARG A 299 -3.77 -5.83 45.87
N LYS A 300 -3.04 -6.59 46.70
CA LYS A 300 -2.06 -7.56 46.23
C LYS A 300 -2.64 -8.72 45.42
N LEU A 301 -1.97 -9.05 44.31
CA LEU A 301 -2.36 -10.17 43.45
C LEU A 301 -2.36 -11.50 44.19
N HIS A 302 -1.36 -11.65 45.07
CA HIS A 302 -1.28 -12.76 46.05
C HIS A 302 -2.67 -13.05 46.65
N ASN A 303 -3.35 -12.00 47.09
CA ASN A 303 -4.62 -12.12 47.79
C ASN A 303 -5.80 -12.22 46.83
N ILE A 304 -5.66 -11.63 45.65
CA ILE A 304 -6.69 -11.75 44.61
C ILE A 304 -6.80 -13.20 44.17
N LEU A 305 -5.66 -13.87 44.02
CA LEU A 305 -5.61 -15.27 43.60
C LEU A 305 -5.86 -16.24 44.75
N GLY A 306 -5.78 -15.75 45.99
CA GLY A 306 -5.99 -16.59 47.16
C GLY A 306 -4.91 -17.65 47.29
N VAL A 307 -3.67 -17.24 47.04
CA VAL A 307 -2.51 -18.15 47.04
C VAL A 307 -2.51 -19.08 48.26
N GLU A 308 -2.69 -18.49 49.44
CA GLU A 308 -2.66 -19.24 50.70
C GLU A 308 -4.04 -19.52 51.31
N THR A 309 -5.09 -19.01 50.70
CA THR A 309 -6.45 -19.14 51.24
C THR A 309 -7.38 -20.08 50.43
N GLY A 310 -6.80 -21.02 49.68
CA GLY A 310 -7.57 -22.00 48.90
C GLY A 310 -8.13 -21.45 47.59
N GLY A 311 -7.35 -20.62 46.91
CA GLY A 311 -7.77 -20.04 45.64
C GLY A 311 -8.75 -18.90 45.83
N PRO A 312 -9.30 -18.38 44.73
CA PRO A 312 -10.20 -17.24 44.82
C PRO A 312 -11.47 -17.61 45.55
N GLY A 313 -11.82 -16.84 46.58
CA GLY A 313 -12.99 -17.12 47.41
C GLY A 313 -12.95 -18.43 48.18
N GLY A 314 -11.76 -19.03 48.29
CA GLY A 314 -11.59 -20.32 48.95
C GLY A 314 -12.18 -21.54 48.25
N ARG A 315 -12.74 -21.37 47.05
CA ARG A 315 -13.48 -22.46 46.39
C ARG A 315 -12.60 -23.62 45.89
N ARG A 316 -11.29 -23.43 45.87
CA ARG A 316 -10.36 -24.49 45.44
C ARG A 316 -9.66 -25.23 46.60
N ALA A 317 -10.01 -24.89 47.84
CA ALA A 317 -9.46 -25.59 48.99
C ALA A 317 -9.63 -27.10 48.82
N GLY A 318 -8.52 -27.83 48.74
CA GLY A 318 -8.54 -29.29 48.67
C GLY A 318 -8.59 -29.90 47.26
N GLU A 319 -8.79 -29.07 46.24
CA GLU A 319 -8.68 -29.55 44.87
C GLU A 319 -7.19 -29.72 44.54
N SER A 320 -6.85 -30.78 43.82
CA SER A 320 -5.46 -31.08 43.51
C SER A 320 -4.96 -30.09 42.47
N GLY A 321 -3.65 -29.86 42.45
CA GLY A 321 -3.06 -28.90 41.52
C GLY A 321 -3.30 -27.46 41.91
N HIS A 322 -3.70 -27.21 43.16
CA HIS A 322 -3.93 -25.85 43.66
C HIS A 322 -3.21 -25.61 44.97
N THR A 323 -1.97 -26.06 45.03
CA THR A 323 -1.14 -25.86 46.20
C THR A 323 -0.55 -24.46 46.16
N VAL A 324 0.13 -24.08 47.23
CA VAL A 324 0.80 -22.79 47.30
C VAL A 324 1.88 -22.70 46.22
N ALA A 325 2.60 -23.81 46.01
CA ALA A 325 3.63 -23.87 44.98
C ALA A 325 3.05 -23.59 43.60
N ASP A 326 1.93 -24.26 43.29
CA ASP A 326 1.23 -24.09 42.02
C ASP A 326 0.80 -22.63 41.84
N TYR A 327 0.25 -22.04 42.88
CA TYR A 327 -0.20 -20.65 42.82
C TYR A 327 0.97 -19.67 42.70
N LEU A 328 2.09 -19.98 43.35
CA LEU A 328 3.29 -19.10 43.26
C LEU A 328 3.86 -19.02 41.84
N LYS A 329 3.92 -20.15 41.13
CA LYS A 329 4.37 -20.17 39.74
C LYS A 329 3.44 -19.36 38.83
N PHE A 330 2.13 -19.51 39.03
CA PHE A 330 1.16 -18.76 38.26
C PHE A 330 1.28 -17.26 38.56
N LYS A 331 1.27 -16.91 39.83
CA LYS A 331 1.41 -15.51 40.24
C LYS A 331 2.65 -14.87 39.60
N ASP A 332 3.79 -15.59 39.66
CA ASP A 332 5.04 -15.09 39.11
C ASP A 332 4.90 -14.83 37.61
N LEU A 333 4.38 -15.82 36.88
CA LEU A 333 4.18 -15.66 35.45
C LEU A 333 3.33 -14.44 35.17
N ILE A 334 2.19 -14.32 35.85
CA ILE A 334 1.29 -13.19 35.66
C ILE A 334 2.00 -11.84 35.88
N LEU A 335 2.71 -11.71 36.99
CA LEU A 335 3.44 -10.46 37.26
C LEU A 335 4.43 -10.07 36.16
N ARG A 336 5.04 -11.07 35.53
CA ARG A 336 5.98 -10.82 34.44
C ARG A 336 5.25 -10.39 33.16
N MET A 337 3.98 -10.79 33.03
CA MET A 337 3.11 -10.31 31.96
C MET A 337 2.56 -8.91 32.23
N LEU A 338 2.41 -8.55 33.50
CA LEU A 338 1.90 -7.23 33.87
C LEU A 338 3.02 -6.22 34.21
N ASP A 339 4.22 -6.45 33.69
CA ASP A 339 5.35 -5.51 33.84
C ASP A 339 4.95 -4.19 33.20
N TYR A 340 5.20 -3.08 33.90
CA TYR A 340 4.86 -1.75 33.39
C TYR A 340 5.70 -1.37 32.17
N ASP A 341 6.93 -1.86 32.13
CA ASP A 341 7.84 -1.58 31.02
C ASP A 341 7.67 -2.64 29.92
N PRO A 342 7.20 -2.23 28.72
CA PRO A 342 7.01 -3.21 27.65
C PRO A 342 8.31 -3.77 27.05
N LYS A 343 9.45 -3.16 27.38
CA LYS A 343 10.74 -3.69 26.95
C LYS A 343 11.17 -4.95 27.71
N THR A 344 10.85 -5.02 29.00
CA THR A 344 11.21 -6.18 29.84
C THR A 344 10.02 -7.09 30.15
N ARG A 345 8.81 -6.63 29.83
CA ARG A 345 7.62 -7.46 29.99
C ARG A 345 7.93 -8.77 29.29
N ILE A 346 7.51 -9.88 29.89
CA ILE A 346 7.92 -11.20 29.38
C ILE A 346 7.46 -11.39 27.94
N GLN A 347 8.29 -12.08 27.16
CA GLN A 347 8.00 -12.38 25.76
C GLN A 347 7.44 -13.80 25.66
N PRO A 348 6.76 -14.12 24.53
CA PRO A 348 6.15 -15.44 24.39
C PRO A 348 7.11 -16.63 24.56
N TYR A 349 8.26 -16.57 23.90
CA TYR A 349 9.20 -17.68 23.96
C TYR A 349 9.59 -18.01 25.41
N TYR A 350 9.83 -16.97 26.21
CA TYR A 350 10.18 -17.15 27.62
C TYR A 350 9.00 -17.54 28.49
N ALA A 351 7.81 -17.04 28.16
CA ALA A 351 6.59 -17.44 28.87
C ALA A 351 6.46 -18.95 28.85
N LEU A 352 6.74 -19.55 27.69
CA LEU A 352 6.62 -20.99 27.51
C LEU A 352 7.70 -21.80 28.23
N GLN A 353 8.78 -21.13 28.64
CA GLN A 353 9.87 -21.75 29.42
C GLN A 353 9.67 -21.62 30.94
N HIS A 354 8.58 -20.97 31.37
CA HIS A 354 8.29 -20.72 32.79
C HIS A 354 7.97 -22.03 33.52
N SER A 355 8.27 -22.07 34.82
CA SER A 355 8.02 -23.27 35.65
C SER A 355 6.54 -23.67 35.70
N PHE A 356 5.66 -22.70 35.50
CA PHE A 356 4.23 -22.91 35.49
C PHE A 356 3.76 -23.88 34.41
N PHE A 357 4.60 -24.14 33.40
CA PHE A 357 4.23 -25.01 32.31
C PHE A 357 4.98 -26.35 32.32
N LYS A 358 5.71 -26.64 33.38
CA LYS A 358 6.56 -27.83 33.43
C LYS A 358 5.91 -28.96 34.22
N ARG B 11 -24.94 4.44 33.36
CA ARG B 11 -23.67 3.85 33.87
C ARG B 11 -22.67 3.67 32.74
N LYS B 12 -23.08 2.94 31.69
CA LYS B 12 -22.19 2.60 30.58
C LYS B 12 -21.75 3.87 29.85
N VAL B 13 -20.44 4.01 29.68
CA VAL B 13 -19.82 5.25 29.17
C VAL B 13 -18.82 4.92 28.07
N TYR B 14 -18.74 5.79 27.05
CA TYR B 14 -17.89 5.54 25.87
C TYR B 14 -16.92 6.71 25.62
N ASN B 15 -15.65 6.39 25.41
CA ASN B 15 -14.61 7.41 25.31
C ASN B 15 -14.66 8.39 26.50
N ASP B 16 -14.73 7.86 27.72
CA ASP B 16 -14.81 8.68 28.95
C ASP B 16 -16.03 9.63 28.97
N GLY B 17 -17.10 9.26 28.29
CA GLY B 17 -18.33 10.05 28.28
C GLY B 17 -18.44 11.05 27.14
N TYR B 18 -17.44 11.07 26.25
CA TYR B 18 -17.41 12.00 25.12
C TYR B 18 -18.13 11.45 23.89
N ASP B 19 -18.16 10.12 23.76
CA ASP B 19 -18.85 9.47 22.65
C ASP B 19 -20.17 8.86 23.10
N ASP B 20 -21.07 8.65 22.14
CA ASP B 20 -22.29 7.89 22.40
C ASP B 20 -22.01 6.42 22.14
N ASP B 21 -23.04 5.58 22.21
CA ASP B 21 -22.87 4.12 22.07
C ASP B 21 -22.70 3.72 20.61
N ASN B 22 -22.52 4.71 19.75
CA ASN B 22 -22.40 4.52 18.33
C ASN B 22 -21.11 5.19 17.78
N TYR B 23 -20.17 5.51 18.67
CA TYR B 23 -18.83 6.00 18.34
C TYR B 23 -18.77 7.45 17.83
N ASP B 24 -19.90 8.14 17.85
CA ASP B 24 -19.98 9.54 17.47
C ASP B 24 -19.69 10.45 18.64
N TYR B 25 -18.98 11.55 18.37
CA TYR B 25 -18.72 12.57 19.39
C TYR B 25 -20.03 13.26 19.77
N ILE B 26 -20.32 13.32 21.06
CA ILE B 26 -21.58 13.94 21.50
C ILE B 26 -21.40 15.45 21.37
N VAL B 27 -21.92 16.00 20.27
CA VAL B 27 -21.79 17.42 19.99
C VAL B 27 -22.54 18.24 21.02
N LYS B 28 -21.84 19.22 21.60
CA LYS B 28 -22.45 20.18 22.52
C LYS B 28 -22.37 21.55 21.89
N ASN B 29 -23.52 22.18 21.70
CA ASN B 29 -23.54 23.52 21.12
C ASN B 29 -22.80 24.47 22.05
N GLY B 30 -21.90 25.27 21.48
CA GLY B 30 -21.14 26.28 22.23
C GLY B 30 -19.75 25.86 22.67
N GLU B 31 -19.48 24.55 22.68
CA GLU B 31 -18.20 24.01 23.18
C GLU B 31 -17.03 24.63 22.43
N LYS B 32 -15.92 24.86 23.13
CA LYS B 32 -14.74 25.46 22.53
C LYS B 32 -13.58 24.47 22.59
N TRP B 33 -12.91 24.27 21.44
CA TRP B 33 -11.82 23.31 21.32
C TRP B 33 -10.46 23.97 21.18
N MET B 34 -9.52 23.57 22.05
CA MET B 34 -8.11 23.95 21.92
C MET B 34 -7.92 25.47 21.90
N ASP B 35 -8.73 26.17 22.71
CA ASP B 35 -8.77 27.63 22.73
C ASP B 35 -8.88 28.22 21.32
N ARG B 36 -9.61 27.53 20.44
CA ARG B 36 -9.70 27.93 19.04
C ARG B 36 -11.12 27.83 18.47
N TYR B 37 -11.60 26.61 18.26
CA TYR B 37 -12.84 26.41 17.51
C TYR B 37 -14.07 26.48 18.42
N GLU B 38 -15.02 27.32 18.04
CA GLU B 38 -16.28 27.44 18.75
C GLU B 38 -17.38 26.69 18.00
N ILE B 39 -17.86 25.58 18.58
CA ILE B 39 -18.86 24.75 17.92
C ILE B 39 -20.25 25.41 18.02
N ASP B 40 -20.84 25.69 16.85
CA ASP B 40 -22.17 26.30 16.79
C ASP B 40 -23.24 25.22 16.87
N SER B 41 -23.29 24.37 15.86
CA SER B 41 -24.37 23.40 15.77
C SER B 41 -24.05 22.24 14.83
N LEU B 42 -24.83 21.17 14.96
CA LEU B 42 -24.76 20.01 14.08
C LEU B 42 -25.44 20.37 12.76
N ILE B 43 -24.76 20.19 11.64
CA ILE B 43 -25.34 20.50 10.32
C ILE B 43 -25.47 19.29 9.38
N GLY B 44 -24.86 18.16 9.75
CA GLY B 44 -24.99 16.95 8.96
C GLY B 44 -24.49 15.71 9.68
N LYS B 45 -24.98 14.55 9.26
CA LYS B 45 -24.43 13.28 9.73
C LYS B 45 -24.60 12.13 8.74
N GLY B 46 -23.65 11.21 8.75
CA GLY B 46 -23.68 10.02 7.91
C GLY B 46 -23.06 8.85 8.63
N SER B 47 -22.81 7.76 7.90
CA SER B 47 -22.11 6.61 8.46
C SER B 47 -20.71 6.95 9.00
N PHE B 48 -19.99 7.83 8.29
CA PHE B 48 -18.66 8.33 8.73
C PHE B 48 -18.63 9.05 10.07
N GLY B 49 -19.76 9.61 10.48
CA GLY B 49 -19.83 10.43 11.69
C GLY B 49 -20.67 11.67 11.45
N GLN B 50 -20.13 12.84 11.83
CA GLN B 50 -20.92 14.07 11.86
C GLN B 50 -20.19 15.28 11.27
N VAL B 51 -20.97 16.28 10.87
CA VAL B 51 -20.43 17.57 10.46
C VAL B 51 -21.06 18.66 11.30
N VAL B 52 -20.21 19.57 11.77
CA VAL B 52 -20.65 20.69 12.59
C VAL B 52 -20.23 22.01 11.96
N LYS B 53 -21.03 23.04 12.21
CA LYS B 53 -20.67 24.42 11.85
C LYS B 53 -19.93 24.98 13.06
N ALA B 54 -18.78 25.59 12.82
CA ALA B 54 -17.99 26.15 13.91
C ALA B 54 -17.32 27.47 13.53
N TYR B 55 -16.97 28.25 14.54
CA TYR B 55 -16.23 29.49 14.36
C TYR B 55 -14.78 29.31 14.79
N ASP B 56 -13.87 29.66 13.89
CA ASP B 56 -12.45 29.59 14.13
C ASP B 56 -11.99 30.95 14.67
N ARG B 57 -11.72 31.01 15.98
CA ARG B 57 -11.31 32.26 16.62
C ARG B 57 -10.02 32.85 16.05
N VAL B 58 -9.06 31.98 15.72
CA VAL B 58 -7.78 32.44 15.21
C VAL B 58 -7.97 33.05 13.81
N GLU B 59 -8.44 32.26 12.86
CA GLU B 59 -8.59 32.73 11.49
C GLU B 59 -9.81 33.63 11.27
N GLN B 60 -10.67 33.73 12.28
CA GLN B 60 -11.83 34.61 12.26
C GLN B 60 -12.70 34.40 11.02
N GLU B 61 -13.04 33.14 10.77
CA GLU B 61 -14.01 32.78 9.73
C GLU B 61 -14.75 31.51 10.12
N TRP B 62 -15.94 31.36 9.56
CA TRP B 62 -16.72 30.14 9.78
C TRP B 62 -16.08 28.96 9.05
N VAL B 63 -16.16 27.79 9.68
CA VAL B 63 -15.64 26.56 9.08
C VAL B 63 -16.63 25.44 9.30
N ALA B 64 -16.62 24.47 8.40
CA ALA B 64 -17.38 23.23 8.55
C ALA B 64 -16.41 22.17 9.03
N ILE B 65 -16.68 21.55 10.18
CA ILE B 65 -15.79 20.51 10.73
C ILE B 65 -16.44 19.13 10.67
N LYS B 66 -15.79 18.21 9.95
CA LYS B 66 -16.22 16.85 9.84
C LYS B 66 -15.54 16.01 10.93
N ILE B 67 -16.35 15.53 11.87
CA ILE B 67 -15.89 14.77 13.02
C ILE B 67 -16.14 13.30 12.74
N ILE B 68 -15.06 12.60 12.43
CA ILE B 68 -15.12 11.20 12.08
C ILE B 68 -15.34 10.38 13.35
N LYS B 69 -16.11 9.30 13.22
CA LYS B 69 -16.30 8.36 14.32
C LYS B 69 -14.98 7.84 14.89
N ASN B 70 -15.01 7.55 16.19
CA ASN B 70 -13.85 6.99 16.90
C ASN B 70 -13.93 5.48 16.70
N LYS B 71 -13.62 5.07 15.48
CA LYS B 71 -13.76 3.69 15.03
C LYS B 71 -12.79 3.51 13.88
N LYS B 72 -12.03 2.39 13.88
CA LYS B 72 -10.95 2.21 12.90
C LYS B 72 -11.44 2.34 11.47
N ALA B 73 -12.50 1.60 11.14
CA ALA B 73 -12.99 1.53 9.77
C ALA B 73 -13.21 2.93 9.20
N PHE B 74 -13.78 3.81 10.01
CA PHE B 74 -14.07 5.15 9.57
C PHE B 74 -12.85 6.06 9.61
N LEU B 75 -11.98 5.84 10.59
CA LEU B 75 -10.71 6.57 10.65
C LEU B 75 -9.87 6.27 9.42
N ASN B 76 -9.76 4.98 9.07
CA ASN B 76 -9.02 4.54 7.88
C ASN B 76 -9.59 5.15 6.60
N GLN B 77 -10.90 5.10 6.44
CA GLN B 77 -11.58 5.72 5.30
C GLN B 77 -11.28 7.22 5.22
N ALA B 78 -11.27 7.89 6.37
CA ALA B 78 -11.01 9.32 6.44
C ALA B 78 -9.55 9.66 6.09
N GLN B 79 -8.62 8.79 6.48
CA GLN B 79 -7.21 8.94 6.13
C GLN B 79 -7.04 8.97 4.62
N ILE B 80 -7.69 8.02 3.93
CA ILE B 80 -7.69 8.02 2.47
C ILE B 80 -8.26 9.33 1.94
N GLU B 81 -9.37 9.80 2.51
CA GLU B 81 -10.00 11.05 2.08
C GLU B 81 -9.06 12.24 2.26
N VAL B 82 -8.35 12.27 3.38
CA VAL B 82 -7.36 13.34 3.65
C VAL B 82 -6.23 13.34 2.60
N ARG B 83 -5.71 12.17 2.28
CA ARG B 83 -4.69 12.05 1.23
C ARG B 83 -5.16 12.62 -0.10
N LEU B 84 -6.37 12.25 -0.52
CA LEU B 84 -6.88 12.70 -1.81
C LEU B 84 -7.00 14.22 -1.83
N LEU B 85 -7.60 14.78 -0.77
CA LEU B 85 -7.76 16.23 -0.66
C LEU B 85 -6.41 16.95 -0.67
N GLU B 86 -5.43 16.41 0.05
CA GLU B 86 -4.09 17.00 0.06
C GLU B 86 -3.40 16.86 -1.31
N LEU B 87 -3.59 15.70 -1.93
CA LEU B 87 -3.10 15.48 -3.29
C LEU B 87 -3.70 16.50 -4.26
N MET B 88 -4.99 16.81 -4.09
CA MET B 88 -5.68 17.76 -4.95
C MET B 88 -5.28 19.22 -4.68
N ASN B 89 -4.98 19.56 -3.43
CA ASN B 89 -4.64 20.95 -3.06
C ASN B 89 -3.32 21.48 -3.65
N LYS B 90 -2.36 20.60 -3.92
CA LYS B 90 -1.01 21.05 -4.33
C LYS B 90 -0.97 21.60 -5.75
N TYR B 97 -9.98 25.76 -9.53
CA TYR B 97 -10.51 25.17 -8.29
C TYR B 97 -11.76 24.32 -8.57
N TYR B 98 -12.85 24.61 -7.85
CA TYR B 98 -14.10 23.82 -7.90
C TYR B 98 -14.04 22.55 -7.03
N ILE B 99 -12.95 22.36 -6.29
CA ILE B 99 -12.89 21.35 -5.23
C ILE B 99 -12.93 22.06 -3.87
N VAL B 100 -13.74 21.55 -2.96
CA VAL B 100 -13.79 22.08 -1.59
C VAL B 100 -12.41 22.11 -0.95
N HIS B 101 -12.07 23.22 -0.31
CA HIS B 101 -10.75 23.41 0.31
C HIS B 101 -10.74 22.81 1.73
N LEU B 102 -9.84 21.85 1.94
CA LEU B 102 -9.57 21.28 3.26
C LEU B 102 -8.52 22.15 3.92
N LYS B 103 -8.94 22.94 4.91
CA LYS B 103 -8.02 23.87 5.55
C LYS B 103 -6.93 23.13 6.34
N ARG B 104 -7.34 22.21 7.22
CA ARG B 104 -6.40 21.35 7.96
C ARG B 104 -7.13 20.17 8.63
N HIS B 105 -6.37 19.33 9.33
CA HIS B 105 -6.91 18.21 10.08
C HIS B 105 -6.17 17.98 11.40
N PHE B 106 -6.90 17.54 12.42
CA PHE B 106 -6.33 17.30 13.75
C PHE B 106 -7.12 16.24 14.47
N MET B 107 -6.45 15.57 15.42
CA MET B 107 -7.09 14.64 16.33
C MET B 107 -7.62 15.44 17.52
N PHE B 108 -8.86 15.21 17.89
CA PHE B 108 -9.42 15.80 19.10
C PHE B 108 -10.25 14.73 19.81
N ARG B 109 -9.90 14.48 21.08
CA ARG B 109 -10.59 13.50 21.92
C ARG B 109 -10.88 12.19 21.18
N ASN B 110 -9.83 11.68 20.56
CA ASN B 110 -9.80 10.41 19.82
C ASN B 110 -10.66 10.40 18.55
N HIS B 111 -10.95 11.58 18.00
CA HIS B 111 -11.64 11.71 16.70
C HIS B 111 -10.78 12.49 15.71
N LEU B 112 -10.72 12.00 14.47
CA LEU B 112 -10.10 12.74 13.39
C LEU B 112 -11.09 13.80 12.94
N CYS B 113 -10.67 15.06 12.95
CA CYS B 113 -11.51 16.16 12.55
C CYS B 113 -10.93 16.84 11.32
N LEU B 114 -11.71 16.90 10.24
CA LEU B 114 -11.28 17.58 9.02
C LEU B 114 -11.96 18.94 8.96
N VAL B 115 -11.15 20.01 8.96
CA VAL B 115 -11.69 21.37 8.86
C VAL B 115 -11.84 21.78 7.38
N PHE B 116 -13.07 22.06 6.97
CA PHE B 116 -13.37 22.51 5.62
C PHE B 116 -13.81 23.95 5.61
N GLU B 117 -13.63 24.63 4.49
CA GLU B 117 -14.26 25.93 4.31
C GLU B 117 -15.78 25.79 4.40
N MET B 118 -16.43 26.75 5.06
CA MET B 118 -17.88 26.73 5.20
C MET B 118 -18.48 27.22 3.89
N LEU B 119 -19.34 26.39 3.31
CA LEU B 119 -20.02 26.74 2.07
C LEU B 119 -21.51 26.87 2.35
N SER B 120 -22.26 27.31 1.36
CA SER B 120 -23.66 27.66 1.51
C SER B 120 -24.54 26.44 1.15
N TYR B 121 -25.71 26.67 0.56
CA TYR B 121 -26.65 25.61 0.18
C TYR B 121 -26.05 24.65 -0.85
N ASN B 122 -26.62 23.46 -0.96
CA ASN B 122 -26.31 22.54 -2.05
C ASN B 122 -27.35 22.63 -3.17
N LEU B 123 -27.05 22.00 -4.30
CA LEU B 123 -27.94 22.07 -5.47
C LEU B 123 -29.27 21.36 -5.30
N TYR B 124 -29.37 20.42 -4.36
CA TYR B 124 -30.71 19.90 -4.00
C TYR B 124 -31.55 21.00 -3.36
N ASP B 125 -30.98 21.70 -2.37
CA ASP B 125 -31.69 22.78 -1.66
C ASP B 125 -32.26 23.81 -2.66
N LEU B 126 -31.51 24.04 -3.74
CA LEU B 126 -31.89 25.02 -4.76
C LEU B 126 -33.09 24.53 -5.60
N LEU B 127 -33.15 23.23 -5.89
CA LEU B 127 -34.29 22.62 -6.58
C LEU B 127 -35.55 22.59 -5.73
N ARG B 128 -35.41 22.33 -4.44
CA ARG B 128 -36.55 22.44 -3.52
C ARG B 128 -37.09 23.86 -3.57
N ASN B 129 -36.17 24.82 -3.62
CA ASN B 129 -36.49 26.24 -3.72
C ASN B 129 -37.21 26.64 -5.01
N THR B 130 -37.04 25.86 -6.08
CA THR B 130 -37.80 26.04 -7.32
C THR B 130 -39.11 25.27 -7.31
N ASN B 131 -39.42 24.60 -6.20
CA ASN B 131 -40.50 23.62 -6.14
C ASN B 131 -40.30 22.47 -7.13
N PHE B 132 -39.03 22.13 -7.34
CA PHE B 132 -38.65 21.11 -8.31
C PHE B 132 -39.17 21.39 -9.72
N ARG B 133 -39.11 22.66 -10.12
CA ARG B 133 -39.38 23.07 -11.51
C ARG B 133 -38.10 23.44 -12.31
N GLY B 134 -36.97 23.57 -11.62
CA GLY B 134 -35.67 23.78 -12.27
C GLY B 134 -35.17 25.22 -12.34
N VAL B 135 -33.88 25.36 -12.59
CA VAL B 135 -33.25 26.68 -12.79
C VAL B 135 -33.07 26.94 -14.29
N SER B 136 -32.74 28.18 -14.63
CA SER B 136 -32.61 28.56 -16.04
C SER B 136 -31.47 27.81 -16.73
N LEU B 137 -31.53 27.74 -18.05
CA LEU B 137 -30.50 27.10 -18.86
C LEU B 137 -29.17 27.86 -18.79
N ASN B 138 -29.24 29.18 -18.59
CA ASN B 138 -28.03 30.00 -18.43
C ASN B 138 -27.32 29.72 -17.10
N LEU B 139 -28.09 29.56 -16.03
CA LEU B 139 -27.52 29.20 -14.74
C LEU B 139 -26.97 27.79 -14.80
N THR B 140 -27.72 26.88 -15.43
CA THR B 140 -27.27 25.53 -15.62
C THR B 140 -25.94 25.49 -16.37
N ARG B 141 -25.83 26.30 -17.42
CA ARG B 141 -24.60 26.38 -18.22
C ARG B 141 -23.41 26.70 -17.34
N LYS B 142 -23.59 27.65 -16.42
CA LYS B 142 -22.50 28.02 -15.51
C LYS B 142 -22.09 26.88 -14.57
N PHE B 143 -23.05 26.13 -14.05
CA PHE B 143 -22.74 24.93 -13.26
C PHE B 143 -22.04 23.87 -14.12
N ALA B 144 -22.55 23.67 -15.32
CA ALA B 144 -22.02 22.66 -16.24
C ALA B 144 -20.53 22.88 -16.59
N GLN B 145 -20.17 24.13 -16.90
CA GLN B 145 -18.80 24.45 -17.27
C GLN B 145 -17.89 24.27 -16.07
N GLN B 146 -18.36 24.72 -14.90
CA GLN B 146 -17.61 24.53 -13.66
C GLN B 146 -17.42 23.05 -13.38
N MET B 147 -18.48 22.26 -13.51
CA MET B 147 -18.40 20.83 -13.22
C MET B 147 -17.52 20.08 -14.21
N CYS B 148 -17.58 20.44 -15.50
CA CYS B 148 -16.68 19.85 -16.49
C CYS B 148 -15.23 20.18 -16.19
N THR B 149 -14.98 21.39 -15.71
CA THR B 149 -13.63 21.80 -15.31
C THR B 149 -13.16 21.00 -14.09
N ALA B 150 -14.09 20.68 -13.19
CA ALA B 150 -13.78 19.85 -12.04
C ALA B 150 -13.39 18.44 -12.48
N LEU B 151 -14.14 17.86 -13.41
CA LEU B 151 -13.87 16.52 -13.91
C LEU B 151 -12.56 16.43 -14.69
N LEU B 152 -12.23 17.51 -15.40
CA LEU B 152 -10.97 17.62 -16.11
C LEU B 152 -9.84 17.59 -15.11
N PHE B 153 -9.91 18.46 -14.11
CA PHE B 153 -8.92 18.52 -13.05
C PHE B 153 -8.69 17.14 -12.44
N LEU B 154 -9.77 16.47 -12.06
CA LEU B 154 -9.72 15.11 -11.53
C LEU B 154 -9.08 14.11 -12.49
N ALA B 155 -9.20 14.36 -13.80
CA ALA B 155 -8.63 13.49 -14.82
C ALA B 155 -7.15 13.77 -15.08
N THR B 156 -6.57 14.72 -14.36
CA THR B 156 -5.12 14.91 -14.39
C THR B 156 -4.47 13.55 -14.15
N PRO B 157 -3.63 13.09 -15.09
CA PRO B 157 -3.11 11.71 -15.01
C PRO B 157 -2.55 11.33 -13.63
N GLU B 158 -1.91 12.27 -12.96
CA GLU B 158 -1.31 12.01 -11.64
C GLU B 158 -2.39 11.79 -10.59
N LEU B 159 -3.54 12.46 -10.74
CA LEU B 159 -4.66 12.27 -9.84
C LEU B 159 -5.50 11.06 -10.24
N SER B 160 -6.17 11.14 -11.38
CA SER B 160 -7.03 10.06 -11.86
C SER B 160 -8.04 9.64 -10.80
N ILE B 161 -8.73 10.64 -10.25
CA ILE B 161 -9.66 10.43 -9.16
C ILE B 161 -11.09 10.30 -9.68
N ILE B 162 -11.80 9.29 -9.21
CA ILE B 162 -13.21 9.14 -9.50
C ILE B 162 -13.97 9.53 -8.23
N HIS B 163 -14.82 10.54 -8.31
CA HIS B 163 -15.59 10.96 -7.15
C HIS B 163 -16.54 9.84 -6.72
N CYS B 164 -17.18 9.20 -7.70
CA CYS B 164 -17.92 7.94 -7.48
C CYS B 164 -19.30 8.15 -6.83
N ASP B 165 -19.70 9.41 -6.57
CA ASP B 165 -20.97 9.72 -5.87
C ASP B 165 -21.48 11.13 -6.18
N LEU B 166 -21.40 11.57 -7.43
CA LEU B 166 -21.84 12.92 -7.78
C LEU B 166 -23.35 12.99 -7.82
N LYS B 167 -23.88 14.08 -7.28
CA LYS B 167 -25.31 14.32 -7.22
C LYS B 167 -25.52 15.75 -6.71
N PRO B 168 -26.75 16.27 -6.86
CA PRO B 168 -27.01 17.64 -6.40
C PRO B 168 -26.61 17.87 -4.94
N GLU B 169 -26.86 16.86 -4.10
CA GLU B 169 -26.56 16.92 -2.67
C GLU B 169 -25.08 17.22 -2.35
N ASN B 170 -24.17 16.78 -3.22
CA ASN B 170 -22.73 16.98 -3.00
C ASN B 170 -22.13 18.12 -3.81
N ILE B 171 -22.97 19.00 -4.34
CA ILE B 171 -22.49 20.17 -5.05
C ILE B 171 -22.99 21.40 -4.31
N LEU B 172 -22.08 22.10 -3.66
CA LEU B 172 -22.43 23.24 -2.80
C LEU B 172 -22.13 24.58 -3.47
N LEU B 173 -22.98 25.57 -3.20
CA LEU B 173 -22.74 26.96 -3.63
C LEU B 173 -21.81 27.66 -2.65
N CYS B 174 -20.85 28.43 -3.15
CA CYS B 174 -19.96 29.24 -2.30
C CYS B 174 -20.75 30.32 -1.57
N ASN B 175 -21.51 31.09 -2.34
CA ASN B 175 -22.33 32.18 -1.82
C ASN B 175 -23.77 31.94 -2.29
N PRO B 176 -24.76 32.24 -1.44
CA PRO B 176 -26.15 31.99 -1.84
C PRO B 176 -26.67 32.83 -3.03
N LYS B 177 -25.98 33.92 -3.36
CA LYS B 177 -26.39 34.81 -4.45
C LYS B 177 -25.41 34.85 -5.64
N ARG B 178 -24.38 34.01 -5.65
CA ARG B 178 -23.44 33.95 -6.79
C ARG B 178 -23.39 32.54 -7.40
N SER B 179 -22.71 32.44 -8.54
CA SER B 179 -22.78 31.24 -9.39
C SER B 179 -21.77 30.14 -9.06
N ALA B 180 -20.69 30.51 -8.39
CA ALA B 180 -19.60 29.56 -8.09
C ALA B 180 -20.08 28.35 -7.28
N ILE B 181 -19.60 27.17 -7.66
CA ILE B 181 -19.91 25.91 -6.97
C ILE B 181 -18.66 25.06 -6.75
N LYS B 182 -18.69 24.22 -5.72
CA LYS B 182 -17.59 23.33 -5.40
C LYS B 182 -18.09 21.93 -5.07
N ILE B 183 -17.34 20.91 -5.46
CA ILE B 183 -17.67 19.54 -5.13
C ILE B 183 -17.08 19.22 -3.75
N VAL B 184 -17.94 18.72 -2.86
CA VAL B 184 -17.51 18.28 -1.53
C VAL B 184 -17.66 16.76 -1.39
N ASP B 185 -17.12 16.24 -0.31
CA ASP B 185 -17.24 14.82 0.06
C ASP B 185 -16.58 13.88 -0.92
N PHE B 186 -15.26 13.74 -0.76
CA PHE B 186 -14.50 12.69 -1.43
C PHE B 186 -14.28 11.53 -0.46
N GLY B 187 -15.25 11.34 0.44
CA GLY B 187 -15.14 10.36 1.50
C GLY B 187 -15.33 8.95 0.99
N SER B 188 -16.20 8.80 -0.01
CA SER B 188 -16.44 7.52 -0.65
C SER B 188 -15.96 7.54 -2.10
N SER B 189 -14.79 8.15 -2.32
CA SER B 189 -14.29 8.37 -3.67
C SER B 189 -13.34 7.27 -4.11
N CYS B 190 -13.65 6.69 -5.27
CA CYS B 190 -12.91 5.58 -5.85
C CYS B 190 -11.61 6.10 -6.46
N GLN B 191 -10.79 5.20 -7.02
CA GLN B 191 -9.63 5.65 -7.79
C GLN B 191 -9.34 4.67 -8.91
N LEU B 192 -8.85 5.19 -10.02
CA LEU B 192 -8.58 4.36 -11.20
C LEU B 192 -7.60 3.28 -10.81
N GLY B 193 -8.00 2.04 -11.03
CA GLY B 193 -7.13 0.90 -10.77
C GLY B 193 -7.88 -0.40 -10.89
N GLN B 194 -7.44 -1.38 -10.10
CA GLN B 194 -8.12 -2.67 -10.04
C GLN B 194 -9.50 -2.45 -9.48
N ARG B 195 -10.46 -3.21 -9.98
CA ARG B 195 -11.81 -3.13 -9.46
C ARG B 195 -11.89 -3.81 -8.10
N ILE B 196 -12.09 -3.01 -7.07
CA ILE B 196 -12.35 -3.50 -5.72
C ILE B 196 -13.85 -3.42 -5.39
N TYR B 197 -14.53 -2.39 -5.93
CA TYR B 197 -15.96 -2.16 -5.67
C TYR B 197 -16.81 -2.45 -6.91
N GLN B 198 -18.07 -2.86 -6.69
CA GLN B 198 -19.04 -2.99 -7.78
C GLN B 198 -20.33 -2.24 -7.52
N PTR B 199 -20.74 -2.17 -6.26
CA PTR B 199 -21.94 -1.42 -5.87
C PTR B 199 -21.54 -0.03 -5.48
O PTR B 199 -21.29 0.24 -4.31
CB PTR B 199 -22.58 -2.16 -4.70
CG PTR B 199 -24.00 -1.74 -4.37
CD1 PTR B 199 -24.28 -1.09 -3.16
CD2 PTR B 199 -25.03 -2.05 -5.23
CE1 PTR B 199 -25.60 -0.75 -2.85
CE2 PTR B 199 -26.34 -1.69 -4.93
CZ PTR B 199 -26.62 -1.05 -3.74
OH PTR B 199 -27.93 -0.73 -3.45
P PTR B 199 -28.64 0.69 -3.70
O1P PTR B 199 -29.08 0.65 -5.14
O2P PTR B 199 -27.55 1.69 -3.41
O3P PTR B 199 -29.77 0.64 -2.70
N ILE B 200 -21.45 0.84 -6.48
CA ILE B 200 -21.03 2.23 -6.30
C ILE B 200 -22.03 3.20 -6.95
N GLN B 201 -21.96 4.46 -6.51
CA GLN B 201 -22.81 5.57 -6.97
C GLN B 201 -24.22 5.49 -6.40
N SER B 202 -24.82 6.66 -6.15
CA SER B 202 -26.22 6.73 -5.74
C SER B 202 -27.09 6.30 -6.91
N ARG B 203 -28.18 5.60 -6.60
CA ARG B 203 -28.91 4.83 -7.61
C ARG B 203 -29.42 5.66 -8.79
N PHE B 204 -29.87 6.87 -8.53
CA PHE B 204 -30.38 7.73 -9.61
C PHE B 204 -29.27 8.09 -10.60
N TYR B 205 -28.05 8.22 -10.10
CA TYR B 205 -26.90 8.69 -10.87
C TYR B 205 -25.92 7.58 -11.22
N ARG B 206 -26.36 6.33 -11.04
CA ARG B 206 -25.49 5.18 -11.30
C ARG B 206 -25.40 4.90 -12.79
N SER B 207 -24.18 4.69 -13.27
CA SER B 207 -23.89 4.49 -14.68
C SER B 207 -24.25 3.07 -15.15
N PRO B 208 -24.48 2.88 -16.45
CA PRO B 208 -24.90 1.55 -16.93
C PRO B 208 -23.84 0.46 -16.80
N GLU B 209 -22.56 0.82 -16.99
CA GLU B 209 -21.47 -0.16 -16.82
C GLU B 209 -21.46 -0.70 -15.38
N VAL B 210 -21.62 0.18 -14.41
CA VAL B 210 -21.72 -0.22 -13.00
C VAL B 210 -22.94 -1.13 -12.83
N LEU B 211 -24.06 -0.75 -13.42
CA LEU B 211 -25.27 -1.58 -13.36
C LEU B 211 -25.07 -2.96 -14.00
N LEU B 212 -24.28 -3.00 -15.08
CA LEU B 212 -24.03 -4.25 -15.83
C LEU B 212 -22.86 -5.06 -15.30
N GLY B 213 -22.25 -4.62 -14.19
CA GLY B 213 -21.12 -5.35 -13.61
C GLY B 213 -19.89 -5.34 -14.51
N MET B 214 -19.78 -4.29 -15.32
CA MET B 214 -18.71 -4.14 -16.30
C MET B 214 -17.54 -3.36 -15.68
N PRO B 215 -16.36 -3.42 -16.33
CA PRO B 215 -15.28 -2.52 -15.92
C PRO B 215 -15.70 -1.06 -16.03
N TYR B 216 -15.15 -0.22 -15.17
CA TYR B 216 -15.47 1.21 -15.18
C TYR B 216 -14.21 2.03 -14.93
N ASP B 217 -14.29 3.31 -15.26
CA ASP B 217 -13.18 4.25 -15.08
C ASP B 217 -13.75 5.64 -14.77
N LEU B 218 -13.04 6.72 -15.09
CA LEU B 218 -13.54 8.08 -14.79
C LEU B 218 -14.84 8.47 -15.52
N ALA B 219 -15.24 7.69 -16.52
CA ALA B 219 -16.45 7.98 -17.30
C ALA B 219 -17.77 7.82 -16.53
N ILE B 220 -17.76 7.19 -15.36
CA ILE B 220 -18.99 7.07 -14.54
C ILE B 220 -19.38 8.42 -13.93
N ASP B 221 -18.38 9.29 -13.73
CA ASP B 221 -18.65 10.62 -13.21
C ASP B 221 -19.36 11.47 -14.25
N MET B 222 -19.01 11.28 -15.52
CA MET B 222 -19.61 12.05 -16.60
C MET B 222 -21.08 11.66 -16.83
N TRP B 223 -21.40 10.38 -16.69
CA TRP B 223 -22.79 9.91 -16.75
C TRP B 223 -23.60 10.55 -15.63
N SER B 224 -23.02 10.58 -14.43
CA SER B 224 -23.65 11.25 -13.30
C SER B 224 -23.91 12.72 -13.63
N LEU B 225 -22.91 13.40 -14.16
CA LEU B 225 -23.05 14.82 -14.51
C LEU B 225 -24.15 15.05 -15.54
N GLY B 226 -24.21 14.20 -16.56
CA GLY B 226 -25.29 14.29 -17.54
C GLY B 226 -26.66 14.28 -16.88
N CYS B 227 -26.87 13.32 -15.98
CA CYS B 227 -28.12 13.20 -15.24
C CYS B 227 -28.41 14.38 -14.32
N ILE B 228 -27.35 15.01 -13.79
CA ILE B 228 -27.50 16.14 -12.89
C ILE B 228 -27.87 17.38 -13.69
N LEU B 229 -27.20 17.60 -14.81
CA LEU B 229 -27.48 18.77 -15.62
C LEU B 229 -28.92 18.78 -16.17
N VAL B 230 -29.43 17.63 -16.60
CA VAL B 230 -30.84 17.55 -16.99
C VAL B 230 -31.74 17.86 -15.78
N GLU B 231 -31.38 17.30 -14.62
CA GLU B 231 -32.14 17.52 -13.39
C GLU B 231 -32.17 18.98 -12.93
N MET B 232 -31.08 19.71 -13.11
CA MET B 232 -31.04 21.10 -12.66
C MET B 232 -32.03 21.97 -13.42
N HIS B 233 -32.24 21.64 -14.69
CA HIS B 233 -33.12 22.44 -15.54
C HIS B 233 -34.59 22.00 -15.48
N THR B 234 -34.85 20.72 -15.20
CA THR B 234 -36.23 20.19 -15.14
C THR B 234 -36.78 20.26 -13.72
N GLY B 235 -35.87 20.26 -12.74
CA GLY B 235 -36.25 20.22 -11.33
C GLY B 235 -36.26 18.81 -10.76
N GLU B 236 -36.36 17.79 -11.62
CA GLU B 236 -36.53 16.42 -11.19
C GLU B 236 -35.45 15.50 -11.75
N PRO B 237 -35.18 14.39 -11.05
CA PRO B 237 -34.18 13.43 -11.54
C PRO B 237 -34.62 12.77 -12.85
N LEU B 238 -33.67 12.57 -13.77
CA LEU B 238 -33.94 11.94 -15.05
C LEU B 238 -34.39 10.48 -14.88
N PHE B 239 -33.57 9.71 -14.16
CA PHE B 239 -33.82 8.30 -13.90
C PHE B 239 -33.96 8.05 -12.40
N SER B 240 -35.21 7.88 -11.95
CA SER B 240 -35.53 7.87 -10.52
C SER B 240 -35.92 6.48 -10.00
N GLY B 241 -35.04 5.50 -10.24
CA GLY B 241 -35.33 4.10 -9.91
C GLY B 241 -35.45 3.78 -8.44
N ALA B 242 -36.46 2.98 -8.08
CA ALA B 242 -36.60 2.47 -6.71
C ALA B 242 -35.63 1.32 -6.44
N ASN B 243 -35.21 0.66 -7.53
CA ASN B 243 -34.20 -0.41 -7.48
C ASN B 243 -33.43 -0.48 -8.80
N GLU B 244 -32.44 -1.37 -8.86
CA GLU B 244 -31.57 -1.47 -10.03
C GLU B 244 -32.31 -1.88 -11.30
N VAL B 245 -33.21 -2.86 -11.19
CA VAL B 245 -34.06 -3.27 -12.32
C VAL B 245 -34.84 -2.06 -12.84
N ASP B 246 -35.49 -1.37 -11.92
CA ASP B 246 -36.27 -0.17 -12.25
C ASP B 246 -35.36 0.94 -12.78
N GLN B 247 -34.19 1.09 -12.18
CA GLN B 247 -33.22 2.08 -12.63
C GLN B 247 -32.86 1.88 -14.10
N MET B 248 -32.57 0.63 -14.48
CA MET B 248 -32.20 0.34 -15.86
C MET B 248 -33.32 0.63 -16.83
N ASN B 249 -34.53 0.18 -16.50
CA ASN B 249 -35.69 0.43 -17.36
C ASN B 249 -35.85 1.91 -17.65
N LYS B 250 -35.74 2.75 -16.61
CA LYS B 250 -35.80 4.20 -16.77
C LYS B 250 -34.73 4.72 -17.74
N ILE B 251 -33.52 4.18 -17.65
CA ILE B 251 -32.46 4.52 -18.61
C ILE B 251 -32.84 4.08 -20.03
N VAL B 252 -33.31 2.83 -20.16
CA VAL B 252 -33.72 2.28 -21.45
C VAL B 252 -34.88 3.08 -22.08
N GLU B 253 -35.88 3.43 -21.27
CA GLU B 253 -37.02 4.28 -21.71
C GLU B 253 -36.56 5.44 -22.59
N VAL B 254 -35.48 6.10 -22.18
CA VAL B 254 -34.96 7.29 -22.85
C VAL B 254 -33.96 6.95 -23.95
N LEU B 255 -32.99 6.09 -23.67
CA LEU B 255 -31.83 5.91 -24.54
C LEU B 255 -31.87 4.62 -25.37
N GLY B 256 -32.92 3.83 -25.17
CA GLY B 256 -33.12 2.58 -25.91
C GLY B 256 -32.35 1.44 -25.28
N ILE B 257 -32.47 0.25 -25.87
CA ILE B 257 -31.67 -0.90 -25.45
C ILE B 257 -30.18 -0.63 -25.70
N PRO B 258 -29.30 -1.02 -24.74
CA PRO B 258 -27.87 -0.81 -24.93
C PRO B 258 -27.30 -1.60 -26.11
N PRO B 259 -26.21 -1.10 -26.72
CA PRO B 259 -25.55 -1.82 -27.82
C PRO B 259 -25.22 -3.27 -27.47
N ALA B 260 -25.51 -4.19 -28.40
CA ALA B 260 -25.40 -5.63 -28.16
C ALA B 260 -23.99 -6.04 -27.72
N HIS B 261 -22.98 -5.45 -28.35
CA HIS B 261 -21.57 -5.74 -28.03
C HIS B 261 -21.21 -5.47 -26.56
N ILE B 262 -21.93 -4.55 -25.91
CA ILE B 262 -21.78 -4.34 -24.48
C ILE B 262 -22.56 -5.40 -23.68
N LEU B 263 -23.80 -5.68 -24.12
CA LEU B 263 -24.66 -6.64 -23.42
C LEU B 263 -24.17 -8.09 -23.52
N ASP B 264 -23.43 -8.41 -24.57
CA ASP B 264 -22.80 -9.74 -24.69
C ASP B 264 -21.75 -9.91 -23.59
N GLN B 265 -20.99 -8.86 -23.31
CA GLN B 265 -19.91 -8.90 -22.33
C GLN B 265 -20.40 -8.83 -20.89
N ALA B 266 -21.50 -8.12 -20.67
CA ALA B 266 -21.96 -7.79 -19.32
C ALA B 266 -22.30 -9.02 -18.47
N PRO B 267 -21.60 -9.21 -17.34
CA PRO B 267 -21.98 -10.29 -16.41
C PRO B 267 -23.43 -10.21 -15.93
N LYS B 268 -23.95 -9.01 -15.68
CA LYS B 268 -25.31 -8.86 -15.15
C LYS B 268 -26.35 -8.50 -16.22
N ALA B 269 -26.02 -8.74 -17.49
CA ALA B 269 -26.94 -8.50 -18.60
C ALA B 269 -28.30 -9.17 -18.35
N ARG B 270 -28.26 -10.45 -18.01
CA ARG B 270 -29.49 -11.26 -17.89
C ARG B 270 -30.33 -10.96 -16.64
N LYS B 271 -29.82 -10.13 -15.74
CA LYS B 271 -30.63 -9.57 -14.66
C LYS B 271 -31.68 -8.63 -15.24
N PHE B 272 -31.33 -7.93 -16.32
CA PHE B 272 -32.22 -6.95 -16.94
C PHE B 272 -32.76 -7.36 -18.33
N PHE B 273 -32.08 -8.27 -19.02
CA PHE B 273 -32.35 -8.51 -20.44
C PHE B 273 -32.47 -9.98 -20.84
N GLU B 274 -33.36 -10.24 -21.79
CA GLU B 274 -33.51 -11.55 -22.43
C GLU B 274 -32.62 -11.54 -23.68
N LYS B 275 -31.97 -12.67 -23.96
CA LYS B 275 -31.30 -12.86 -25.25
C LYS B 275 -32.10 -13.86 -26.08
N LEU B 276 -32.98 -13.32 -26.93
CA LEU B 276 -33.87 -14.14 -27.77
C LEU B 276 -33.10 -14.86 -28.91
N PRO B 277 -33.74 -15.84 -29.59
CA PRO B 277 -33.05 -16.71 -30.58
C PRO B 277 -32.19 -16.03 -31.66
N ASP B 278 -32.48 -14.78 -32.00
CA ASP B 278 -31.61 -13.96 -32.88
C ASP B 278 -30.31 -13.62 -32.15
N GLY B 279 -29.56 -12.65 -32.69
CA GLY B 279 -28.44 -12.04 -31.98
C GLY B 279 -28.82 -10.81 -31.15
N THR B 280 -30.07 -10.37 -31.29
CA THR B 280 -30.55 -9.14 -30.66
C THR B 280 -31.00 -9.31 -29.21
N TRP B 281 -30.98 -8.21 -28.46
CA TRP B 281 -31.33 -8.17 -27.05
C TRP B 281 -32.59 -7.33 -26.82
N ASN B 282 -33.34 -7.66 -25.76
CA ASN B 282 -34.40 -6.78 -25.24
C ASN B 282 -34.76 -7.08 -23.78
N LEU B 283 -35.73 -6.34 -23.23
CA LEU B 283 -36.10 -6.44 -21.80
C LEU B 283 -36.79 -7.77 -21.45
N LYS B 284 -37.23 -7.89 -20.19
CA LYS B 284 -37.94 -9.09 -19.74
C LYS B 284 -38.94 -8.75 -18.63
N TYR B 293 -43.56 -0.13 -18.21
CA TYR B 293 -42.65 0.89 -18.73
C TYR B 293 -42.96 1.28 -20.17
N LYS B 294 -42.54 2.48 -20.55
CA LYS B 294 -42.70 2.97 -21.92
C LYS B 294 -41.67 2.25 -22.81
N PRO B 295 -42.05 1.89 -24.05
CA PRO B 295 -41.12 1.13 -24.89
C PRO B 295 -39.75 1.79 -25.07
N PRO B 296 -38.69 0.99 -25.33
CA PRO B 296 -37.31 1.47 -25.42
C PRO B 296 -37.11 2.68 -26.35
N GLY B 297 -36.74 3.83 -25.78
CA GLY B 297 -36.44 5.03 -26.56
C GLY B 297 -37.61 5.96 -26.86
N THR B 298 -38.81 5.62 -26.37
CA THR B 298 -40.03 6.40 -26.67
C THR B 298 -40.19 7.65 -25.80
N ARG B 299 -39.77 7.57 -24.54
CA ARG B 299 -39.81 8.72 -23.64
C ARG B 299 -38.49 9.50 -23.78
N LYS B 300 -38.27 10.09 -24.96
CA LYS B 300 -36.93 10.61 -25.30
C LYS B 300 -36.65 12.03 -24.80
N LEU B 301 -35.36 12.29 -24.60
CA LEU B 301 -34.85 13.52 -23.98
C LEU B 301 -35.30 14.81 -24.66
N HIS B 302 -35.49 14.74 -25.97
CA HIS B 302 -35.99 15.86 -26.78
C HIS B 302 -37.30 16.43 -26.20
N ASN B 303 -38.14 15.58 -25.63
CA ASN B 303 -39.40 16.00 -24.98
C ASN B 303 -39.33 16.24 -23.48
N ILE B 304 -38.30 15.72 -22.80
CA ILE B 304 -38.11 15.95 -21.37
C ILE B 304 -37.70 17.41 -21.11
N LEU B 305 -36.91 17.95 -22.03
CA LEU B 305 -36.45 19.34 -21.98
C LEU B 305 -37.45 20.33 -22.58
N GLY B 306 -38.33 19.85 -23.46
CA GLY B 306 -39.25 20.74 -24.18
C GLY B 306 -38.51 21.68 -25.11
N VAL B 307 -37.66 21.09 -25.95
CA VAL B 307 -36.79 21.83 -26.87
C VAL B 307 -37.56 22.77 -27.81
N GLU B 308 -38.71 22.31 -28.32
CA GLU B 308 -39.52 23.11 -29.23
C GLU B 308 -40.76 23.71 -28.56
N THR B 309 -41.08 23.25 -27.36
CA THR B 309 -42.29 23.68 -26.65
C THR B 309 -41.98 24.58 -25.45
N GLY B 310 -40.92 25.38 -25.57
CA GLY B 310 -40.56 26.38 -24.54
C GLY B 310 -40.16 25.81 -23.19
N GLY B 311 -39.22 24.87 -23.20
CA GLY B 311 -38.63 24.35 -21.96
C GLY B 311 -39.55 23.45 -21.15
N PRO B 312 -39.05 22.98 -19.99
CA PRO B 312 -39.82 22.13 -19.10
C PRO B 312 -41.18 22.73 -18.70
N GLY B 313 -42.24 21.97 -18.95
CA GLY B 313 -43.60 22.41 -18.66
C GLY B 313 -44.05 23.67 -19.39
N GLY B 314 -43.33 24.05 -20.45
CA GLY B 314 -43.59 25.27 -21.20
C GLY B 314 -43.26 26.58 -20.49
N ARG B 315 -42.51 26.50 -19.39
CA ARG B 315 -42.32 27.66 -18.50
C ARG B 315 -41.16 28.56 -18.92
N ARG B 316 -40.42 28.17 -19.95
CA ARG B 316 -39.29 28.97 -20.44
C ARG B 316 -39.58 29.66 -21.79
N ALA B 317 -40.83 29.57 -22.24
CA ALA B 317 -41.20 30.13 -23.53
C ALA B 317 -40.89 31.63 -23.55
N GLY B 318 -40.19 32.06 -24.60
CA GLY B 318 -39.87 33.47 -24.80
C GLY B 318 -38.74 34.02 -23.95
N GLU B 319 -38.12 33.16 -23.14
CA GLU B 319 -37.05 33.58 -22.27
C GLU B 319 -35.77 33.52 -23.07
N SER B 320 -35.04 34.62 -23.11
CA SER B 320 -33.76 34.66 -23.84
C SER B 320 -32.80 33.61 -23.26
N GLY B 321 -31.99 33.02 -24.13
CA GLY B 321 -31.12 31.92 -23.76
C GLY B 321 -31.79 30.57 -23.89
N HIS B 322 -33.04 30.54 -24.34
CA HIS B 322 -33.82 29.30 -24.41
C HIS B 322 -34.47 29.13 -25.79
N THR B 323 -33.73 29.45 -26.84
CA THR B 323 -34.22 29.22 -28.20
C THR B 323 -34.05 27.75 -28.54
N VAL B 324 -34.66 27.33 -29.63
CA VAL B 324 -34.52 25.96 -30.08
C VAL B 324 -33.02 25.63 -30.21
N ALA B 325 -32.29 26.55 -30.83
CA ALA B 325 -30.84 26.37 -31.07
C ALA B 325 -30.09 26.17 -29.77
N ASP B 326 -30.42 26.98 -28.76
CA ASP B 326 -29.84 26.86 -27.42
C ASP B 326 -30.12 25.47 -26.84
N TYR B 327 -31.37 25.02 -26.97
CA TYR B 327 -31.78 23.72 -26.42
C TYR B 327 -31.21 22.53 -27.16
N LEU B 328 -31.01 22.68 -28.48
CA LEU B 328 -30.38 21.61 -29.25
C LEU B 328 -28.91 21.46 -28.86
N LYS B 329 -28.24 22.58 -28.64
CA LYS B 329 -26.84 22.58 -28.26
C LYS B 329 -26.64 21.94 -26.89
N PHE B 330 -27.55 22.23 -25.96
CA PHE B 330 -27.58 21.59 -24.64
C PHE B 330 -27.91 20.10 -24.73
N LYS B 331 -28.95 19.76 -25.50
CA LYS B 331 -29.33 18.36 -25.74
C LYS B 331 -28.14 17.55 -26.23
N ASP B 332 -27.45 18.06 -27.25
CA ASP B 332 -26.31 17.37 -27.82
C ASP B 332 -25.24 17.02 -26.77
N LEU B 333 -24.94 17.95 -25.86
CA LEU B 333 -23.94 17.72 -24.83
C LEU B 333 -24.37 16.62 -23.87
N ILE B 334 -25.61 16.67 -23.44
CA ILE B 334 -26.15 15.66 -22.53
C ILE B 334 -26.09 14.26 -23.14
N LEU B 335 -26.53 14.13 -24.39
CA LEU B 335 -26.51 12.83 -25.09
C LEU B 335 -25.11 12.22 -25.24
N ARG B 336 -24.10 13.08 -25.35
CA ARG B 336 -22.70 12.65 -25.43
C ARG B 336 -22.18 12.21 -24.05
N MET B 337 -22.66 12.87 -23.00
CA MET B 337 -22.41 12.49 -21.60
C MET B 337 -23.20 11.24 -21.20
N LEU B 338 -24.33 10.98 -21.88
CA LEU B 338 -25.12 9.77 -21.62
C LEU B 338 -24.86 8.68 -22.66
N ASP B 339 -23.69 8.71 -23.29
CA ASP B 339 -23.28 7.67 -24.22
C ASP B 339 -23.16 6.36 -23.43
N TYR B 340 -23.86 5.32 -23.86
CA TYR B 340 -23.78 4.00 -23.22
C TYR B 340 -22.35 3.48 -23.15
N ASP B 341 -21.56 3.79 -24.18
CA ASP B 341 -20.19 3.31 -24.29
C ASP B 341 -19.23 4.25 -23.57
N PRO B 342 -18.63 3.79 -22.44
CA PRO B 342 -17.73 4.64 -21.66
C PRO B 342 -16.48 5.07 -22.42
N LYS B 343 -16.03 4.26 -23.37
CA LYS B 343 -14.85 4.59 -24.17
C LYS B 343 -15.08 5.72 -25.17
N THR B 344 -16.32 5.89 -25.64
CA THR B 344 -16.64 7.00 -26.55
C THR B 344 -17.46 8.10 -25.86
N ARG B 345 -17.69 7.95 -24.56
CA ARG B 345 -18.43 8.96 -23.81
C ARG B 345 -17.61 10.24 -23.77
N ILE B 346 -18.27 11.38 -23.92
CA ILE B 346 -17.54 12.64 -24.06
C ILE B 346 -16.64 12.83 -22.84
N GLN B 347 -15.39 13.18 -23.10
CA GLN B 347 -14.43 13.46 -22.04
C GLN B 347 -14.53 14.93 -21.66
N PRO B 348 -14.11 15.28 -20.43
CA PRO B 348 -14.06 16.66 -19.95
C PRO B 348 -13.49 17.67 -20.96
N TYR B 349 -12.32 17.38 -21.53
CA TYR B 349 -11.68 18.31 -22.46
C TYR B 349 -12.59 18.74 -23.60
N TYR B 350 -13.22 17.76 -24.24
CA TYR B 350 -14.07 18.01 -25.41
C TYR B 350 -15.35 18.72 -25.03
N ALA B 351 -15.89 18.35 -23.87
CA ALA B 351 -17.11 18.97 -23.37
C ALA B 351 -16.95 20.48 -23.18
N LEU B 352 -15.77 20.92 -22.75
CA LEU B 352 -15.51 22.35 -22.51
C LEU B 352 -15.34 23.16 -23.80
N GLN B 353 -15.08 22.47 -24.91
CA GLN B 353 -15.03 23.09 -26.24
C GLN B 353 -16.34 22.91 -27.03
N HIS B 354 -17.34 22.30 -26.40
CA HIS B 354 -18.65 22.10 -27.04
C HIS B 354 -19.35 23.42 -27.25
N SER B 355 -20.12 23.51 -28.34
CA SER B 355 -20.76 24.77 -28.75
C SER B 355 -21.65 25.41 -27.67
N PHE B 356 -22.13 24.59 -26.73
CA PHE B 356 -22.97 25.04 -25.63
C PHE B 356 -22.29 26.08 -24.72
N PHE B 357 -20.96 26.06 -24.66
CA PHE B 357 -20.20 27.04 -23.87
C PHE B 357 -19.59 28.13 -24.76
N LYS B 358 -20.37 28.64 -25.71
CA LYS B 358 -19.94 29.72 -26.61
C LYS B 358 -21.04 30.79 -26.66
N LYS C 12 36.96 -6.82 -0.76
CA LYS C 12 37.56 -8.08 -1.31
C LYS C 12 36.51 -9.20 -1.48
N VAL C 13 35.59 -9.31 -0.50
CA VAL C 13 34.57 -10.36 -0.48
C VAL C 13 33.16 -9.77 -0.24
N TYR C 14 32.17 -10.26 -0.98
CA TYR C 14 30.77 -9.79 -0.87
C TYR C 14 29.86 -10.95 -0.48
N ASN C 15 28.90 -10.67 0.40
CA ASN C 15 27.97 -11.71 0.89
C ASN C 15 28.71 -13.03 1.19
N ASP C 16 29.79 -12.92 1.96
CA ASP C 16 30.63 -14.05 2.38
C ASP C 16 31.32 -14.81 1.23
N GLY C 17 31.36 -14.22 0.04
CA GLY C 17 31.98 -14.85 -1.13
C GLY C 17 30.98 -15.33 -2.17
N TYR C 18 29.71 -15.44 -1.80
CA TYR C 18 28.66 -15.91 -2.72
C TYR C 18 28.27 -14.90 -3.80
N ASP C 19 28.46 -13.61 -3.52
CA ASP C 19 28.09 -12.54 -4.45
C ASP C 19 29.32 -11.89 -5.08
N ASP C 20 29.17 -11.35 -6.29
CA ASP C 20 30.18 -10.50 -6.92
C ASP C 20 30.00 -9.05 -6.43
N ASP C 21 30.60 -8.07 -7.12
CA ASP C 21 30.55 -6.68 -6.66
C ASP C 21 29.29 -5.91 -7.11
N ASN C 22 28.45 -6.54 -7.92
CA ASN C 22 27.08 -6.04 -8.18
C ASN C 22 26.02 -6.65 -7.26
N TYR C 23 26.44 -7.57 -6.41
CA TYR C 23 25.53 -8.35 -5.57
C TYR C 23 24.63 -9.28 -6.39
N ASP C 24 25.17 -9.76 -7.52
CA ASP C 24 24.65 -10.90 -8.25
C ASP C 24 25.25 -12.16 -7.62
N TYR C 25 24.46 -13.23 -7.54
CA TYR C 25 24.97 -14.50 -7.06
C TYR C 25 25.98 -15.01 -8.08
N ILE C 26 27.12 -15.49 -7.59
CA ILE C 26 28.15 -16.01 -8.49
C ILE C 26 27.75 -17.42 -8.85
N VAL C 27 27.26 -17.57 -10.08
CA VAL C 27 26.72 -18.84 -10.56
C VAL C 27 27.88 -19.82 -10.83
N LYS C 28 27.71 -21.05 -10.37
CA LYS C 28 28.70 -22.12 -10.58
C LYS C 28 27.97 -23.37 -11.04
N ASN C 29 28.33 -23.84 -12.24
CA ASN C 29 27.66 -24.99 -12.86
C ASN C 29 27.82 -26.26 -12.03
N GLY C 30 26.76 -27.04 -11.89
CA GLY C 30 26.77 -28.27 -11.10
C GLY C 30 26.51 -28.08 -9.61
N GLU C 31 26.34 -26.84 -9.16
CA GLU C 31 26.11 -26.56 -7.73
C GLU C 31 24.72 -27.02 -7.32
N LYS C 32 24.61 -27.58 -6.11
CA LYS C 32 23.34 -28.11 -5.61
C LYS C 32 22.82 -27.23 -4.49
N TRP C 33 21.52 -26.91 -4.57
CA TRP C 33 20.87 -26.06 -3.58
C TRP C 33 19.82 -26.84 -2.79
N MET C 34 19.96 -26.82 -1.46
CA MET C 34 18.94 -27.34 -0.57
C MET C 34 18.63 -28.82 -0.84
N ASP C 35 19.66 -29.55 -1.24
CA ASP C 35 19.55 -30.95 -1.69
C ASP C 35 18.48 -31.14 -2.77
N ARG C 36 18.17 -30.10 -3.54
CA ARG C 36 17.02 -30.14 -4.43
C ARG C 36 17.27 -29.63 -5.85
N TYR C 37 17.77 -28.40 -5.98
CA TYR C 37 18.01 -27.82 -7.31
C TYR C 37 19.47 -27.98 -7.69
N GLU C 38 19.71 -28.57 -8.87
CA GLU C 38 21.07 -28.64 -9.42
C GLU C 38 21.22 -27.61 -10.54
N ILE C 39 22.16 -26.69 -10.38
CA ILE C 39 22.36 -25.60 -11.33
C ILE C 39 23.15 -26.09 -12.55
N ASP C 40 22.55 -25.93 -13.74
CA ASP C 40 23.17 -26.36 -14.98
C ASP C 40 24.05 -25.25 -15.59
N SER C 41 23.43 -24.12 -15.87
CA SER C 41 24.08 -23.06 -16.61
C SER C 41 23.31 -21.75 -16.50
N LEU C 42 23.98 -20.65 -16.80
CA LEU C 42 23.38 -19.33 -16.89
C LEU C 42 22.76 -19.17 -18.26
N ILE C 43 21.46 -18.84 -18.32
CA ILE C 43 20.73 -18.70 -19.58
C ILE C 43 20.14 -17.29 -19.83
N GLY C 44 20.29 -16.39 -18.86
CA GLY C 44 19.80 -15.03 -19.00
C GLY C 44 20.37 -14.06 -17.98
N LYS C 45 20.43 -12.79 -18.36
CA LYS C 45 21.09 -11.76 -17.59
C LYS C 45 20.33 -10.45 -17.72
N GLY C 46 20.30 -9.68 -16.63
CA GLY C 46 19.67 -8.36 -16.64
C GLY C 46 20.09 -7.61 -15.39
N SER C 47 19.66 -6.36 -15.27
CA SER C 47 19.96 -5.59 -14.06
C SER C 47 19.23 -6.14 -12.84
N PHE C 48 18.06 -6.76 -13.05
CA PHE C 48 17.34 -7.48 -11.97
C PHE C 48 18.20 -8.54 -11.29
N GLY C 49 19.09 -9.16 -12.05
CA GLY C 49 19.90 -10.26 -11.57
C GLY C 49 20.22 -11.24 -12.69
N GLN C 50 19.92 -12.52 -12.46
CA GLN C 50 20.24 -13.55 -13.43
C GLN C 50 19.16 -14.62 -13.49
N VAL C 51 19.12 -15.33 -14.62
CA VAL C 51 18.31 -16.53 -14.76
C VAL C 51 19.24 -17.69 -15.07
N VAL C 52 18.98 -18.83 -14.42
CA VAL C 52 19.77 -20.03 -14.62
C VAL C 52 18.84 -21.16 -15.00
N LYS C 53 19.40 -22.15 -15.68
CA LYS C 53 18.71 -23.38 -15.97
C LYS C 53 19.10 -24.36 -14.87
N ALA C 54 18.12 -24.97 -14.23
CA ALA C 54 18.39 -25.93 -13.17
C ALA C 54 17.45 -27.10 -13.22
N TYR C 55 17.90 -28.22 -12.68
CA TYR C 55 17.10 -29.42 -12.58
C TYR C 55 16.61 -29.58 -11.16
N ASP C 56 15.29 -29.65 -11.02
CA ASP C 56 14.65 -29.90 -9.74
C ASP C 56 14.61 -31.40 -9.50
N ARG C 57 15.45 -31.91 -8.61
CA ARG C 57 15.54 -33.37 -8.40
C ARG C 57 14.39 -33.94 -7.55
N VAL C 58 13.52 -33.06 -7.03
CA VAL C 58 12.34 -33.48 -6.28
C VAL C 58 11.11 -33.63 -7.19
N GLU C 59 10.84 -32.63 -8.02
CA GLU C 59 9.76 -32.72 -8.99
C GLU C 59 10.17 -33.43 -10.28
N GLN C 60 11.46 -33.71 -10.41
CA GLN C 60 12.02 -34.44 -11.56
C GLN C 60 11.70 -33.73 -12.87
N GLU C 61 12.18 -32.49 -12.99
CA GLU C 61 11.94 -31.68 -14.18
C GLU C 61 12.85 -30.45 -14.23
N TRP C 62 12.95 -29.87 -15.42
CA TRP C 62 13.74 -28.67 -15.66
C TRP C 62 12.95 -27.45 -15.27
N VAL C 63 13.63 -26.45 -14.71
CA VAL C 63 13.00 -25.19 -14.31
C VAL C 63 13.94 -24.03 -14.56
N ALA C 64 13.39 -22.85 -14.77
CA ALA C 64 14.18 -21.65 -14.95
C ALA C 64 14.12 -20.85 -13.66
N ILE C 65 15.26 -20.66 -13.01
CA ILE C 65 15.29 -19.94 -11.73
C ILE C 65 15.83 -18.53 -11.92
N LYS C 66 14.99 -17.54 -11.60
CA LYS C 66 15.38 -16.13 -11.68
C LYS C 66 15.97 -15.71 -10.34
N ILE C 67 17.29 -15.48 -10.31
CA ILE C 67 18.04 -15.14 -9.11
C ILE C 67 18.18 -13.62 -8.99
N ILE C 68 17.43 -13.03 -8.08
CA ILE C 68 17.39 -11.57 -7.97
C ILE C 68 18.62 -11.09 -7.21
N LYS C 69 19.14 -9.93 -7.57
CA LYS C 69 20.28 -9.37 -6.89
C LYS C 69 20.03 -9.20 -5.41
N ASN C 70 21.10 -9.29 -4.62
CA ASN C 70 21.05 -9.03 -3.21
C ASN C 70 21.09 -7.51 -2.97
N LYS C 71 19.98 -6.83 -3.30
CA LYS C 71 19.83 -5.36 -3.25
C LYS C 71 18.36 -4.97 -3.07
N LYS C 72 18.09 -4.01 -2.18
CA LYS C 72 16.72 -3.65 -1.84
C LYS C 72 15.86 -3.26 -3.04
N ALA C 73 16.45 -2.52 -3.97
CA ALA C 73 15.70 -2.01 -5.12
C ALA C 73 15.18 -3.16 -5.96
N PHE C 74 16.05 -4.12 -6.21
CA PHE C 74 15.71 -5.25 -7.04
C PHE C 74 14.84 -6.25 -6.30
N LEU C 75 15.15 -6.51 -5.03
CA LEU C 75 14.29 -7.32 -4.18
C LEU C 75 12.86 -6.79 -4.15
N ASN C 76 12.69 -5.48 -3.98
CA ASN C 76 11.35 -4.91 -3.81
C ASN C 76 10.56 -5.04 -5.11
N GLN C 77 11.22 -4.76 -6.22
CA GLN C 77 10.61 -4.96 -7.55
C GLN C 77 10.20 -6.42 -7.76
N ALA C 78 11.03 -7.35 -7.29
CA ALA C 78 10.76 -8.77 -7.48
C ALA C 78 9.57 -9.24 -6.63
N GLN C 79 9.43 -8.70 -5.42
CA GLN C 79 8.30 -9.04 -4.56
C GLN C 79 6.98 -8.51 -5.13
N ILE C 80 7.04 -7.44 -5.92
CA ILE C 80 5.88 -6.98 -6.66
C ILE C 80 5.56 -7.97 -7.79
N GLU C 81 6.57 -8.36 -8.55
CA GLU C 81 6.42 -9.39 -9.58
C GLU C 81 5.72 -10.66 -9.04
N VAL C 82 6.16 -11.13 -7.88
CA VAL C 82 5.59 -12.33 -7.24
C VAL C 82 4.09 -12.18 -6.97
N ARG C 83 3.70 -11.07 -6.36
CA ARG C 83 2.28 -10.80 -6.09
C ARG C 83 1.45 -10.84 -7.37
N LEU C 84 1.94 -10.21 -8.44
CA LEU C 84 1.21 -10.21 -9.70
C LEU C 84 1.04 -11.63 -10.23
N LEU C 85 2.10 -12.42 -10.16
CA LEU C 85 2.07 -13.79 -10.65
C LEU C 85 1.14 -14.66 -9.83
N GLU C 86 1.06 -14.41 -8.54
CA GLU C 86 0.26 -15.26 -7.66
C GLU C 86 -1.20 -14.90 -7.76
N LEU C 87 -1.50 -13.64 -8.09
CA LEU C 87 -2.86 -13.25 -8.44
C LEU C 87 -3.32 -13.97 -9.70
N MET C 88 -2.43 -14.04 -10.69
CA MET C 88 -2.80 -14.60 -11.99
C MET C 88 -2.99 -16.11 -11.93
N ASN C 89 -2.18 -16.81 -11.15
CA ASN C 89 -2.34 -18.25 -10.98
C ASN C 89 -3.64 -18.55 -10.25
N LYS C 90 -3.89 -17.82 -9.17
CA LYS C 90 -5.04 -18.03 -8.29
C LYS C 90 -6.41 -17.83 -9.00
N HIS C 91 -6.44 -17.00 -10.03
CA HIS C 91 -7.69 -16.77 -10.78
C HIS C 91 -8.10 -17.99 -11.59
N ASP C 92 -9.40 -18.09 -11.87
CA ASP C 92 -9.99 -19.30 -12.48
C ASP C 92 -10.40 -19.00 -13.92
N THR C 93 -9.76 -19.67 -14.88
CA THR C 93 -10.10 -19.53 -16.30
C THR C 93 -9.11 -20.29 -17.19
N GLU C 94 -9.57 -20.63 -18.40
CA GLU C 94 -8.70 -21.24 -19.42
C GLU C 94 -7.67 -20.24 -19.95
N MET C 95 -7.99 -18.96 -19.83
CA MET C 95 -7.14 -17.89 -20.37
C MET C 95 -5.83 -17.71 -19.59
N LYS C 96 -5.79 -18.19 -18.36
CA LYS C 96 -4.62 -17.99 -17.49
C LYS C 96 -3.40 -18.81 -17.90
N TYR C 97 -3.61 -19.82 -18.74
CA TYR C 97 -2.52 -20.70 -19.18
C TYR C 97 -1.64 -20.10 -20.30
N TYR C 98 -1.83 -18.81 -20.61
CA TYR C 98 -0.97 -18.10 -21.54
C TYR C 98 0.04 -17.17 -20.83
N ILE C 99 0.19 -17.37 -19.51
CA ILE C 99 1.20 -16.68 -18.71
C ILE C 99 2.18 -17.72 -18.18
N VAL C 100 3.48 -17.45 -18.26
CA VAL C 100 4.45 -18.37 -17.67
C VAL C 100 4.12 -18.56 -16.19
N HIS C 101 4.09 -19.81 -15.76
CA HIS C 101 3.69 -20.17 -14.40
C HIS C 101 4.86 -20.02 -13.43
N LEU C 102 4.60 -19.41 -12.28
CA LEU C 102 5.56 -19.36 -11.18
C LEU C 102 5.26 -20.56 -10.29
N LYS C 103 6.21 -21.47 -10.15
CA LYS C 103 6.02 -22.69 -9.38
C LYS C 103 6.17 -22.39 -7.90
N ARG C 104 7.22 -21.67 -7.53
CA ARG C 104 7.43 -21.27 -6.14
C ARG C 104 8.54 -20.22 -6.03
N HIS C 105 8.74 -19.68 -4.83
CA HIS C 105 9.82 -18.73 -4.61
C HIS C 105 10.46 -19.01 -3.27
N PHE C 106 11.74 -18.64 -3.12
CA PHE C 106 12.41 -18.78 -1.83
C PHE C 106 13.61 -17.87 -1.70
N MET C 107 14.06 -17.72 -0.46
CA MET C 107 15.27 -17.02 -0.16
C MET C 107 16.38 -18.06 -0.13
N PHE C 108 17.51 -17.73 -0.77
CA PHE C 108 18.71 -18.58 -0.75
C PHE C 108 19.96 -17.71 -0.74
N ARG C 109 20.77 -17.84 0.31
CA ARG C 109 21.98 -17.05 0.48
C ARG C 109 21.74 -15.56 0.16
N ASN C 110 20.65 -15.05 0.75
CA ASN C 110 20.27 -13.64 0.69
C ASN C 110 19.85 -13.18 -0.71
N HIS C 111 19.40 -14.14 -1.52
CA HIS C 111 18.81 -13.85 -2.82
C HIS C 111 17.40 -14.39 -2.89
N LEU C 112 16.49 -13.58 -3.39
CA LEU C 112 15.16 -14.05 -3.72
C LEU C 112 15.25 -14.76 -5.05
N CYS C 113 14.80 -16.02 -5.07
CA CYS C 113 14.79 -16.84 -6.29
C CYS C 113 13.36 -17.19 -6.67
N LEU C 114 13.01 -17.01 -7.94
CA LEU C 114 11.71 -17.38 -8.47
C LEU C 114 11.84 -18.57 -9.42
N VAL C 115 11.12 -19.65 -9.12
CA VAL C 115 11.16 -20.86 -9.94
C VAL C 115 10.03 -20.87 -10.95
N PHE C 116 10.38 -20.66 -12.22
CA PHE C 116 9.42 -20.72 -13.30
C PHE C 116 9.45 -22.08 -13.98
N GLU C 117 8.36 -22.44 -14.64
CA GLU C 117 8.39 -23.56 -15.58
C GLU C 117 9.34 -23.18 -16.70
N MET C 118 10.12 -24.13 -17.19
CA MET C 118 11.03 -23.86 -18.30
C MET C 118 10.37 -24.14 -19.64
N LEU C 119 10.54 -23.18 -20.55
CA LEU C 119 10.03 -23.29 -21.91
C LEU C 119 11.21 -23.20 -22.87
N SER C 120 10.94 -23.31 -24.16
CA SER C 120 12.01 -23.61 -25.12
C SER C 120 12.70 -22.37 -25.71
N TYR C 121 12.02 -21.68 -26.63
CA TYR C 121 12.60 -20.56 -27.37
C TYR C 121 11.67 -19.36 -27.26
N ASN C 122 12.23 -18.16 -27.35
CA ASN C 122 11.42 -16.96 -27.46
C ASN C 122 11.16 -16.64 -28.94
N LEU C 123 10.21 -15.74 -29.21
CA LEU C 123 9.81 -15.46 -30.58
C LEU C 123 10.86 -14.65 -31.36
N TYR C 124 11.84 -14.07 -30.66
CA TYR C 124 12.98 -13.48 -31.34
C TYR C 124 13.90 -14.58 -31.88
N ASP C 125 14.15 -15.60 -31.05
CA ASP C 125 14.97 -16.73 -31.48
C ASP C 125 14.36 -17.35 -32.72
N LEU C 126 13.04 -17.53 -32.68
CA LEU C 126 12.29 -18.06 -33.81
C LEU C 126 12.43 -17.20 -35.06
N LEU C 127 12.44 -15.87 -34.91
CA LEU C 127 12.65 -14.96 -36.04
C LEU C 127 14.06 -15.05 -36.60
N ARG C 128 15.04 -15.11 -35.69
CA ARG C 128 16.44 -15.30 -36.08
C ARG C 128 16.65 -16.66 -36.77
N ASN C 129 15.81 -17.64 -36.43
CA ASN C 129 15.83 -18.95 -37.10
C ASN C 129 15.06 -19.01 -38.44
N THR C 130 14.22 -18.03 -38.75
CA THR C 130 13.71 -17.84 -40.13
C THR C 130 14.59 -16.86 -40.90
N ASN C 131 15.78 -16.56 -40.34
CA ASN C 131 16.74 -15.64 -40.93
C ASN C 131 16.16 -14.25 -41.19
N PHE C 132 15.28 -13.83 -40.28
CA PHE C 132 14.59 -12.55 -40.36
C PHE C 132 13.84 -12.39 -41.67
N ARG C 133 13.10 -13.44 -42.04
CA ARG C 133 12.18 -13.42 -43.17
C ARG C 133 10.75 -13.80 -42.76
N GLY C 134 10.58 -14.17 -41.49
CA GLY C 134 9.26 -14.25 -40.87
C GLY C 134 8.57 -15.60 -41.01
N VAL C 135 7.75 -15.94 -40.02
CA VAL C 135 6.96 -17.18 -40.06
C VAL C 135 5.70 -17.01 -40.91
N SER C 136 4.96 -18.10 -41.10
CA SER C 136 3.76 -18.06 -41.94
C SER C 136 2.63 -17.28 -41.28
N LEU C 137 1.69 -16.82 -42.10
CA LEU C 137 0.48 -16.16 -41.63
C LEU C 137 -0.41 -17.08 -40.81
N ASN C 138 -0.35 -18.38 -41.09
CA ASN C 138 -1.06 -19.39 -40.29
C ASN C 138 -0.53 -19.44 -38.87
N LEU C 139 0.79 -19.48 -38.72
CA LEU C 139 1.43 -19.52 -37.41
C LEU C 139 1.27 -18.17 -36.69
N THR C 140 1.34 -17.08 -37.43
CA THR C 140 1.06 -15.75 -36.93
C THR C 140 -0.35 -15.66 -36.35
N ARG C 141 -1.32 -16.25 -37.04
CA ARG C 141 -2.71 -16.22 -36.59
C ARG C 141 -2.83 -16.83 -35.19
N LYS C 142 -2.32 -18.04 -35.03
CA LYS C 142 -2.37 -18.72 -33.73
C LYS C 142 -1.63 -17.93 -32.65
N PHE C 143 -0.53 -17.27 -33.02
CA PHE C 143 0.16 -16.37 -32.07
C PHE C 143 -0.73 -15.20 -31.68
N ALA C 144 -1.36 -14.57 -32.66
CA ALA C 144 -2.23 -13.43 -32.44
C ALA C 144 -3.41 -13.78 -31.55
N GLN C 145 -4.07 -14.89 -31.88
CA GLN C 145 -5.25 -15.36 -31.13
C GLN C 145 -4.88 -15.66 -29.69
N GLN C 146 -3.79 -16.39 -29.50
CA GLN C 146 -3.28 -16.69 -28.17
C GLN C 146 -2.96 -15.39 -27.41
N MET C 147 -2.29 -14.46 -28.08
CA MET C 147 -1.90 -13.19 -27.44
C MET C 147 -3.09 -12.31 -27.07
N CYS C 148 -4.12 -12.31 -27.89
CA CYS C 148 -5.35 -11.57 -27.58
C CYS C 148 -6.09 -12.18 -26.40
N THR C 149 -5.98 -13.50 -26.23
CA THR C 149 -6.55 -14.19 -25.06
C THR C 149 -5.74 -13.83 -23.81
N ALA C 150 -4.43 -13.69 -23.98
CA ALA C 150 -3.57 -13.28 -22.89
C ALA C 150 -3.99 -11.92 -22.37
N LEU C 151 -4.19 -10.98 -23.30
CA LEU C 151 -4.52 -9.60 -22.95
C LEU C 151 -5.95 -9.47 -22.46
N LEU C 152 -6.82 -10.39 -22.87
CA LEU C 152 -8.19 -10.41 -22.35
C LEU C 152 -8.17 -10.85 -20.88
N PHE C 153 -7.34 -11.83 -20.57
CA PHE C 153 -7.12 -12.25 -19.18
C PHE C 153 -6.49 -11.14 -18.34
N LEU C 154 -5.52 -10.42 -18.90
CA LEU C 154 -4.90 -9.29 -18.19
C LEU C 154 -5.89 -8.17 -17.91
N ALA C 155 -6.85 -7.99 -18.81
CA ALA C 155 -7.86 -6.94 -18.67
C ALA C 155 -9.01 -7.35 -17.75
N THR C 156 -8.93 -8.56 -17.17
CA THR C 156 -9.85 -8.92 -16.10
C THR C 156 -9.88 -7.75 -15.10
N PRO C 157 -11.08 -7.25 -14.78
CA PRO C 157 -11.14 -6.02 -13.96
C PRO C 157 -10.40 -6.09 -12.62
N GLU C 158 -10.44 -7.25 -11.95
CA GLU C 158 -9.72 -7.43 -10.67
C GLU C 158 -8.21 -7.52 -10.87
N LEU C 159 -7.77 -7.71 -12.12
CA LEU C 159 -6.34 -7.70 -12.45
C LEU C 159 -5.90 -6.38 -13.06
N SER C 160 -6.40 -6.09 -14.26
CA SER C 160 -6.11 -4.83 -14.95
C SER C 160 -4.61 -4.57 -15.00
N ILE C 161 -3.86 -5.61 -15.39
CA ILE C 161 -2.42 -5.54 -15.46
C ILE C 161 -1.98 -5.07 -16.85
N ILE C 162 -1.06 -4.12 -16.86
CA ILE C 162 -0.41 -3.69 -18.07
C ILE C 162 0.94 -4.38 -18.06
N HIS C 163 1.20 -5.25 -19.03
CA HIS C 163 2.49 -5.94 -19.06
C HIS C 163 3.62 -4.94 -19.22
N CYS C 164 3.42 -4.02 -20.17
CA CYS C 164 4.19 -2.79 -20.29
C CYS C 164 5.52 -2.91 -21.04
N ASP C 165 5.93 -4.13 -21.37
CA ASP C 165 7.14 -4.36 -22.15
C ASP C 165 6.99 -5.57 -23.09
N LEU C 166 5.85 -5.69 -23.74
CA LEU C 166 5.64 -6.79 -24.69
C LEU C 166 6.58 -6.62 -25.89
N LYS C 167 7.30 -7.68 -26.19
CA LYS C 167 8.20 -7.72 -27.34
C LYS C 167 8.51 -9.19 -27.66
N PRO C 168 8.93 -9.48 -28.89
CA PRO C 168 9.05 -10.88 -29.28
C PRO C 168 9.87 -11.72 -28.31
N GLU C 169 10.95 -11.14 -27.78
CA GLU C 169 11.81 -11.87 -26.84
C GLU C 169 11.18 -12.13 -25.45
N ASN C 170 10.04 -11.51 -25.17
CA ASN C 170 9.27 -11.79 -23.94
C ASN C 170 8.02 -12.68 -24.16
N ILE C 171 7.99 -13.38 -25.29
CA ILE C 171 6.94 -14.35 -25.59
C ILE C 171 7.63 -15.66 -25.91
N LEU C 172 7.36 -16.69 -25.12
CA LEU C 172 8.07 -17.97 -25.25
C LEU C 172 7.19 -19.07 -25.81
N LEU C 173 7.83 -20.04 -26.47
CA LEU C 173 7.18 -21.26 -26.96
C LEU C 173 7.31 -22.37 -25.93
N CYS C 174 6.21 -23.02 -25.60
CA CYS C 174 6.24 -24.19 -24.71
C CYS C 174 7.18 -25.24 -25.32
N ASN C 175 6.83 -25.71 -26.51
CA ASN C 175 7.54 -26.81 -27.17
C ASN C 175 8.21 -26.28 -28.45
N PRO C 176 9.51 -26.60 -28.66
CA PRO C 176 10.26 -26.03 -29.79
C PRO C 176 9.65 -26.23 -31.18
N LYS C 177 8.94 -27.34 -31.38
CA LYS C 177 8.29 -27.63 -32.67
C LYS C 177 6.76 -27.58 -32.56
N ARG C 178 6.25 -26.45 -32.06
CA ARG C 178 4.80 -26.32 -31.81
C ARG C 178 4.28 -24.87 -31.80
N SEP C 179 2.98 -24.74 -31.57
CA SEP C 179 2.24 -23.49 -31.68
CB SEP C 179 0.88 -23.85 -32.32
OG SEP C 179 0.55 -25.24 -32.06
C SEP C 179 2.02 -22.76 -30.37
O SEP C 179 1.86 -21.54 -30.35
P SEP C 179 0.25 -26.38 -33.20
O1P SEP C 179 -1.12 -26.04 -33.72
O2P SEP C 179 0.30 -27.70 -32.46
O3P SEP C 179 1.35 -26.22 -34.21
N ALA C 180 2.02 -23.48 -29.25
CA ALA C 180 1.67 -22.91 -27.95
C ALA C 180 2.68 -21.89 -27.40
N ILE C 181 2.18 -20.79 -26.85
CA ILE C 181 3.04 -19.74 -26.30
C ILE C 181 2.55 -19.18 -24.98
N LYS C 182 3.48 -18.62 -24.21
CA LYS C 182 3.15 -17.96 -22.95
C LYS C 182 3.93 -16.65 -22.84
N ILE C 183 3.35 -15.68 -22.14
CA ILE C 183 4.05 -14.42 -21.90
C ILE C 183 4.90 -14.52 -20.65
N VAL C 184 6.09 -13.92 -20.70
CA VAL C 184 7.07 -14.02 -19.62
C VAL C 184 7.58 -12.63 -19.21
N ASP C 185 8.13 -12.53 -18.00
CA ASP C 185 8.72 -11.30 -17.46
C ASP C 185 7.69 -10.22 -17.17
N PHE C 186 6.99 -10.37 -16.04
CA PHE C 186 6.11 -9.33 -15.51
C PHE C 186 6.81 -8.50 -14.43
N GLY C 187 8.12 -8.30 -14.59
CA GLY C 187 8.93 -7.58 -13.59
C GLY C 187 8.94 -6.08 -13.78
N SER C 188 8.93 -5.66 -15.04
CA SER C 188 8.91 -4.25 -15.41
C SER C 188 7.46 -3.83 -15.71
N SER C 189 6.53 -4.32 -14.89
CA SER C 189 5.09 -4.23 -15.19
C SER C 189 4.39 -3.03 -14.55
N CYS C 190 3.74 -2.25 -15.41
CA CYS C 190 2.89 -1.12 -15.02
C CYS C 190 1.54 -1.66 -14.58
N GLN C 191 0.79 -0.86 -13.84
CA GLN C 191 -0.59 -1.22 -13.49
C GLN C 191 -1.51 -0.02 -13.66
N LEU C 192 -2.78 -0.29 -13.89
CA LEU C 192 -3.73 0.76 -14.19
C LEU C 192 -3.95 1.62 -12.97
N GLY C 193 -3.88 2.93 -13.17
CA GLY C 193 -4.14 3.88 -12.11
C GLY C 193 -3.38 5.15 -12.31
N GLN C 194 -3.30 5.96 -11.25
CA GLN C 194 -2.55 7.21 -11.28
C GLN C 194 -1.19 6.99 -11.95
N ARG C 195 -0.90 7.85 -12.92
CA ARG C 195 0.30 7.72 -13.74
C ARG C 195 1.53 7.96 -12.89
N ILE C 196 2.39 6.94 -12.84
CA ILE C 196 3.59 7.01 -12.02
C ILE C 196 4.85 7.02 -12.90
N TYR C 197 4.86 6.21 -13.96
CA TYR C 197 5.97 6.18 -14.92
C TYR C 197 5.51 6.75 -16.25
N GLN C 198 6.44 7.40 -16.96
CA GLN C 198 6.16 7.95 -18.30
C GLN C 198 7.08 7.36 -19.40
N PTR C 199 8.32 7.04 -19.04
CA PTR C 199 9.28 6.42 -19.96
C PTR C 199 9.17 4.91 -19.82
O PTR C 199 9.81 4.31 -18.96
CB PTR C 199 10.69 6.89 -19.60
CG PTR C 199 11.72 6.59 -20.68
CD1 PTR C 199 11.71 7.30 -21.87
CD2 PTR C 199 12.68 5.60 -20.47
CE1 PTR C 199 12.65 7.02 -22.87
CE2 PTR C 199 13.63 5.34 -21.46
CZ PTR C 199 13.62 6.04 -22.67
OH PTR C 199 14.55 5.80 -23.67
P PTR C 199 14.65 4.47 -24.59
O1P PTR C 199 13.66 4.71 -25.72
O2P PTR C 199 16.10 4.46 -25.01
O3P PTR C 199 14.23 3.32 -23.71
N ILE C 200 8.32 4.32 -20.66
CA ILE C 200 7.99 2.90 -20.57
C ILE C 200 7.88 2.26 -21.94
N GLN C 201 7.79 0.93 -21.96
CA GLN C 201 7.83 0.11 -23.18
C GLN C 201 9.22 0.18 -23.83
N SER C 202 9.60 -0.92 -24.49
CA SER C 202 10.78 -0.91 -25.36
C SER C 202 10.46 -0.04 -26.59
N ARG C 203 11.47 0.66 -27.10
CA ARG C 203 11.23 1.73 -28.07
C ARG C 203 10.42 1.30 -29.30
N PHE C 204 10.84 0.25 -29.98
CA PHE C 204 10.16 -0.21 -31.20
C PHE C 204 8.66 -0.47 -30.97
N TYR C 205 8.29 -0.82 -29.74
CA TYR C 205 6.92 -1.24 -29.42
C TYR C 205 6.16 -0.19 -28.62
N ARG C 206 6.62 1.05 -28.67
CA ARG C 206 6.12 2.13 -27.82
C ARG C 206 4.92 2.85 -28.46
N SER C 207 3.81 2.88 -27.74
CA SER C 207 2.56 3.47 -28.22
C SER C 207 2.63 5.00 -28.40
N PRO C 208 1.81 5.56 -29.32
CA PRO C 208 1.78 7.00 -29.56
C PRO C 208 1.52 7.78 -28.30
N GLU C 209 0.62 7.29 -27.45
CA GLU C 209 0.22 8.01 -26.25
C GLU C 209 1.35 8.12 -25.22
N VAL C 210 2.22 7.11 -25.16
CA VAL C 210 3.40 7.18 -24.30
C VAL C 210 4.39 8.21 -24.86
N LEU C 211 4.60 8.18 -26.18
CA LEU C 211 5.50 9.11 -26.86
C LEU C 211 5.07 10.58 -26.72
N LEU C 212 3.75 10.79 -26.63
CA LEU C 212 3.18 12.15 -26.56
C LEU C 212 2.94 12.62 -25.13
N GLY C 213 3.41 11.84 -24.14
CA GLY C 213 3.24 12.19 -22.73
C GLY C 213 1.79 12.19 -22.29
N MET C 214 0.98 11.37 -22.94
CA MET C 214 -0.47 11.34 -22.73
C MET C 214 -0.87 10.25 -21.73
N PRO C 215 -2.07 10.39 -21.13
CA PRO C 215 -2.54 9.33 -20.24
C PRO C 215 -2.65 7.99 -20.97
N TYR C 216 -2.20 6.93 -20.31
CA TYR C 216 -2.18 5.60 -20.92
C TYR C 216 -2.87 4.57 -20.04
N ASP C 217 -3.09 3.39 -20.61
CA ASP C 217 -3.78 2.30 -19.94
C ASP C 217 -3.48 0.98 -20.67
N LEU C 218 -4.30 -0.06 -20.46
CA LEU C 218 -4.04 -1.39 -21.04
C LEU C 218 -3.97 -1.42 -22.57
N ALA C 219 -4.47 -0.37 -23.21
CA ALA C 219 -4.41 -0.26 -24.66
C ALA C 219 -2.97 -0.31 -25.19
N ILE C 220 -2.01 0.24 -24.43
CA ILE C 220 -0.61 0.28 -24.87
C ILE C 220 -0.05 -1.09 -25.23
N ASP C 221 -0.53 -2.13 -24.54
CA ASP C 221 -0.15 -3.50 -24.85
C ASP C 221 -0.71 -3.91 -26.21
N MET C 222 -1.96 -3.58 -26.48
CA MET C 222 -2.57 -3.91 -27.77
C MET C 222 -1.80 -3.27 -28.93
N TRP C 223 -1.30 -2.05 -28.74
CA TRP C 223 -0.40 -1.43 -29.73
C TRP C 223 0.81 -2.32 -29.96
N SER C 224 1.56 -2.62 -28.90
CA SER C 224 2.78 -3.42 -28.99
C SER C 224 2.55 -4.73 -29.73
N LEU C 225 1.40 -5.36 -29.47
CA LEU C 225 1.02 -6.59 -30.16
C LEU C 225 0.89 -6.36 -31.67
N GLY C 226 0.26 -5.26 -32.04
CA GLY C 226 0.12 -4.90 -33.45
C GLY C 226 1.47 -4.82 -34.14
N CYS C 227 2.43 -4.15 -33.50
CA CYS C 227 3.78 -4.08 -34.02
C CYS C 227 4.42 -5.45 -34.10
N ILE C 228 4.23 -6.24 -33.05
CA ILE C 228 4.79 -7.58 -32.94
C ILE C 228 4.31 -8.50 -34.05
N LEU C 229 3.02 -8.45 -34.37
CA LEU C 229 2.45 -9.37 -35.35
C LEU C 229 2.94 -9.11 -36.77
N VAL C 230 3.16 -7.84 -37.12
CA VAL C 230 3.73 -7.50 -38.42
C VAL C 230 5.18 -7.97 -38.47
N GLU C 231 5.86 -7.90 -37.31
CA GLU C 231 7.25 -8.30 -37.22
C GLU C 231 7.41 -9.83 -37.33
N MET C 232 6.47 -10.59 -36.75
CA MET C 232 6.52 -12.06 -36.85
C MET C 232 6.36 -12.53 -38.30
N HIS C 233 5.45 -11.90 -39.04
CA HIS C 233 5.18 -12.36 -40.40
C HIS C 233 6.21 -11.87 -41.44
N THR C 234 6.68 -10.63 -41.29
CA THR C 234 7.65 -10.07 -42.25
C THR C 234 9.08 -10.40 -41.90
N GLY C 235 9.34 -10.58 -40.61
CA GLY C 235 10.68 -10.91 -40.11
C GLY C 235 11.45 -9.75 -39.50
N GLU C 236 11.01 -8.52 -39.76
CA GLU C 236 11.72 -7.32 -39.33
C GLU C 236 10.83 -6.40 -38.51
N PRO C 237 11.43 -5.61 -37.60
CA PRO C 237 10.63 -4.66 -36.83
C PRO C 237 9.91 -3.65 -37.71
N LEU C 238 8.64 -3.44 -37.40
CA LEU C 238 7.80 -2.49 -38.13
C LEU C 238 8.27 -1.06 -37.98
N PHE C 239 8.66 -0.68 -36.76
CA PHE C 239 9.10 0.67 -36.44
C PHE C 239 10.43 0.63 -35.70
N SER C 240 11.53 0.66 -36.44
CA SER C 240 12.87 0.47 -35.89
C SER C 240 13.55 1.79 -35.54
N GLY C 241 12.97 2.53 -34.59
CA GLY C 241 13.43 3.87 -34.27
C GLY C 241 14.72 3.87 -33.46
N ALA C 242 15.70 4.66 -33.89
CA ALA C 242 16.95 4.78 -33.14
C ALA C 242 16.73 5.62 -31.88
N ASN C 243 15.87 6.62 -31.99
CA ASN C 243 15.48 7.49 -30.87
C ASN C 243 13.99 7.81 -30.98
N GLU C 244 13.49 8.68 -30.11
CA GLU C 244 12.04 8.94 -30.05
C GLU C 244 11.50 9.73 -31.25
N VAL C 245 12.24 10.73 -31.72
CA VAL C 245 11.78 11.48 -32.90
C VAL C 245 11.81 10.57 -34.13
N ASP C 246 12.82 9.72 -34.22
CA ASP C 246 12.88 8.74 -35.30
C ASP C 246 11.72 7.73 -35.17
N GLN C 247 11.43 7.29 -33.95
CA GLN C 247 10.35 6.35 -33.70
C GLN C 247 9.00 6.92 -34.12
N MET C 248 8.70 8.14 -33.68
CA MET C 248 7.44 8.78 -34.04
C MET C 248 7.29 8.99 -35.55
N ASN C 249 8.38 9.37 -36.22
CA ASN C 249 8.38 9.60 -37.66
C ASN C 249 8.07 8.32 -38.42
N LYS C 250 8.64 7.21 -37.98
CA LYS C 250 8.39 5.93 -38.63
C LYS C 250 6.95 5.46 -38.46
N ILE C 251 6.32 5.84 -37.35
CA ILE C 251 4.89 5.57 -37.17
C ILE C 251 4.09 6.44 -38.14
N VAL C 252 4.47 7.70 -38.26
CA VAL C 252 3.82 8.65 -39.18
C VAL C 252 3.96 8.22 -40.65
N GLU C 253 5.13 7.72 -41.04
CA GLU C 253 5.32 7.17 -42.40
C GLU C 253 4.17 6.24 -42.78
N VAL C 254 3.78 5.37 -41.85
CA VAL C 254 2.79 4.33 -42.11
C VAL C 254 1.35 4.79 -41.85
N LEU C 255 1.13 5.47 -40.73
CA LEU C 255 -0.24 5.78 -40.26
C LEU C 255 -0.67 7.24 -40.40
N GLY C 256 0.24 8.11 -40.85
CA GLY C 256 -0.10 9.51 -41.09
C GLY C 256 -0.04 10.41 -39.86
N ILE C 257 -0.47 11.65 -40.02
CA ILE C 257 -0.46 12.61 -38.92
C ILE C 257 -1.50 12.15 -37.89
N PRO C 258 -1.11 12.06 -36.62
CA PRO C 258 -2.09 11.69 -35.60
C PRO C 258 -3.19 12.75 -35.46
N PRO C 259 -4.48 12.33 -35.37
CA PRO C 259 -5.62 13.25 -35.31
C PRO C 259 -5.35 14.53 -34.50
N ALA C 260 -5.73 15.67 -35.08
CA ALA C 260 -5.49 16.97 -34.45
C ALA C 260 -5.99 17.06 -33.00
N HIS C 261 -7.13 16.45 -32.71
CA HIS C 261 -7.71 16.49 -31.37
C HIS C 261 -6.85 15.77 -30.33
N ILE C 262 -6.12 14.74 -30.75
CA ILE C 262 -5.17 14.05 -29.88
C ILE C 262 -3.98 14.95 -29.54
N LEU C 263 -3.42 15.57 -30.57
CA LEU C 263 -2.21 16.38 -30.43
C LEU C 263 -2.45 17.69 -29.70
N ASP C 264 -3.64 18.25 -29.88
CA ASP C 264 -4.04 19.49 -29.19
C ASP C 264 -3.80 19.42 -27.69
N GLN C 265 -4.00 18.24 -27.10
CA GLN C 265 -3.88 18.06 -25.67
C GLN C 265 -2.71 17.15 -25.29
N ALA C 266 -1.68 17.10 -26.13
CA ALA C 266 -0.53 16.22 -25.92
C ALA C 266 0.70 17.02 -25.49
N PRO C 267 1.13 16.88 -24.22
CA PRO C 267 2.25 17.66 -23.67
C PRO C 267 3.56 17.60 -24.47
N LYS C 268 3.86 16.46 -25.08
CA LYS C 268 5.08 16.32 -25.87
C LYS C 268 4.78 16.27 -27.37
N ALA C 269 3.77 17.02 -27.79
CA ALA C 269 3.42 17.11 -29.20
C ALA C 269 4.49 17.89 -29.97
N ARG C 270 5.04 18.93 -29.35
CA ARG C 270 5.97 19.82 -30.04
C ARG C 270 7.37 19.23 -30.21
N LYS C 271 7.62 18.08 -29.59
CA LYS C 271 8.84 17.33 -29.86
C LYS C 271 8.85 16.78 -31.30
N PHE C 272 7.67 16.47 -31.82
CA PHE C 272 7.52 15.84 -33.15
C PHE C 272 6.75 16.69 -34.18
N PHE C 273 5.72 17.41 -33.74
CA PHE C 273 4.83 18.11 -34.67
C PHE C 273 4.80 19.62 -34.48
N GLU C 274 4.17 20.29 -35.45
CA GLU C 274 4.02 21.75 -35.47
C GLU C 274 2.55 22.12 -35.73
N LYS C 275 2.00 23.02 -34.94
CA LYS C 275 0.64 23.52 -35.18
C LYS C 275 0.69 24.81 -35.99
N LEU C 276 0.09 24.77 -37.17
CA LEU C 276 0.11 25.89 -38.10
C LEU C 276 -0.92 26.96 -37.70
N PRO C 277 -0.83 28.17 -38.29
CA PRO C 277 -1.82 29.23 -38.02
C PRO C 277 -3.27 28.80 -38.26
N ASP C 278 -3.50 28.00 -39.30
CA ASP C 278 -4.84 27.51 -39.65
C ASP C 278 -5.29 26.27 -38.84
N GLY C 279 -4.52 25.90 -37.81
CA GLY C 279 -4.90 24.83 -36.87
C GLY C 279 -4.46 23.41 -37.23
N THR C 280 -3.96 23.22 -38.45
CA THR C 280 -3.54 21.90 -38.93
C THR C 280 -2.16 21.53 -38.35
N TRP C 281 -2.00 20.26 -37.98
CA TRP C 281 -0.74 19.77 -37.42
C TRP C 281 0.13 19.15 -38.52
N ASN C 282 1.41 19.54 -38.56
CA ASN C 282 2.39 18.98 -39.50
C ASN C 282 3.64 18.48 -38.75
N LEU C 283 4.50 17.74 -39.45
CA LEU C 283 5.76 17.23 -38.88
C LEU C 283 6.82 18.33 -38.78
N LYS C 284 7.86 18.09 -37.98
CA LYS C 284 9.07 18.92 -38.00
C LYS C 284 10.23 18.14 -38.63
N LYS C 285 11.45 18.69 -38.53
CA LYS C 285 12.67 17.97 -38.92
C LYS C 285 12.98 16.89 -37.89
N ARG C 291 18.02 11.87 -41.46
CA ARG C 291 17.25 10.76 -42.04
C ARG C 291 15.91 11.26 -42.58
N GLU C 292 15.76 11.25 -43.91
CA GLU C 292 14.53 11.70 -44.58
C GLU C 292 13.49 10.57 -44.66
N TYR C 293 12.22 10.94 -44.58
CA TYR C 293 11.12 9.98 -44.47
C TYR C 293 10.16 10.04 -45.64
N LYS C 294 9.42 8.96 -45.84
CA LYS C 294 8.30 8.92 -46.78
C LYS C 294 7.18 9.85 -46.28
N PRO C 295 6.47 10.52 -47.21
CA PRO C 295 5.38 11.40 -46.78
C PRO C 295 4.32 10.70 -45.91
N PRO C 296 3.77 11.42 -44.91
CA PRO C 296 2.79 10.87 -43.97
C PRO C 296 1.70 9.98 -44.58
N GLY C 297 1.74 8.71 -44.23
CA GLY C 297 0.72 7.75 -44.68
C GLY C 297 0.99 7.05 -46.00
N THR C 298 2.17 7.26 -46.60
CA THR C 298 2.50 6.69 -47.92
C THR C 298 3.34 5.41 -47.89
N ARG C 299 3.89 5.05 -46.73
CA ARG C 299 4.50 3.74 -46.54
C ARG C 299 3.42 2.76 -46.10
N LYS C 300 2.55 2.39 -47.03
CA LYS C 300 1.32 1.66 -46.70
C LYS C 300 1.60 0.24 -46.17
N LEU C 301 0.73 -0.19 -45.26
CA LEU C 301 0.77 -1.53 -44.67
C LEU C 301 0.44 -2.55 -45.75
N HIS C 302 -0.44 -2.15 -46.67
CA HIS C 302 -0.73 -2.88 -47.90
C HIS C 302 0.55 -3.44 -48.57
N ASN C 303 1.60 -2.62 -48.63
CA ASN C 303 2.85 -2.95 -49.32
C ASN C 303 3.87 -3.71 -48.46
N ILE C 304 3.94 -3.38 -47.17
CA ILE C 304 4.86 -4.04 -46.23
C ILE C 304 4.49 -5.51 -46.05
N LEU C 305 3.18 -5.78 -46.02
CA LEU C 305 2.65 -7.16 -45.94
C LEU C 305 2.61 -7.82 -47.30
N GLY C 306 2.50 -7.03 -48.36
CA GLY C 306 2.42 -7.55 -49.73
C GLY C 306 1.10 -8.25 -49.98
N VAL C 307 0.02 -7.60 -49.54
CA VAL C 307 -1.33 -8.16 -49.63
C VAL C 307 -1.62 -8.75 -51.01
N GLU C 308 -1.29 -8.00 -52.07
CA GLU C 308 -1.60 -8.38 -53.44
C GLU C 308 -0.40 -8.93 -54.22
N THR C 309 0.80 -8.87 -53.62
CA THR C 309 1.95 -9.67 -54.08
C THR C 309 1.85 -11.02 -53.35
N GLY C 310 2.91 -11.82 -53.37
CA GLY C 310 2.94 -13.08 -52.63
C GLY C 310 3.52 -12.93 -51.23
N GLY C 311 2.99 -11.97 -50.47
CA GLY C 311 3.47 -11.69 -49.11
C GLY C 311 4.71 -10.80 -49.07
N PRO C 312 5.32 -10.64 -47.88
CA PRO C 312 6.52 -9.82 -47.76
C PRO C 312 7.67 -10.39 -48.57
N GLY C 313 8.02 -9.71 -49.67
CA GLY C 313 9.09 -10.15 -50.56
C GLY C 313 8.69 -11.21 -51.58
N GLY C 314 7.40 -11.52 -51.64
CA GLY C 314 6.87 -12.50 -52.59
C GLY C 314 7.13 -13.96 -52.24
N ARG C 315 7.63 -14.22 -51.03
CA ARG C 315 8.02 -15.58 -50.64
C ARG C 315 6.82 -16.50 -50.34
N ARG C 316 5.64 -15.90 -50.14
CA ARG C 316 4.41 -16.65 -49.85
C ARG C 316 3.47 -16.75 -51.06
N ALA C 317 4.00 -16.54 -52.26
CA ALA C 317 3.20 -16.66 -53.47
C ALA C 317 2.78 -18.12 -53.68
N GLY C 318 1.48 -18.36 -53.79
CA GLY C 318 0.94 -19.71 -54.00
C GLY C 318 1.10 -20.61 -52.78
N GLU C 319 0.53 -20.18 -51.66
CA GLU C 319 0.51 -20.96 -50.42
C GLU C 319 -0.86 -20.94 -49.76
N SER C 320 -1.19 -22.03 -49.05
CA SER C 320 -2.50 -22.19 -48.43
C SER C 320 -2.57 -21.38 -47.14
N GLY C 321 -3.67 -20.64 -46.97
CA GLY C 321 -3.84 -19.74 -45.83
C GLY C 321 -3.19 -18.38 -46.03
N HIS C 322 -2.79 -18.09 -47.27
CA HIS C 322 -2.10 -16.85 -47.63
C HIS C 322 -2.78 -16.15 -48.82
N THR C 323 -4.10 -16.27 -48.90
CA THR C 323 -4.87 -15.64 -49.98
C THR C 323 -4.93 -14.13 -49.76
N VAL C 324 -5.35 -13.40 -50.80
CA VAL C 324 -5.49 -11.94 -50.69
C VAL C 324 -6.57 -11.57 -49.67
N ALA C 325 -7.58 -12.43 -49.52
CA ALA C 325 -8.65 -12.23 -48.53
C ALA C 325 -8.12 -12.42 -47.11
N ASP C 326 -7.25 -13.41 -46.94
CA ASP C 326 -6.58 -13.63 -45.65
C ASP C 326 -5.77 -12.39 -45.25
N TYR C 327 -4.99 -11.86 -46.21
CA TYR C 327 -4.20 -10.66 -45.95
C TYR C 327 -5.06 -9.44 -45.63
N LEU C 328 -6.23 -9.35 -46.27
CA LEU C 328 -7.16 -8.24 -46.00
C LEU C 328 -7.65 -8.27 -44.56
N LYS C 329 -8.07 -9.45 -44.09
CA LYS C 329 -8.54 -9.61 -42.72
C LYS C 329 -7.42 -9.31 -41.72
N PHE C 330 -6.21 -9.78 -42.03
CA PHE C 330 -5.05 -9.59 -41.16
C PHE C 330 -4.62 -8.13 -41.06
N LYS C 331 -4.70 -7.41 -42.18
CA LYS C 331 -4.42 -5.98 -42.20
C LYS C 331 -5.45 -5.23 -41.35
N ASP C 332 -6.72 -5.52 -41.59
CA ASP C 332 -7.84 -4.86 -40.90
C ASP C 332 -7.69 -4.99 -39.38
N LEU C 333 -7.46 -6.21 -38.90
CA LEU C 333 -7.22 -6.44 -37.47
C LEU C 333 -6.08 -5.56 -36.97
N ILE C 334 -4.99 -5.50 -37.74
CA ILE C 334 -3.79 -4.76 -37.34
C ILE C 334 -3.97 -3.24 -37.32
N LEU C 335 -4.62 -2.68 -38.34
CA LEU C 335 -4.93 -1.24 -38.36
C LEU C 335 -5.79 -0.83 -37.16
N ARG C 336 -6.67 -1.72 -36.73
CA ARG C 336 -7.48 -1.50 -35.53
C ARG C 336 -6.61 -1.57 -34.26
N MET C 337 -5.60 -2.44 -34.29
CA MET C 337 -4.60 -2.49 -33.21
C MET C 337 -3.67 -1.28 -33.21
N LEU C 338 -3.52 -0.63 -34.37
CA LEU C 338 -2.63 0.51 -34.54
C LEU C 338 -3.40 1.85 -34.60
N ASP C 339 -4.66 1.82 -34.18
CA ASP C 339 -5.45 3.03 -34.03
C ASP C 339 -4.76 3.97 -33.04
N TYR C 340 -4.53 5.21 -33.45
CA TYR C 340 -3.91 6.23 -32.61
C TYR C 340 -4.70 6.52 -31.33
N ASP C 341 -6.02 6.36 -31.40
CA ASP C 341 -6.89 6.67 -30.28
C ASP C 341 -7.01 5.43 -29.38
N PRO C 342 -6.48 5.51 -28.15
CA PRO C 342 -6.55 4.33 -27.28
C PRO C 342 -7.96 4.04 -26.80
N LYS C 343 -8.86 5.01 -26.94
CA LYS C 343 -10.25 4.83 -26.51
C LYS C 343 -10.99 3.95 -27.49
N THR C 344 -10.75 4.15 -28.78
CA THR C 344 -11.38 3.35 -29.84
C THR C 344 -10.47 2.25 -30.39
N ARG C 345 -9.23 2.17 -29.89
CA ARG C 345 -8.34 1.07 -30.26
C ARG C 345 -9.00 -0.25 -29.86
N ILE C 346 -8.79 -1.29 -30.65
CA ILE C 346 -9.54 -2.53 -30.48
C ILE C 346 -9.20 -3.22 -29.15
N GLN C 347 -10.24 -3.61 -28.42
CA GLN C 347 -10.08 -4.32 -27.16
C GLN C 347 -10.03 -5.80 -27.45
N PRO C 348 -9.28 -6.57 -26.62
CA PRO C 348 -9.17 -8.02 -26.76
C PRO C 348 -10.47 -8.79 -27.04
N TYR C 349 -11.58 -8.43 -26.39
CA TYR C 349 -12.84 -9.16 -26.59
C TYR C 349 -13.31 -9.11 -28.03
N TYR C 350 -13.28 -7.90 -28.61
CA TYR C 350 -13.68 -7.71 -30.01
C TYR C 350 -12.68 -8.40 -30.94
N ALA C 351 -11.39 -8.21 -30.67
CA ALA C 351 -10.31 -8.80 -31.45
C ALA C 351 -10.46 -10.30 -31.65
N LEU C 352 -10.81 -11.01 -30.58
CA LEU C 352 -11.02 -12.46 -30.64
C LEU C 352 -12.15 -12.86 -31.58
N GLN C 353 -13.12 -11.95 -31.76
CA GLN C 353 -14.29 -12.17 -32.61
C GLN C 353 -14.14 -11.56 -34.00
N HIS C 354 -12.91 -11.27 -34.40
CA HIS C 354 -12.63 -10.76 -35.74
C HIS C 354 -12.62 -11.92 -36.73
N SER C 355 -12.86 -11.62 -38.00
CA SER C 355 -12.94 -12.65 -39.04
C SER C 355 -11.59 -13.34 -39.31
N PHE C 356 -10.50 -12.61 -39.13
CA PHE C 356 -9.14 -13.15 -39.31
C PHE C 356 -8.94 -14.46 -38.55
N PHE C 357 -9.53 -14.56 -37.35
CA PHE C 357 -9.54 -15.80 -36.59
C PHE C 357 -10.74 -16.65 -37.00
N LYS D 12 24.17 3.09 -31.10
CA LYS D 12 23.04 2.81 -30.16
C LYS D 12 22.94 3.89 -29.07
N VAL D 13 21.83 4.64 -29.07
CA VAL D 13 21.60 5.69 -28.10
C VAL D 13 20.54 5.30 -27.06
N TYR D 14 20.65 5.85 -25.87
CA TYR D 14 19.72 5.58 -24.79
C TYR D 14 19.06 6.89 -24.37
N ASN D 15 17.74 6.88 -24.18
CA ASN D 15 17.01 8.07 -23.76
C ASN D 15 17.34 9.27 -24.66
N ASP D 16 17.26 9.04 -25.98
CA ASP D 16 17.57 10.05 -27.01
C ASP D 16 18.98 10.61 -26.93
N GLY D 17 19.93 9.82 -26.43
CA GLY D 17 21.32 10.26 -26.28
C GLY D 17 21.69 10.79 -24.90
N TYR D 18 20.70 10.98 -24.03
CA TYR D 18 20.95 11.59 -22.72
C TYR D 18 21.51 10.61 -21.69
N ASP D 19 21.27 9.32 -21.88
CA ASP D 19 21.74 8.30 -20.93
C ASP D 19 22.87 7.43 -21.49
N ASP D 20 23.68 6.87 -20.59
CA ASP D 20 24.63 5.80 -20.97
C ASP D 20 23.88 4.46 -20.90
N ASP D 21 24.58 3.35 -21.09
CA ASP D 21 23.91 2.03 -21.14
C ASP D 21 23.52 1.44 -19.78
N ASN D 22 23.68 2.21 -18.70
CA ASN D 22 23.15 1.85 -17.38
C ASN D 22 21.88 2.63 -17.06
N TYR D 23 21.40 3.39 -18.04
CA TYR D 23 20.34 4.36 -17.83
C TYR D 23 20.66 5.33 -16.69
N ASP D 24 21.96 5.60 -16.53
CA ASP D 24 22.47 6.72 -15.76
C ASP D 24 22.47 7.92 -16.71
N TYR D 25 22.31 9.12 -16.18
CA TYR D 25 22.41 10.34 -16.98
C TYR D 25 23.90 10.63 -17.23
N ILE D 26 24.25 10.90 -18.47
CA ILE D 26 25.64 11.26 -18.81
C ILE D 26 25.87 12.70 -18.38
N VAL D 27 26.60 12.84 -17.28
CA VAL D 27 26.85 14.12 -16.66
C VAL D 27 27.89 14.91 -17.45
N LYS D 28 27.63 16.21 -17.59
CA LYS D 28 28.52 17.11 -18.33
C LYS D 28 28.79 18.35 -17.48
N ASN D 29 30.05 18.53 -17.06
CA ASN D 29 30.42 19.70 -16.26
C ASN D 29 30.05 21.01 -16.95
N GLY D 30 29.30 21.86 -16.25
CA GLY D 30 28.92 23.18 -16.76
C GLY D 30 27.51 23.25 -17.32
N GLU D 31 26.90 22.09 -17.57
CA GLU D 31 25.55 22.04 -18.12
C GLU D 31 24.59 22.83 -17.25
N LYS D 32 23.60 23.44 -17.90
CA LYS D 32 22.65 24.32 -17.25
C LYS D 32 21.25 23.77 -17.49
N TRP D 33 20.57 23.33 -16.42
CA TRP D 33 19.22 22.77 -16.55
C TRP D 33 18.15 23.79 -16.20
N MET D 34 17.16 23.91 -17.08
CA MET D 34 15.96 24.71 -16.81
C MET D 34 16.32 26.14 -16.41
N ASP D 35 17.35 26.69 -17.06
CA ASP D 35 17.84 28.03 -16.80
C ASP D 35 18.08 28.31 -15.31
N ARG D 36 18.52 27.30 -14.58
CA ARG D 36 18.56 27.39 -13.12
C ARG D 36 19.73 26.69 -12.44
N TYR D 37 19.92 25.41 -12.74
CA TYR D 37 20.96 24.63 -12.04
C TYR D 37 22.22 24.52 -12.87
N GLU D 38 23.33 25.02 -12.34
CA GLU D 38 24.60 24.98 -13.04
C GLU D 38 25.42 23.82 -12.51
N ILE D 39 25.53 22.76 -13.31
CA ILE D 39 26.17 21.52 -12.88
C ILE D 39 27.67 21.74 -12.77
N ASP D 40 28.24 21.52 -11.59
CA ASP D 40 29.67 21.74 -11.38
C ASP D 40 30.45 20.48 -11.75
N SER D 41 30.21 19.42 -10.98
CA SER D 41 30.94 18.17 -11.14
C SER D 41 30.21 17.01 -10.48
N LEU D 42 30.67 15.80 -10.80
CA LEU D 42 30.21 14.56 -10.17
C LEU D 42 30.95 14.38 -8.84
N ILE D 43 30.19 14.12 -7.77
CA ILE D 43 30.78 13.90 -6.44
C ILE D 43 30.44 12.56 -5.79
N GLY D 44 29.48 11.82 -6.36
CA GLY D 44 29.08 10.54 -5.78
C GLY D 44 28.44 9.60 -6.79
N LYS D 45 28.59 8.31 -6.53
CA LYS D 45 28.07 7.28 -7.42
C LYS D 45 27.56 6.10 -6.61
N GLY D 46 26.55 5.41 -7.13
CA GLY D 46 26.03 4.20 -6.52
C GLY D 46 25.16 3.48 -7.52
N SER D 47 24.69 2.29 -7.16
CA SER D 47 23.78 1.56 -8.03
C SER D 47 22.50 2.35 -8.29
N PHE D 48 22.12 3.20 -7.34
CA PHE D 48 20.98 4.11 -7.49
C PHE D 48 21.17 5.13 -8.63
N GLY D 49 22.42 5.48 -8.92
CA GLY D 49 22.72 6.54 -9.90
C GLY D 49 23.90 7.41 -9.47
N GLN D 50 23.73 8.72 -9.58
CA GLN D 50 24.82 9.65 -9.32
C GLN D 50 24.37 10.82 -8.44
N VAL D 51 25.35 11.47 -7.81
CA VAL D 51 25.10 12.73 -7.11
C VAL D 51 26.07 13.78 -7.64
N VAL D 52 25.55 14.94 -8.04
CA VAL D 52 26.37 16.02 -8.58
C VAL D 52 26.31 17.28 -7.72
N LYS D 53 27.45 17.98 -7.66
CA LYS D 53 27.55 19.30 -7.07
C LYS D 53 26.97 20.29 -8.07
N ALA D 54 26.11 21.19 -7.61
CA ALA D 54 25.44 22.16 -8.51
C ALA D 54 25.11 23.48 -7.82
N TYR D 55 25.03 24.55 -8.61
CA TYR D 55 24.64 25.85 -8.11
C TYR D 55 23.22 26.17 -8.56
N ASP D 56 22.33 26.41 -7.59
CA ASP D 56 21.00 26.87 -7.88
C ASP D 56 21.05 28.38 -8.07
N ARG D 57 20.96 28.79 -9.34
CA ARG D 57 21.04 30.20 -9.74
C ARG D 57 19.98 31.05 -9.09
N VAL D 58 18.81 30.46 -8.90
CA VAL D 58 17.64 31.15 -8.37
C VAL D 58 17.76 31.44 -6.88
N GLU D 59 17.92 30.38 -6.09
CA GLU D 59 18.05 30.51 -4.64
C GLU D 59 19.44 31.00 -4.23
N GLN D 60 20.40 30.92 -5.15
CA GLN D 60 21.76 31.41 -4.93
C GLN D 60 22.45 30.66 -3.80
N GLU D 61 22.57 29.35 -4.01
CA GLU D 61 23.20 28.44 -3.04
C GLU D 61 23.65 27.18 -3.73
N TRP D 62 24.69 26.54 -3.20
CA TRP D 62 25.11 25.24 -3.67
C TRP D 62 24.13 24.17 -3.21
N VAL D 63 23.82 23.23 -4.11
CA VAL D 63 22.98 22.07 -3.79
C VAL D 63 23.64 20.77 -4.26
N ALA D 64 23.37 19.69 -3.56
CA ALA D 64 23.78 18.37 -4.03
C ALA D 64 22.56 17.71 -4.65
N ILE D 65 22.65 17.34 -5.93
CA ILE D 65 21.53 16.76 -6.69
C ILE D 65 21.69 15.26 -6.91
N LYS D 66 20.80 14.46 -6.32
CA LYS D 66 20.80 13.01 -6.53
C LYS D 66 20.03 12.68 -7.79
N ILE D 67 20.74 12.23 -8.81
CA ILE D 67 20.14 11.86 -10.09
C ILE D 67 19.89 10.37 -10.07
N ILE D 68 18.61 9.99 -9.95
CA ILE D 68 18.24 8.58 -9.89
C ILE D 68 18.21 8.01 -11.31
N LYS D 69 18.73 6.80 -11.48
CA LYS D 69 18.71 6.14 -12.78
C LYS D 69 17.31 6.10 -13.38
N ASN D 70 17.26 6.13 -14.71
CA ASN D 70 16.04 6.05 -15.50
C ASN D 70 15.62 4.58 -15.63
N LYS D 71 15.16 4.02 -14.52
CA LYS D 71 14.90 2.60 -14.44
C LYS D 71 13.98 2.31 -13.26
N LYS D 72 12.86 1.66 -13.56
CA LYS D 72 11.78 1.36 -12.61
C LYS D 72 12.23 1.13 -11.18
N ALA D 73 13.11 0.17 -11.00
CA ALA D 73 13.53 -0.27 -9.67
C ALA D 73 14.06 0.87 -8.83
N PHE D 74 14.92 1.69 -9.40
CA PHE D 74 15.57 2.77 -8.65
C PHE D 74 14.63 3.96 -8.46
N LEU D 75 13.77 4.18 -9.43
CA LEU D 75 12.77 5.22 -9.31
C LEU D 75 11.81 4.89 -8.17
N ASN D 76 11.32 3.65 -8.11
CA ASN D 76 10.45 3.20 -7.01
C ASN D 76 11.13 3.26 -5.66
N GLN D 77 12.39 2.82 -5.59
CA GLN D 77 13.18 2.98 -4.37
C GLN D 77 13.26 4.47 -3.98
N ALA D 78 13.51 5.35 -4.95
CA ALA D 78 13.68 6.78 -4.67
C ALA D 78 12.36 7.46 -4.28
N GLN D 79 11.24 7.00 -4.82
CA GLN D 79 9.93 7.51 -4.43
C GLN D 79 9.65 7.20 -2.95
N ILE D 80 10.15 6.07 -2.46
CA ILE D 80 10.04 5.73 -1.04
C ILE D 80 10.92 6.68 -0.22
N GLU D 81 12.17 6.83 -0.65
CA GLU D 81 13.11 7.76 -0.03
C GLU D 81 12.51 9.18 0.08
N VAL D 82 11.85 9.63 -0.98
CA VAL D 82 11.20 10.94 -1.02
C VAL D 82 10.07 11.02 0.00
N ARG D 83 9.28 9.96 0.11
CA ARG D 83 8.20 9.95 1.08
C ARG D 83 8.73 9.98 2.52
N LEU D 84 9.85 9.29 2.78
CA LEU D 84 10.47 9.35 4.11
C LEU D 84 10.93 10.77 4.43
N LEU D 85 11.69 11.37 3.50
CA LEU D 85 12.24 12.71 3.69
C LEU D 85 11.16 13.75 3.94
N GLU D 86 10.09 13.71 3.15
CA GLU D 86 8.96 14.65 3.34
C GLU D 86 8.16 14.40 4.63
N LEU D 87 8.21 13.18 5.14
CA LEU D 87 7.61 12.87 6.43
C LEU D 87 8.44 13.55 7.53
N MET D 88 9.76 13.56 7.38
CA MET D 88 10.64 14.20 8.35
C MET D 88 10.55 15.74 8.29
N ASN D 89 10.07 16.28 7.17
CA ASN D 89 9.88 17.73 7.02
C ASN D 89 8.80 18.29 7.95
N LYS D 90 7.70 17.55 8.06
CA LYS D 90 6.48 18.03 8.72
C LYS D 90 6.62 18.37 10.21
N HIS D 91 7.31 17.50 10.94
CA HIS D 91 7.24 17.52 12.40
C HIS D 91 7.99 18.69 13.03
N ASP D 92 7.25 19.73 13.43
CA ASP D 92 7.85 20.94 14.01
C ASP D 92 8.60 20.67 15.32
N THR D 93 9.90 20.43 15.18
CA THR D 93 10.84 20.33 16.29
C THR D 93 12.22 20.78 15.78
N GLU D 94 13.16 21.01 16.69
CA GLU D 94 14.53 21.35 16.32
C GLU D 94 15.38 20.10 16.03
N MET D 95 14.81 18.93 16.30
CA MET D 95 15.51 17.65 16.13
C MET D 95 15.71 17.28 14.65
N LYS D 96 14.78 17.70 13.79
CA LYS D 96 14.84 17.38 12.36
C LYS D 96 15.96 18.10 11.61
N TYR D 97 16.64 19.03 12.28
CA TYR D 97 17.78 19.74 11.68
C TYR D 97 19.08 18.92 11.70
N TYR D 98 19.09 17.77 12.35
CA TYR D 98 20.22 16.83 12.26
C TYR D 98 20.05 15.83 11.11
N ILE D 99 18.99 16.01 10.32
CA ILE D 99 18.79 15.26 9.09
C ILE D 99 19.05 16.19 7.89
N VAL D 100 19.90 15.77 6.98
CA VAL D 100 20.17 16.55 5.78
C VAL D 100 18.87 16.76 5.01
N HIS D 101 18.56 18.02 4.72
CA HIS D 101 17.26 18.40 4.17
C HIS D 101 17.11 18.14 2.67
N LEU D 102 15.96 17.60 2.27
CA LEU D 102 15.53 17.59 0.88
C LEU D 102 14.75 18.87 0.60
N LYS D 103 15.29 19.70 -0.28
CA LYS D 103 14.68 20.99 -0.59
C LYS D 103 13.55 20.88 -1.59
N ARG D 104 13.72 20.02 -2.60
CA ARG D 104 12.69 19.78 -3.61
C ARG D 104 13.09 18.60 -4.49
N HIS D 105 12.14 18.10 -5.27
CA HIS D 105 12.43 17.05 -6.26
C HIS D 105 11.65 17.29 -7.56
N PHE D 106 12.25 16.90 -8.69
CA PHE D 106 11.63 17.11 -10.00
C PHE D 106 12.10 16.06 -11.00
N MET D 107 11.26 15.80 -12.00
CA MET D 107 11.64 14.96 -13.14
C MET D 107 12.39 15.79 -14.16
N PHE D 108 13.48 15.27 -14.70
CA PHE D 108 14.27 15.99 -15.70
C PHE D 108 14.88 15.01 -16.69
N ARG D 109 14.46 15.10 -17.94
CA ARG D 109 14.94 14.19 -18.98
C ARG D 109 14.81 12.74 -18.50
N ASN D 110 13.59 12.40 -18.08
CA ASN D 110 13.21 11.07 -17.60
C ASN D 110 13.98 10.56 -16.35
N HIS D 111 14.50 11.49 -15.55
CA HIS D 111 15.20 11.14 -14.32
C HIS D 111 14.57 11.82 -13.11
N LEU D 112 14.33 11.06 -12.05
CA LEU D 112 13.94 11.66 -10.77
C LEU D 112 15.18 12.27 -10.12
N CYS D 113 15.06 13.56 -9.78
CA CYS D 113 16.17 14.30 -9.19
C CYS D 113 15.81 14.77 -7.79
N LEU D 114 16.67 14.47 -6.81
CA LEU D 114 16.46 14.96 -5.46
C LEU D 114 17.47 16.07 -5.12
N VAL D 115 16.96 17.25 -4.73
CA VAL D 115 17.81 18.39 -4.41
C VAL D 115 17.99 18.52 -2.88
N PHE D 116 19.21 18.28 -2.42
CA PHE D 116 19.50 18.35 -0.97
C PHE D 116 20.31 19.59 -0.69
N GLU D 117 20.30 20.04 0.56
CA GLU D 117 21.27 21.05 1.01
C GLU D 117 22.64 20.40 0.89
N MET D 118 23.67 21.20 0.66
CA MET D 118 25.01 20.65 0.47
C MET D 118 25.89 20.96 1.66
N LEU D 119 26.50 19.90 2.18
CA LEU D 119 27.45 19.99 3.28
C LEU D 119 28.86 19.70 2.76
N SER D 120 29.86 20.10 3.55
CA SER D 120 31.25 20.10 3.14
C SER D 120 31.76 18.69 2.92
N TYR D 121 31.78 17.89 3.99
CA TYR D 121 32.24 16.51 3.90
C TYR D 121 31.86 15.67 5.12
N ASN D 122 32.15 14.37 5.05
CA ASN D 122 31.67 13.42 6.06
C ASN D 122 32.69 13.12 7.14
N LEU D 123 32.29 12.32 8.13
CA LEU D 123 33.17 11.98 9.25
C LEU D 123 34.30 11.02 8.86
N TYR D 124 34.15 10.30 7.75
CA TYR D 124 35.26 9.48 7.25
C TYR D 124 36.38 10.38 6.71
N ASP D 125 36.00 11.41 5.94
CA ASP D 125 36.97 12.37 5.43
C ASP D 125 37.70 13.04 6.59
N LEU D 126 36.95 13.39 7.62
CA LEU D 126 37.51 13.96 8.84
C LEU D 126 38.51 13.02 9.51
N LEU D 127 38.18 11.72 9.54
CA LEU D 127 39.06 10.72 10.16
C LEU D 127 40.36 10.53 9.38
N ARG D 128 40.28 10.57 8.06
CA ARG D 128 41.46 10.48 7.20
C ARG D 128 42.38 11.70 7.35
N ASN D 129 41.78 12.87 7.61
CA ASN D 129 42.53 14.09 7.89
C ASN D 129 43.35 14.00 9.18
N THR D 130 42.87 13.21 10.15
CA THR D 130 43.63 12.90 11.36
C THR D 130 44.51 11.66 11.17
N ASN D 131 44.78 11.29 9.91
CA ASN D 131 45.50 10.07 9.59
C ASN D 131 45.04 8.89 10.45
N PHE D 132 43.71 8.78 10.58
CA PHE D 132 43.06 7.68 11.29
C PHE D 132 43.53 7.43 12.73
N ARG D 133 43.78 8.51 13.47
CA ARG D 133 44.15 8.42 14.88
C ARG D 133 43.03 8.93 15.79
N GLY D 134 42.01 9.56 15.20
CA GLY D 134 40.79 9.91 15.90
C GLY D 134 40.71 11.37 16.27
N VAL D 135 39.56 11.78 16.80
CA VAL D 135 39.37 13.13 17.30
C VAL D 135 39.32 13.09 18.83
N SER D 136 39.27 14.28 19.45
CA SER D 136 39.21 14.38 20.90
C SER D 136 37.89 13.84 21.47
N LEU D 137 37.90 13.53 22.76
CA LEU D 137 36.70 13.04 23.43
C LEU D 137 35.63 14.16 23.54
N ASN D 138 36.07 15.42 23.61
CA ASN D 138 35.14 16.55 23.65
C ASN D 138 34.36 16.71 22.35
N LEU D 139 35.03 16.47 21.21
CA LEU D 139 34.36 16.49 19.91
C LEU D 139 33.47 15.25 19.73
N THR D 140 34.00 14.08 20.11
CA THR D 140 33.25 12.83 20.03
C THR D 140 31.97 12.90 20.87
N ARG D 141 32.02 13.64 21.97
CA ARG D 141 30.85 13.86 22.82
C ARG D 141 29.78 14.71 22.13
N LYS D 142 30.20 15.74 21.39
CA LYS D 142 29.25 16.58 20.65
C LYS D 142 28.64 15.82 19.47
N PHE D 143 29.42 14.94 18.86
CA PHE D 143 28.88 14.07 17.82
C PHE D 143 27.83 13.16 18.43
N ALA D 144 28.22 12.45 19.48
CA ALA D 144 27.34 11.54 20.20
C ALA D 144 26.00 12.15 20.55
N GLN D 145 26.04 13.38 21.07
CA GLN D 145 24.84 14.08 21.53
C GLN D 145 23.96 14.46 20.37
N GLN D 146 24.57 14.94 19.31
CA GLN D 146 23.84 15.28 18.10
C GLN D 146 23.20 14.02 17.50
N MET D 147 23.99 12.96 17.40
CA MET D 147 23.51 11.69 16.84
C MET D 147 22.34 11.10 17.62
N CYS D 148 22.43 11.14 18.95
CA CYS D 148 21.37 10.60 19.80
C CYS D 148 20.08 11.39 19.60
N THR D 149 20.21 12.71 19.54
CA THR D 149 19.05 13.58 19.31
C THR D 149 18.35 13.26 17.99
N ALA D 150 19.13 12.90 16.98
CA ALA D 150 18.58 12.47 15.70
C ALA D 150 17.83 11.16 15.84
N LEU D 151 18.45 10.19 16.50
CA LEU D 151 17.85 8.89 16.69
C LEU D 151 16.56 8.96 17.51
N LEU D 152 16.45 9.96 18.38
CA LEU D 152 15.23 10.22 19.14
C LEU D 152 14.16 10.74 18.19
N PHE D 153 14.58 11.63 17.29
CA PHE D 153 13.69 12.16 16.26
C PHE D 153 13.09 11.06 15.37
N LEU D 154 13.91 10.13 14.91
CA LEU D 154 13.46 9.01 14.07
C LEU D 154 12.58 8.06 14.88
N ALA D 155 12.80 8.04 16.19
CA ALA D 155 12.02 7.18 17.07
C ALA D 155 10.66 7.77 17.41
N THR D 156 10.33 8.98 16.94
CA THR D 156 9.00 9.51 17.18
C THR D 156 8.05 8.49 16.55
N PRO D 157 7.00 8.09 17.29
CA PRO D 157 6.19 6.92 16.89
C PRO D 157 5.61 7.00 15.48
N GLU D 158 5.21 8.20 15.04
CA GLU D 158 4.62 8.40 13.71
C GLU D 158 5.67 8.28 12.60
N LEU D 159 6.94 8.36 12.97
CA LEU D 159 8.03 8.17 12.05
C LEU D 159 8.51 6.72 12.14
N SER D 160 9.05 6.36 13.30
CA SER D 160 9.58 5.01 13.53
C SER D 160 10.48 4.59 12.38
N ILE D 161 11.36 5.49 11.98
CA ILE D 161 12.27 5.25 10.86
C ILE D 161 13.57 4.62 11.34
N ILE D 162 14.04 3.62 10.61
CA ILE D 162 15.37 3.03 10.83
C ILE D 162 16.27 3.45 9.68
N HIS D 163 17.31 4.24 9.97
CA HIS D 163 18.23 4.67 8.92
C HIS D 163 18.81 3.47 8.19
N CYS D 164 19.24 2.48 8.96
CA CYS D 164 19.57 1.12 8.46
C CYS D 164 20.99 0.99 7.84
N ASP D 165 21.76 2.07 7.85
CA ASP D 165 23.12 2.06 7.28
C ASP D 165 23.98 3.22 7.81
N LEU D 166 23.95 3.44 9.13
CA LEU D 166 24.80 4.46 9.74
C LEU D 166 26.27 4.07 9.68
N LYS D 167 27.11 5.03 9.32
CA LYS D 167 28.54 4.85 9.29
C LYS D 167 29.17 6.23 9.13
N PRO D 168 30.49 6.36 9.40
CA PRO D 168 31.12 7.68 9.31
C PRO D 168 30.88 8.39 7.97
N GLU D 169 30.81 7.64 6.88
CA GLU D 169 30.64 8.25 5.56
C GLU D 169 29.23 8.80 5.32
N ASN D 170 28.26 8.44 6.17
CA ASN D 170 26.89 8.97 6.09
C ASN D 170 26.55 10.02 7.15
N ILE D 171 27.55 10.48 7.91
CA ILE D 171 27.38 11.63 8.80
C ILE D 171 28.17 12.78 8.18
N LEU D 172 27.48 13.79 7.69
CA LEU D 172 28.13 14.94 7.04
C LEU D 172 28.34 16.10 8.01
N LEU D 173 29.41 16.86 7.79
CA LEU D 173 29.71 18.07 8.57
C LEU D 173 29.21 19.30 7.84
N CYS D 174 28.55 20.21 8.57
CA CYS D 174 28.16 21.50 8.01
C CYS D 174 29.40 22.29 7.62
N ASN D 175 30.34 22.39 8.56
CA ASN D 175 31.51 23.25 8.40
C ASN D 175 32.78 22.52 8.83
N PRO D 176 33.87 22.67 8.07
CA PRO D 176 35.17 22.14 8.49
C PRO D 176 35.51 22.47 9.95
N LYS D 177 35.31 23.72 10.34
CA LYS D 177 35.61 24.20 11.68
C LYS D 177 34.68 23.56 12.73
N ARG D 178 33.39 23.85 12.61
CA ARG D 178 32.42 23.51 13.66
C ARG D 178 32.12 22.01 13.73
N SER D 179 31.48 21.62 14.83
CA SER D 179 31.12 20.23 15.13
C SER D 179 29.71 19.83 14.68
N ALA D 180 28.94 20.78 14.15
CA ALA D 180 27.57 20.51 13.72
C ALA D 180 27.55 19.44 12.63
N ILE D 181 26.69 18.44 12.78
CA ILE D 181 26.63 17.32 11.83
C ILE D 181 25.20 16.96 11.44
N LYS D 182 25.04 16.32 10.30
CA LYS D 182 23.74 15.86 9.83
C LYS D 182 23.83 14.48 9.19
N ILE D 183 22.78 13.67 9.37
CA ILE D 183 22.69 12.31 8.80
C ILE D 183 22.20 12.34 7.35
N VAL D 184 22.89 11.63 6.45
CA VAL D 184 22.48 11.53 5.03
C VAL D 184 22.13 10.12 4.60
N ASP D 185 21.46 10.08 3.45
CA ASP D 185 21.12 8.86 2.73
C ASP D 185 20.16 7.98 3.50
N PHE D 186 18.88 8.30 3.34
CA PHE D 186 17.78 7.45 3.75
C PHE D 186 17.23 6.66 2.56
N GLY D 187 18.09 6.36 1.58
CA GLY D 187 17.69 5.68 0.36
C GLY D 187 17.60 4.18 0.55
N SER D 188 18.35 3.64 1.51
CA SER D 188 18.24 2.23 1.87
C SER D 188 17.70 2.11 3.29
N SER D 189 16.67 2.89 3.60
CA SER D 189 16.13 2.97 4.95
C SER D 189 14.93 2.06 5.19
N CYS D 190 15.21 0.98 5.91
CA CYS D 190 14.22 0.17 6.60
C CYS D 190 13.22 1.09 7.35
N GLN D 191 11.98 0.64 7.49
CA GLN D 191 11.03 1.33 8.37
C GLN D 191 10.45 0.29 9.33
N LEU D 192 9.99 0.73 10.49
CA LEU D 192 9.59 -0.23 11.53
C LEU D 192 8.33 -0.95 11.07
N GLY D 193 8.38 -2.28 11.15
CA GLY D 193 7.24 -3.11 10.80
C GLY D 193 7.61 -4.56 10.60
N GLN D 194 6.84 -5.23 9.75
CA GLN D 194 7.07 -6.65 9.43
C GLN D 194 8.37 -6.77 8.64
N ARG D 195 9.13 -7.83 8.94
CA ARG D 195 10.44 -8.07 8.31
C ARG D 195 10.35 -8.47 6.83
N ILE D 196 10.95 -7.65 5.97
CA ILE D 196 11.11 -8.00 4.55
C ILE D 196 12.58 -8.19 4.15
N TYR D 197 13.49 -7.60 4.92
CA TYR D 197 14.94 -7.63 4.62
C TYR D 197 15.69 -8.34 5.72
N GLN D 198 16.70 -9.12 5.36
CA GLN D 198 17.57 -9.75 6.35
C GLN D 198 19.05 -9.41 6.24
N PTR D 199 19.52 -9.09 5.03
CA PTR D 199 20.90 -8.65 4.82
C PTR D 199 20.93 -7.14 4.74
O PTR D 199 20.71 -6.57 3.67
CB PTR D 199 21.37 -9.24 3.49
CG PTR D 199 22.84 -9.17 3.21
CD1 PTR D 199 23.70 -10.03 3.88
CD2 PTR D 199 23.32 -8.28 2.24
CE1 PTR D 199 25.06 -9.99 3.59
CE2 PTR D 199 24.68 -8.24 1.96
CZ PTR D 199 25.54 -9.10 2.66
OH PTR D 199 26.87 -9.10 2.38
P PTR D 199 27.97 -8.18 3.09
O1P PTR D 199 27.38 -6.78 3.10
O2P PTR D 199 28.17 -8.90 4.41
O3P PTR D 199 29.13 -8.27 2.13
N ILE D 200 21.21 -6.50 5.87
CA ILE D 200 21.13 -5.07 6.00
C ILE D 200 22.24 -4.53 6.90
N GLN D 201 22.50 -3.22 6.77
CA GLN D 201 23.60 -2.51 7.46
C GLN D 201 24.94 -2.87 6.84
N SER D 202 25.85 -1.89 6.77
CA SER D 202 27.23 -2.14 6.35
C SER D 202 27.90 -3.06 7.37
N ARG D 203 28.68 -4.02 6.89
CA ARG D 203 29.13 -5.13 7.73
C ARG D 203 29.76 -4.72 9.06
N PHE D 204 30.61 -3.69 9.04
CA PHE D 204 31.31 -3.26 10.24
C PHE D 204 30.34 -2.78 11.32
N TYR D 205 29.23 -2.18 10.90
CA TYR D 205 28.27 -1.53 11.82
C TYR D 205 27.01 -2.38 11.99
N ARG D 206 27.12 -3.65 11.64
CA ARG D 206 25.97 -4.54 11.64
C ARG D 206 25.74 -5.14 13.02
N SER D 207 24.49 -5.10 13.47
CA SER D 207 24.12 -5.49 14.81
C SER D 207 24.05 -7.01 14.98
N PRO D 208 24.11 -7.50 16.23
CA PRO D 208 24.14 -8.94 16.46
C PRO D 208 22.84 -9.62 16.04
N GLU D 209 21.71 -8.97 16.31
CA GLU D 209 20.41 -9.53 15.94
C GLU D 209 20.27 -9.74 14.43
N VAL D 210 20.86 -8.85 13.63
CA VAL D 210 20.86 -9.03 12.18
C VAL D 210 21.79 -10.18 11.78
N LEU D 211 22.96 -10.27 12.38
CA LEU D 211 23.85 -11.40 12.10
C LEU D 211 23.19 -12.71 12.50
N LEU D 212 22.50 -12.72 13.64
CA LEU D 212 21.83 -13.93 14.14
C LEU D 212 20.48 -14.22 13.48
N GLY D 213 20.03 -13.31 12.61
CA GLY D 213 18.78 -13.52 11.88
C GLY D 213 17.55 -13.42 12.75
N MET D 214 17.59 -12.52 13.72
CA MET D 214 16.52 -12.35 14.69
C MET D 214 15.67 -11.14 14.32
N PRO D 215 14.51 -10.97 14.96
CA PRO D 215 13.80 -9.71 14.78
C PRO D 215 14.65 -8.51 15.13
N TYR D 216 14.39 -7.40 14.44
CA TYR D 216 15.12 -6.18 14.66
C TYR D 216 14.20 -4.99 14.60
N ASP D 217 14.67 -3.87 15.13
CA ASP D 217 13.86 -2.68 15.20
C ASP D 217 14.82 -1.49 15.23
N LEU D 218 14.38 -0.33 15.72
CA LEU D 218 15.22 0.87 15.70
C LEU D 218 16.55 0.73 16.45
N ALA D 219 16.63 -0.21 17.39
CA ALA D 219 17.86 -0.38 18.18
C ALA D 219 19.11 -0.74 17.38
N ILE D 220 18.95 -1.24 16.15
CA ILE D 220 20.13 -1.54 15.30
C ILE D 220 20.90 -0.28 14.94
N ASP D 221 20.21 0.85 14.86
CA ASP D 221 20.88 2.13 14.58
C ASP D 221 21.73 2.53 15.79
N MET D 222 21.23 2.24 16.99
CA MET D 222 21.93 2.57 18.22
C MET D 222 23.20 1.73 18.36
N TRP D 223 23.14 0.50 17.85
CA TRP D 223 24.31 -0.37 17.83
C TRP D 223 25.40 0.23 16.93
N SER D 224 25.02 0.54 15.69
CA SER D 224 25.90 1.20 14.75
C SER D 224 26.53 2.43 15.37
N LEU D 225 25.71 3.29 15.96
CA LEU D 225 26.23 4.50 16.62
C LEU D 225 27.35 4.16 17.60
N GLY D 226 27.13 3.13 18.42
CA GLY D 226 28.15 2.68 19.37
C GLY D 226 29.48 2.39 18.70
N CYS D 227 29.43 1.66 17.59
CA CYS D 227 30.63 1.36 16.82
C CYS D 227 31.24 2.65 16.24
N ILE D 228 30.38 3.53 15.75
CA ILE D 228 30.84 4.76 15.13
C ILE D 228 31.57 5.68 16.12
N LEU D 229 31.09 5.74 17.37
CA LEU D 229 31.65 6.63 18.37
C LEU D 229 33.02 6.19 18.86
N VAL D 230 33.21 4.89 19.03
CA VAL D 230 34.54 4.35 19.31
C VAL D 230 35.46 4.69 18.15
N GLU D 231 35.03 4.32 16.94
CA GLU D 231 35.80 4.60 15.72
C GLU D 231 36.15 6.07 15.56
N MET D 232 35.24 6.94 16.01
CA MET D 232 35.44 8.38 15.87
C MET D 232 36.57 8.84 16.79
N HIS D 233 36.63 8.24 17.97
CA HIS D 233 37.66 8.57 18.97
C HIS D 233 38.99 7.85 18.77
N THR D 234 38.97 6.59 18.33
CA THR D 234 40.22 5.81 18.13
C THR D 234 40.81 6.03 16.75
N GLY D 235 39.95 6.31 15.78
CA GLY D 235 40.37 6.43 14.38
C GLY D 235 40.00 5.21 13.55
N GLU D 236 40.13 4.02 14.13
CA GLU D 236 39.93 2.76 13.41
C GLU D 236 38.58 2.12 13.77
N PRO D 237 37.95 1.44 12.79
CA PRO D 237 36.69 0.79 13.11
C PRO D 237 36.85 -0.26 14.21
N LEU D 238 35.83 -0.38 15.06
CA LEU D 238 35.86 -1.25 16.21
C LEU D 238 35.85 -2.73 15.83
N PHE D 239 35.01 -3.08 14.87
CA PHE D 239 34.77 -4.47 14.46
C PHE D 239 34.88 -4.59 12.94
N SER D 240 36.08 -4.86 12.44
CA SER D 240 36.33 -4.86 10.98
C SER D 240 36.23 -6.27 10.39
N GLY D 241 35.00 -6.78 10.29
CA GLY D 241 34.77 -8.09 9.72
C GLY D 241 35.03 -8.13 8.22
N ALA D 242 35.90 -9.06 7.80
CA ALA D 242 36.11 -9.32 6.39
C ALA D 242 34.90 -10.05 5.82
N ASN D 243 34.30 -10.88 6.65
CA ASN D 243 33.03 -11.57 6.32
C ASN D 243 32.17 -11.65 7.58
N GLU D 244 31.00 -12.27 7.49
CA GLU D 244 30.09 -12.30 8.63
C GLU D 244 30.61 -13.12 9.82
N VAL D 245 31.24 -14.25 9.57
CA VAL D 245 31.83 -15.05 10.66
C VAL D 245 32.92 -14.25 11.39
N ASP D 246 33.79 -13.60 10.62
CA ASP D 246 34.83 -12.75 11.19
C ASP D 246 34.22 -11.60 11.98
N GLN D 247 33.11 -11.08 11.49
CA GLN D 247 32.40 -9.99 12.16
C GLN D 247 31.94 -10.40 13.54
N MET D 248 31.31 -11.58 13.65
CA MET D 248 30.80 -12.03 14.95
C MET D 248 31.93 -12.39 15.92
N ASN D 249 33.00 -12.96 15.41
CA ASN D 249 34.13 -13.29 16.27
C ASN D 249 34.76 -12.02 16.82
N LYS D 250 34.81 -10.99 15.99
CA LYS D 250 35.37 -9.71 16.41
C LYS D 250 34.51 -9.01 17.47
N ILE D 251 33.20 -9.11 17.33
CA ILE D 251 32.29 -8.63 18.36
C ILE D 251 32.52 -9.42 19.65
N VAL D 252 32.63 -10.74 19.54
CA VAL D 252 32.80 -11.61 20.71
C VAL D 252 34.09 -11.27 21.49
N GLU D 253 35.18 -11.04 20.77
CA GLU D 253 36.46 -10.63 21.38
C GLU D 253 36.29 -9.53 22.44
N VAL D 254 35.45 -8.55 22.13
CA VAL D 254 35.23 -7.43 23.03
C VAL D 254 34.15 -7.70 24.08
N LEU D 255 33.05 -8.36 23.67
CA LEU D 255 31.85 -8.50 24.52
C LEU D 255 31.53 -9.92 24.95
N GLY D 256 32.38 -10.87 24.61
CA GLY D 256 32.16 -12.26 24.97
C GLY D 256 31.00 -12.94 24.26
N ILE D 257 30.72 -14.17 24.69
CA ILE D 257 29.68 -14.98 24.10
C ILE D 257 28.36 -14.27 24.39
N PRO D 258 27.48 -14.19 23.38
CA PRO D 258 26.18 -13.58 23.63
C PRO D 258 25.34 -14.47 24.54
N PRO D 259 24.46 -13.87 25.36
CA PRO D 259 23.65 -14.61 26.33
C PRO D 259 22.94 -15.81 25.73
N ALA D 260 22.93 -16.93 26.46
CA ALA D 260 22.35 -18.19 25.94
C ALA D 260 20.89 -18.05 25.51
N HIS D 261 20.12 -17.25 26.25
CA HIS D 261 18.73 -17.05 25.92
C HIS D 261 18.53 -16.48 24.50
N ILE D 262 19.41 -15.59 24.09
CA ILE D 262 19.38 -15.06 22.71
C ILE D 262 19.70 -16.17 21.71
N LEU D 263 20.81 -16.88 21.93
CA LEU D 263 21.29 -17.87 20.97
C LEU D 263 20.31 -19.01 20.77
N ASP D 264 19.71 -19.48 21.86
CA ASP D 264 18.69 -20.54 21.78
C ASP D 264 17.55 -20.18 20.81
N GLN D 265 17.21 -18.89 20.71
CA GLN D 265 16.16 -18.43 19.79
C GLN D 265 16.65 -18.09 18.37
N ALA D 266 17.97 -17.92 18.18
CA ALA D 266 18.52 -17.40 16.91
C ALA D 266 18.55 -18.43 15.76
N PRO D 267 17.84 -18.14 14.65
CA PRO D 267 17.87 -19.09 13.51
C PRO D 267 19.28 -19.38 12.98
N LYS D 268 20.18 -18.41 13.04
CA LYS D 268 21.54 -18.55 12.50
C LYS D 268 22.62 -18.64 13.58
N ALA D 269 22.22 -19.05 14.79
CA ALA D 269 23.17 -19.24 15.90
C ALA D 269 24.30 -20.19 15.51
N ARG D 270 23.96 -21.27 14.81
CA ARG D 270 24.92 -22.32 14.48
C ARG D 270 25.85 -21.95 13.32
N LYS D 271 25.76 -20.73 12.82
CA LYS D 271 26.72 -20.24 11.84
C LYS D 271 28.03 -19.84 12.53
N PHE D 272 27.90 -19.35 13.76
CA PHE D 272 29.05 -18.86 14.54
C PHE D 272 29.33 -19.68 15.80
N PHE D 273 28.28 -20.26 16.39
CA PHE D 273 28.39 -20.93 17.69
C PHE D 273 27.92 -22.38 17.64
N GLU D 274 28.25 -23.14 18.70
CA GLU D 274 27.78 -24.52 18.87
C GLU D 274 27.34 -24.75 20.31
N LYS D 275 26.24 -25.49 20.46
CA LYS D 275 25.61 -25.74 21.76
C LYS D 275 26.20 -27.00 22.39
N LEU D 276 26.78 -26.86 23.57
CA LEU D 276 27.33 -27.99 24.32
C LEU D 276 26.19 -28.86 24.89
N PRO D 277 26.52 -30.09 25.37
CA PRO D 277 25.48 -30.94 25.98
C PRO D 277 24.81 -30.29 27.19
N ASP D 278 25.58 -29.55 27.97
CA ASP D 278 25.10 -28.93 29.21
C ASP D 278 24.43 -27.55 29.00
N GLY D 279 23.96 -27.28 27.79
CA GLY D 279 23.25 -26.03 27.49
C GLY D 279 24.14 -24.88 27.04
N THR D 280 25.39 -24.89 27.50
CA THR D 280 26.37 -23.84 27.20
C THR D 280 26.63 -23.67 25.69
N TRP D 281 26.90 -22.43 25.27
CA TRP D 281 27.23 -22.11 23.89
C TRP D 281 28.69 -21.69 23.79
N ASN D 282 29.38 -22.20 22.77
CA ASN D 282 30.78 -21.84 22.48
C ASN D 282 30.97 -21.46 21.03
N LEU D 283 32.09 -20.82 20.72
CA LEU D 283 32.45 -20.50 19.34
C LEU D 283 32.84 -21.77 18.58
N LYS D 284 32.37 -21.88 17.33
CA LYS D 284 32.95 -22.82 16.39
C LYS D 284 34.29 -22.26 15.95
N LYS D 285 35.17 -23.11 15.41
CA LYS D 285 36.41 -22.62 14.80
C LYS D 285 36.21 -22.44 13.29
N TYR D 293 41.90 -15.57 17.16
CA TYR D 293 41.14 -14.56 17.89
C TYR D 293 41.49 -14.51 19.37
N LYS D 294 41.43 -13.31 19.93
CA LYS D 294 41.54 -13.09 21.36
C LYS D 294 40.36 -13.82 22.01
N PRO D 295 40.61 -14.59 23.09
CA PRO D 295 39.54 -15.32 23.76
C PRO D 295 38.32 -14.48 24.12
N PRO D 296 37.14 -15.10 24.16
CA PRO D 296 35.90 -14.37 24.40
C PRO D 296 36.02 -13.28 25.48
N GLY D 297 35.68 -12.05 25.11
CA GLY D 297 35.59 -10.93 26.05
C GLY D 297 36.90 -10.37 26.57
N THR D 298 38.04 -10.82 26.03
CA THR D 298 39.35 -10.39 26.53
C THR D 298 39.90 -9.12 25.91
N ARG D 299 39.29 -8.66 24.81
CA ARG D 299 39.69 -7.40 24.21
C ARG D 299 38.89 -6.27 24.85
N LYS D 300 39.27 -5.94 26.08
CA LYS D 300 38.51 -4.99 26.87
C LYS D 300 38.43 -3.64 26.16
N LEU D 301 37.21 -3.11 26.09
CA LEU D 301 36.96 -1.77 25.56
C LEU D 301 37.77 -0.74 26.35
N HIS D 302 37.87 -1.00 27.66
CA HIS D 302 38.76 -0.31 28.58
C HIS D 302 40.18 -0.14 28.00
N ASN D 303 40.71 -1.20 27.39
CA ASN D 303 42.01 -1.14 26.72
C ASN D 303 41.96 -0.42 25.38
N ILE D 304 40.93 -0.69 24.60
CA ILE D 304 40.78 -0.07 23.27
C ILE D 304 40.75 1.46 23.40
N LEU D 305 39.96 1.94 24.35
CA LEU D 305 39.83 3.37 24.60
C LEU D 305 41.04 3.97 25.33
N GLY D 306 41.79 3.14 26.04
CA GLY D 306 42.96 3.59 26.80
C GLY D 306 42.50 4.43 27.98
N VAL D 307 41.58 3.87 28.76
CA VAL D 307 40.90 4.58 29.85
C VAL D 307 41.90 5.07 30.91
N GLU D 308 42.84 4.20 31.29
CA GLU D 308 43.82 4.53 32.32
C GLU D 308 45.21 4.83 31.75
N THR D 309 45.33 4.81 30.41
CA THR D 309 46.60 5.09 29.73
C THR D 309 46.58 6.45 29.00
N GLY D 310 45.75 7.37 29.49
CA GLY D 310 45.67 8.73 28.93
C GLY D 310 44.99 8.85 27.57
N GLY D 311 44.24 7.82 27.17
CA GLY D 311 43.57 7.78 25.87
C GLY D 311 44.12 6.69 24.96
N PRO D 312 43.56 6.57 23.74
CA PRO D 312 43.98 5.50 22.82
C PRO D 312 45.41 5.73 22.32
N GLY D 313 46.32 4.83 22.70
CA GLY D 313 47.75 5.02 22.44
C GLY D 313 48.42 5.75 23.59
N GLY D 314 47.91 6.94 23.92
CA GLY D 314 48.40 7.74 25.03
C GLY D 314 49.14 8.98 24.55
N THR D 323 40.79 13.66 32.66
CA THR D 323 39.54 13.17 32.09
C THR D 323 39.29 11.68 32.39
N VAL D 324 39.87 11.15 33.47
CA VAL D 324 39.75 9.71 33.79
C VAL D 324 38.28 9.31 34.02
N ALA D 325 37.56 10.14 34.79
CA ALA D 325 36.13 9.91 35.07
C ALA D 325 35.28 10.05 33.81
N ASP D 326 35.67 10.97 32.94
CA ASP D 326 34.98 11.17 31.66
C ASP D 326 35.09 9.94 30.77
N TYR D 327 36.23 9.26 30.82
CA TYR D 327 36.44 8.03 30.06
C TYR D 327 35.59 6.88 30.58
N LEU D 328 35.42 6.83 31.89
CA LEU D 328 34.53 5.83 32.50
C LEU D 328 33.09 6.07 32.09
N LYS D 329 32.69 7.34 31.99
CA LYS D 329 31.35 7.70 31.55
C LYS D 329 31.15 7.31 30.09
N PHE D 330 32.14 7.62 29.26
CA PHE D 330 32.06 7.30 27.83
C PHE D 330 31.96 5.79 27.63
N LYS D 331 32.84 5.06 28.33
CA LYS D 331 32.87 3.60 28.28
C LYS D 331 31.52 2.98 28.65
N ASP D 332 30.93 3.46 29.74
CA ASP D 332 29.62 2.97 30.16
C ASP D 332 28.57 3.19 29.06
N LEU D 333 28.58 4.35 28.43
CA LEU D 333 27.60 4.66 27.39
C LEU D 333 27.76 3.71 26.20
N ILE D 334 28.99 3.54 25.73
CA ILE D 334 29.25 2.64 24.61
C ILE D 334 28.76 1.23 24.93
N LEU D 335 29.06 0.74 26.12
CA LEU D 335 28.61 -0.60 26.50
C LEU D 335 27.09 -0.72 26.54
N ARG D 336 26.41 0.36 26.95
CA ARG D 336 24.95 0.40 26.90
C ARG D 336 24.41 0.47 25.47
N MET D 337 25.23 0.96 24.54
CA MET D 337 24.90 0.94 23.13
C MET D 337 25.18 -0.42 22.49
N LEU D 338 26.12 -1.18 23.04
CA LEU D 338 26.48 -2.48 22.49
C LEU D 338 25.95 -3.64 23.33
N ASP D 339 24.89 -3.37 24.08
CA ASP D 339 24.14 -4.41 24.76
C ASP D 339 23.69 -5.42 23.70
N TYR D 340 24.01 -6.69 23.92
CA TYR D 340 23.62 -7.75 23.01
C TYR D 340 22.11 -7.87 22.84
N ASP D 341 21.35 -7.48 23.86
CA ASP D 341 19.89 -7.59 23.84
C ASP D 341 19.26 -6.26 23.42
N PRO D 342 18.59 -6.25 22.26
CA PRO D 342 18.00 -5.00 21.75
C PRO D 342 16.86 -4.44 22.59
N LYS D 343 16.22 -5.26 23.41
CA LYS D 343 15.17 -4.80 24.30
C LYS D 343 15.74 -3.89 25.40
N THR D 344 16.91 -4.25 25.94
CA THR D 344 17.52 -3.51 27.03
C THR D 344 18.58 -2.53 26.57
N ARG D 345 19.01 -2.66 25.31
CA ARG D 345 19.96 -1.70 24.71
C ARG D 345 19.43 -0.29 24.94
N ILE D 346 20.30 0.60 25.34
CA ILE D 346 19.88 1.96 25.70
C ILE D 346 19.16 2.63 24.53
N GLN D 347 18.09 3.35 24.86
CA GLN D 347 17.32 4.08 23.87
C GLN D 347 17.73 5.56 23.84
N PRO D 348 17.42 6.26 22.73
CA PRO D 348 17.80 7.66 22.54
C PRO D 348 17.54 8.56 23.75
N TYR D 349 16.31 8.52 24.26
CA TYR D 349 15.90 9.40 25.36
C TYR D 349 16.82 9.25 26.58
N TYR D 350 17.14 8.01 26.93
CA TYR D 350 17.97 7.72 28.10
C TYR D 350 19.44 8.00 27.84
N ALA D 351 19.90 7.76 26.62
CA ALA D 351 21.26 8.07 26.23
C ALA D 351 21.52 9.57 26.41
N LEU D 352 20.61 10.39 25.89
CA LEU D 352 20.70 11.85 26.05
C LEU D 352 20.73 12.30 27.53
N GLN D 353 20.28 11.44 28.45
CA GLN D 353 20.35 11.74 29.88
C GLN D 353 21.48 11.01 30.61
N HIS D 354 22.38 10.38 29.85
CA HIS D 354 23.56 9.71 30.42
C HIS D 354 24.52 10.78 30.94
N SER D 355 25.31 10.42 31.96
CA SER D 355 26.22 11.37 32.60
C SER D 355 27.42 11.78 31.72
N PHE D 356 27.65 11.04 30.63
CA PHE D 356 28.67 11.41 29.64
C PHE D 356 28.41 12.77 29.01
N PHE D 357 27.15 13.20 29.01
CA PHE D 357 26.78 14.51 28.49
C PHE D 357 26.74 15.60 29.59
N LYS D 358 27.43 15.33 30.70
CA LYS D 358 27.65 16.32 31.77
C LYS D 358 26.36 16.98 32.23
OAD 2K2 E . -17.32 -20.15 14.89
CAX 2K2 E . -16.89 -19.02 14.65
NAU 2K2 E . -15.87 -18.86 13.83
CAS 2K2 E . -15.66 -17.42 13.75
CBA 2K2 E . -16.65 -16.84 14.55
CBB 2K2 E . -17.40 -17.84 15.09
CBH 2K2 E . -18.43 -17.48 15.91
CBC 2K2 E . -19.36 -18.16 16.60
CAO 2K2 E . -19.63 -19.46 16.74
CAI 2K2 E . -20.68 -19.93 17.54
CAK 2K2 E . -21.48 -19.02 18.20
CAQ 2K2 E . -21.19 -17.68 18.03
CBE 2K2 E . -20.16 -17.28 17.25
NBM 2K2 E . -19.39 -12.49 20.22
CBI 2K2 E . -18.67 -16.16 16.14
CBJ 2K2 E . -17.91 -15.19 15.59
CBG 2K2 E . -16.90 -15.54 14.79
CBD 2K2 E . -16.30 -14.39 14.39
CAP 2K2 E . -15.25 -14.18 13.60
CAJ 2K2 E . -14.78 -12.90 13.33
CAL 2K2 E . -15.45 -11.84 13.90
CAR 2K2 E . -16.56 -12.10 14.70
CBF 2K2 E . -16.95 -13.35 14.94
NBN 2K2 E . -19.72 -16.06 16.97
CBQ 2K2 E . -18.95 -13.08 16.49
CBP 2K2 E . -18.42 -12.91 17.94
OAV 2K2 E . -17.52 -14.00 18.28
CAA 2K2 E . -16.13 -13.73 18.14
CAC 2K2 E . -19.34 -11.70 15.95
OAW 2K2 E . -20.17 -13.82 16.48
CBK 2K2 E . -20.40 -14.84 17.47
CAT 2K2 E . -20.12 -14.37 18.88
CAB 2K2 E . -18.22 -13.00 20.97
CAY 2K2 E . -20.32 -11.67 20.80
OAE 2K2 E . -21.32 -11.27 20.20
CAZ 2K2 E . -20.18 -11.36 22.15
CAM 2K2 E . -19.89 -10.06 22.57
CAG 2K2 E . -19.83 -9.78 23.93
CAF 2K2 E . -20.05 -10.79 24.88
CAH 2K2 E . -20.36 -12.08 24.46
CAN 2K2 E . -20.44 -12.36 23.10
NBO 2K2 E . -17.95 -13.85 15.67
CBL 2K2 E . -19.63 -12.93 18.83
OAD 2K2 F . -19.79 23.68 4.16
CAX 2K2 F . -19.44 22.50 4.03
NAU 2K2 F . -18.19 22.19 3.71
CAS 2K2 F . -18.13 20.74 3.70
CBA 2K2 F . -19.43 20.33 4.07
CBB 2K2 F . -20.21 21.41 4.25
CBH 2K2 F . -21.50 21.24 4.59
CBC 2K2 F . -22.52 22.08 4.85
CAO 2K2 F . -22.61 23.42 4.86
CAI 2K2 F . -23.80 24.07 5.17
CAK 2K2 F . -24.92 23.30 5.48
CAQ 2K2 F . -24.78 21.92 5.47
CBE 2K2 F . -23.61 21.34 5.16
NBM 2K2 F . -26.15 16.59 3.16
CBI 2K2 F . -21.97 19.98 4.74
CBJ 2K2 F . -21.19 18.91 4.55
CBG 2K2 F . -19.92 19.10 4.22
CBD 2K2 F . -19.35 17.89 4.08
CAP 2K2 F . -18.10 17.55 3.75
CAJ 2K2 F . -17.72 16.21 3.65
CAL 2K2 F . -18.69 15.25 3.92
CAR 2K2 F . -19.96 15.66 4.27
CBF 2K2 F . -20.29 16.95 4.33
NBN 2K2 F . -23.26 20.06 5.07
CBQ 2K2 F . -22.79 16.97 5.00
CBP 2K2 F . -23.68 16.78 3.73
OAV 2K2 F . -23.26 17.72 2.71
CAA 2K2 F . -22.30 17.22 1.78
CAC 2K2 F . -22.75 15.63 5.72
OAW 2K2 F . -23.44 17.87 5.91
CBK 2K2 F . -24.23 18.98 5.40
CAT 2K2 F . -25.21 18.57 4.28
CAB 2K2 F . -26.06 16.96 1.74
CAY 2K2 F . -27.22 15.87 3.62
OAE 2K2 F . -27.35 15.58 4.82
CAZ 2K2 F . -28.23 15.50 2.73
CAM 2K2 F . -28.35 14.17 2.32
CAG 2K2 F . -29.38 13.81 1.45
CAF 2K2 F . -30.30 14.77 1.00
CAH 2K2 F . -30.19 16.10 1.43
CAN 2K2 F . -29.16 16.45 2.30
NBO 2K2 F . -21.43 17.58 4.64
CBL 2K2 F . -25.12 17.07 4.12
OAD 2K2 G . 12.09 -20.71 -19.40
CAX 2K2 G . 11.97 -19.63 -18.82
NAU 2K2 G . 11.00 -19.44 -17.94
CAS 2K2 G . 11.15 -18.08 -17.49
CBA 2K2 G . 12.25 -17.56 -18.18
CBB 2K2 G . 12.75 -18.52 -18.99
CBH 2K2 G . 13.83 -18.26 -19.75
CBC 2K2 G . 14.56 -18.97 -20.64
CAO 2K2 G . 14.47 -20.24 -21.09
CAI 2K2 G . 15.37 -20.74 -22.03
CAK 2K2 G . 16.38 -19.92 -22.51
CAQ 2K2 G . 16.44 -18.63 -22.03
CBE 2K2 G . 15.55 -18.19 -21.12
NBM 2K2 G . 16.19 -12.74 -22.77
CBI 2K2 G . 14.38 -17.04 -19.69
CBJ 2K2 G . 13.89 -16.08 -18.90
CBG 2K2 G . 12.83 -16.33 -18.14
CBD 2K2 G . 12.53 -15.22 -17.45
CAP 2K2 G . 11.55 -14.96 -16.56
CAJ 2K2 G . 11.42 -13.71 -15.95
CAL 2K2 G . 12.33 -12.72 -16.30
CAR 2K2 G . 13.33 -13.04 -17.21
CBF 2K2 G . 13.42 -14.27 -17.78
NBN 2K2 G . 15.41 -17.00 -20.54
CBQ 2K2 G . 15.44 -14.12 -19.36
CBP 2K2 G . 15.02 -13.50 -20.71
OAV 2K2 G . 13.87 -14.20 -21.26
CAA 2K2 G . 12.61 -13.55 -21.16
CAC 2K2 G . 16.14 -13.06 -18.50
OAW 2K2 G . 16.45 -15.11 -19.59
CBK 2K2 G . 16.38 -15.92 -20.81
CAT 2K2 G . 16.18 -15.10 -22.06
CAB 2K2 G . 15.24 -12.96 -23.89
CAY 2K2 G . 17.09 -11.71 -22.81
OAE 2K2 G . 17.90 -11.47 -21.91
CAZ 2K2 G . 17.07 -10.86 -23.91
CAM 2K2 G . 17.72 -11.23 -25.09
CAG 2K2 G . 17.70 -10.36 -26.19
CAF 2K2 G . 17.05 -9.13 -26.10
CAH 2K2 G . 16.40 -8.76 -24.92
CAN 2K2 G . 16.41 -9.62 -23.82
NBO 2K2 G . 14.26 -14.80 -18.67
CBL 2K2 G . 16.19 -13.66 -21.63
OAD 2K2 H . 26.08 17.34 0.46
CAX 2K2 H . 25.38 16.36 0.21
NAU 2K2 H . 24.08 16.36 0.47
CAS 2K2 H . 23.61 15.03 0.13
CBA 2K2 H . 24.74 14.33 -0.31
CBB 2K2 H . 25.82 15.16 -0.26
CBH 2K2 H . 27.02 14.69 -0.65
CBC 2K2 H . 28.26 15.23 -0.72
CAO 2K2 H . 28.75 16.45 -0.44
CAI 2K2 H . 30.10 16.76 -0.60
CAK 2K2 H . 30.95 15.77 -1.08
CAQ 2K2 H . 30.42 14.53 -1.37
CBE 2K2 H . 29.11 14.28 -1.19
NBM 2K2 H . 30.14 8.82 -0.26
CBI 2K2 H . 27.12 13.41 -1.08
CBJ 2K2 H . 26.05 12.60 -1.12
CBG 2K2 H . 24.87 13.07 -0.74
CBD 2K2 H . 23.98 12.07 -0.87
CAP 2K2 H . 22.65 12.04 -0.61
CAJ 2K2 H . 21.91 10.87 -0.82
CAL 2K2 H . 22.57 9.75 -1.28
CAR 2K2 H . 23.94 9.85 -1.55
CBF 2K2 H . 24.62 10.99 -1.33
NBN 2K2 H . 28.39 13.17 -1.39
CBQ 2K2 H . 27.08 10.43 -1.99
CBP 2K2 H . 27.79 9.75 -0.78
OAV 2K2 H . 27.57 10.55 0.40
CAA 2K2 H . 26.53 10.11 1.27
CAC 2K2 H . 26.66 9.32 -2.97
OAW 2K2 H . 28.01 11.25 -2.69
CBK 2K2 H . 29.02 11.96 -1.95
CAT 2K2 H . 29.80 11.11 -0.97
CAB 2K2 H . 30.05 8.89 1.21
CAY 2K2 H . 31.08 8.03 -0.86
OAE 2K2 H . 31.20 7.98 -2.09
CAZ 2K2 H . 31.94 7.23 -0.09
CAM 2K2 H . 31.67 5.88 0.12
CAG 2K2 H . 32.54 5.09 0.87
CAF 2K2 H . 33.70 5.66 1.43
CAH 2K2 H . 33.98 7.02 1.22
CAN 2K2 H . 33.10 7.79 0.46
NBO 2K2 H . 25.92 11.32 -1.50
CBL 2K2 H . 29.29 9.70 -1.10
#